data_2M0C
#
_entry.id   2M0C
#
_entity_poly.entity_id   1
_entity_poly.type   'polypeptide(L)'
_entity_poly.pdbx_seq_one_letter_code
;SHMSNKGKKRRNRTTFTSYQLEELEKVFQKTHYPDVYAREQLAMRTDLTEARVQVWFQNRRAKWRKRERFGQMQQ
;
_entity_poly.pdbx_strand_id   A
#
# COMPACT_ATOMS: atom_id res chain seq x y z
N SER A 1 13.00 8.84 -4.14
CA SER A 1 12.36 9.84 -3.25
C SER A 1 13.38 10.93 -2.86
N HIS A 2 13.36 12.06 -3.60
CA HIS A 2 14.31 13.19 -3.41
C HIS A 2 13.65 14.52 -3.88
N MET A 3 12.94 15.18 -2.94
CA MET A 3 12.13 16.40 -3.20
C MET A 3 11.05 16.15 -4.30
N SER A 4 10.53 14.92 -4.30
CA SER A 4 9.59 14.42 -5.33
C SER A 4 8.11 14.76 -4.99
N ASN A 5 7.20 14.35 -5.89
CA ASN A 5 5.72 14.41 -5.71
C ASN A 5 5.20 15.86 -5.52
N LYS A 6 5.76 16.78 -6.32
CA LYS A 6 5.38 18.22 -6.32
C LYS A 6 4.15 18.50 -7.22
N GLY A 7 3.68 17.46 -7.94
CA GLY A 7 2.44 17.54 -8.73
C GLY A 7 1.19 17.49 -7.84
N LYS A 8 0.62 18.67 -7.54
CA LYS A 8 -0.56 18.81 -6.64
C LYS A 8 -1.83 18.17 -7.25
N LYS A 9 -2.24 17.00 -6.69
CA LYS A 9 -3.44 16.28 -7.13
C LYS A 9 -4.73 16.89 -6.54
N ARG A 10 -5.59 17.46 -7.41
CA ARG A 10 -6.95 17.91 -7.04
C ARG A 10 -7.97 16.75 -7.14
N ARG A 11 -7.65 15.75 -7.98
CA ARG A 11 -8.47 14.53 -8.14
C ARG A 11 -8.25 13.55 -6.96
N ASN A 12 -9.18 13.62 -5.98
CA ASN A 12 -9.27 12.69 -4.83
C ASN A 12 -8.09 12.83 -3.83
N ARG A 13 -8.43 12.95 -2.52
CA ARG A 13 -7.46 13.02 -1.41
C ARG A 13 -6.69 11.69 -1.25
N THR A 14 -7.40 10.64 -0.82
CA THR A 14 -6.84 9.28 -0.62
C THR A 14 -7.40 8.34 -1.70
N THR A 15 -6.48 7.78 -2.54
CA THR A 15 -6.83 6.84 -3.63
C THR A 15 -7.59 5.58 -3.11
N PHE A 16 -7.28 5.20 -1.85
CA PHE A 16 -7.89 4.03 -1.17
C PHE A 16 -8.92 4.49 -0.09
N THR A 17 -9.73 3.54 0.42
CA THR A 17 -10.67 3.79 1.55
C THR A 17 -10.38 2.80 2.71
N SER A 18 -11.14 2.94 3.83
CA SER A 18 -10.96 2.11 5.06
C SER A 18 -11.00 0.59 4.77
N TYR A 19 -12.08 0.12 4.10
CA TYR A 19 -12.26 -1.32 3.77
C TYR A 19 -11.13 -1.86 2.86
N GLN A 20 -10.72 -1.06 1.84
CA GLN A 20 -9.63 -1.44 0.91
C GLN A 20 -8.31 -1.64 1.68
N LEU A 21 -7.97 -0.69 2.57
CA LEU A 21 -6.75 -0.75 3.41
C LEU A 21 -6.84 -1.86 4.47
N GLU A 22 -8.07 -2.25 4.89
CA GLU A 22 -8.27 -3.45 5.75
C GLU A 22 -7.76 -4.72 5.02
N GLU A 23 -8.31 -4.97 3.83
CA GLU A 23 -8.00 -6.16 3.02
C GLU A 23 -6.52 -6.20 2.57
N LEU A 24 -6.02 -5.04 2.09
CA LEU A 24 -4.61 -4.88 1.63
C LEU A 24 -3.60 -5.20 2.76
N GLU A 25 -3.81 -4.60 3.96
CA GLU A 25 -2.96 -4.85 5.15
C GLU A 25 -3.05 -6.32 5.64
N LYS A 26 -4.26 -6.90 5.64
CA LYS A 26 -4.49 -8.31 6.07
C LYS A 26 -3.68 -9.31 5.20
N VAL A 27 -3.68 -9.09 3.87
CA VAL A 27 -2.85 -9.86 2.94
C VAL A 27 -1.35 -9.60 3.19
N PHE A 28 -0.98 -8.31 3.42
CA PHE A 28 0.43 -7.87 3.64
C PHE A 28 1.06 -8.47 4.94
N GLN A 29 0.26 -8.58 6.01
CA GLN A 29 0.74 -9.04 7.33
C GLN A 29 0.77 -10.60 7.41
N LYS A 30 -0.04 -11.27 6.57
CA LYS A 30 -0.01 -12.75 6.43
C LYS A 30 1.07 -13.18 5.38
N THR A 31 1.31 -12.32 4.38
CA THR A 31 2.35 -12.51 3.34
C THR A 31 2.69 -11.16 2.67
N HIS A 32 3.99 -10.78 2.72
CA HIS A 32 4.47 -9.52 2.09
C HIS A 32 4.55 -9.63 0.55
N TYR A 33 4.32 -10.85 0.03
CA TYR A 33 4.37 -11.16 -1.42
C TYR A 33 3.06 -11.89 -1.88
N PRO A 34 2.04 -11.15 -2.41
CA PRO A 34 0.83 -11.76 -3.00
C PRO A 34 1.11 -12.31 -4.44
N ASP A 35 0.86 -13.61 -4.65
CA ASP A 35 1.02 -14.27 -5.98
C ASP A 35 -0.07 -13.81 -6.98
N VAL A 36 0.04 -14.22 -8.27
CA VAL A 36 -0.88 -13.77 -9.35
C VAL A 36 -2.38 -14.02 -9.02
N TYR A 37 -2.67 -15.17 -8.38
CA TYR A 37 -4.04 -15.56 -7.99
C TYR A 37 -4.52 -14.72 -6.79
N ALA A 38 -3.61 -14.51 -5.81
CA ALA A 38 -3.87 -13.66 -4.62
C ALA A 38 -4.12 -12.18 -4.99
N ARG A 39 -3.50 -11.73 -6.10
CA ARG A 39 -3.71 -10.38 -6.68
C ARG A 39 -5.19 -10.22 -7.14
N GLU A 40 -5.68 -11.24 -7.88
CA GLU A 40 -7.05 -11.26 -8.46
C GLU A 40 -8.13 -11.34 -7.35
N GLN A 41 -7.93 -12.25 -6.38
CA GLN A 41 -8.85 -12.45 -5.23
C GLN A 41 -8.96 -11.17 -4.37
N LEU A 42 -7.82 -10.52 -4.13
CA LEU A 42 -7.75 -9.24 -3.40
C LEU A 42 -8.42 -8.10 -4.20
N ALA A 43 -8.22 -8.10 -5.54
CA ALA A 43 -8.76 -7.07 -6.46
C ALA A 43 -10.31 -7.01 -6.46
N MET A 44 -10.97 -8.18 -6.66
CA MET A 44 -12.46 -8.28 -6.69
C MET A 44 -13.11 -7.87 -5.34
N ARG A 45 -12.42 -8.14 -4.22
CA ARG A 45 -12.89 -7.81 -2.85
C ARG A 45 -12.73 -6.30 -2.55
N THR A 46 -11.60 -5.70 -2.99
CA THR A 46 -11.29 -4.28 -2.71
C THR A 46 -11.91 -3.30 -3.72
N ASP A 47 -12.46 -3.83 -4.86
CA ASP A 47 -13.03 -3.00 -5.96
C ASP A 47 -11.89 -2.27 -6.77
N LEU A 48 -10.63 -2.63 -6.49
CA LEU A 48 -9.43 -2.10 -7.18
C LEU A 48 -8.98 -3.07 -8.29
N THR A 49 -8.20 -2.57 -9.27
CA THR A 49 -7.55 -3.43 -10.27
C THR A 49 -6.18 -3.92 -9.77
N GLU A 50 -5.60 -4.90 -10.49
CA GLU A 50 -4.29 -5.50 -10.17
C GLU A 50 -3.19 -4.40 -10.19
N ALA A 51 -3.33 -3.42 -11.11
CA ALA A 51 -2.44 -2.25 -11.23
C ALA A 51 -2.34 -1.45 -9.90
N ARG A 52 -3.49 -1.27 -9.22
CA ARG A 52 -3.57 -0.54 -7.93
C ARG A 52 -3.01 -1.39 -6.76
N VAL A 53 -3.13 -2.73 -6.89
CA VAL A 53 -2.53 -3.70 -5.95
C VAL A 53 -0.96 -3.69 -6.08
N GLN A 54 -0.46 -3.46 -7.33
CA GLN A 54 0.99 -3.29 -7.59
C GLN A 54 1.52 -2.03 -6.86
N VAL A 55 0.86 -0.87 -7.11
CA VAL A 55 1.28 0.43 -6.55
C VAL A 55 1.33 0.41 -5.01
N TRP A 56 0.29 -0.18 -4.37
CA TRP A 56 0.20 -0.26 -2.90
C TRP A 56 1.36 -1.11 -2.31
N PHE A 57 1.47 -2.39 -2.75
CA PHE A 57 2.47 -3.35 -2.20
C PHE A 57 3.94 -2.94 -2.46
N GLN A 58 4.25 -2.38 -3.65
CA GLN A 58 5.63 -1.94 -3.99
C GLN A 58 6.06 -0.71 -3.15
N ASN A 59 5.10 0.21 -2.91
CA ASN A 59 5.33 1.40 -2.07
C ASN A 59 5.42 1.01 -0.57
N ARG A 60 4.56 0.05 -0.16
CA ARG A 60 4.40 -0.40 1.23
C ARG A 60 5.65 -1.19 1.72
N ARG A 61 6.16 -2.09 0.86
CA ARG A 61 7.40 -2.88 1.13
C ARG A 61 8.65 -1.97 1.14
N ALA A 62 8.59 -0.81 0.45
CA ALA A 62 9.68 0.18 0.42
C ALA A 62 9.93 0.79 1.83
N LYS A 63 8.82 1.17 2.55
CA LYS A 63 8.90 1.61 3.97
C LYS A 63 9.36 0.43 4.88
N TRP A 64 8.77 -0.75 4.60
CA TRP A 64 9.03 -2.01 5.33
C TRP A 64 10.53 -2.44 5.24
N ARG A 65 11.23 -2.01 4.16
CA ARG A 65 12.69 -2.27 3.98
C ARG A 65 13.56 -1.63 5.08
N LYS A 66 13.18 -0.43 5.57
CA LYS A 66 13.93 0.26 6.65
C LYS A 66 13.60 -0.35 8.03
N ARG A 67 14.39 -1.38 8.42
CA ARG A 67 14.35 -1.96 9.77
C ARG A 67 14.99 -0.98 10.79
N GLU A 68 14.13 -0.32 11.60
CA GLU A 68 14.55 0.80 12.47
C GLU A 68 15.08 0.31 13.84
N ARG A 69 14.30 -0.57 14.52
CA ARG A 69 14.60 -1.07 15.89
C ARG A 69 14.63 0.11 16.91
N PHE A 70 13.63 1.01 16.77
CA PHE A 70 13.53 2.25 17.57
C PHE A 70 13.04 1.98 19.01
N GLY A 71 12.11 1.01 19.17
CA GLY A 71 11.54 0.67 20.48
C GLY A 71 10.71 -0.60 20.51
N GLN A 72 10.08 -0.86 21.66
CA GLN A 72 9.31 -2.10 21.93
C GLN A 72 7.91 -2.11 21.27
N MET A 73 7.40 -0.92 20.88
CA MET A 73 6.15 -0.80 20.11
C MET A 73 6.45 -0.85 18.58
N GLN A 74 6.53 -2.09 18.04
CA GLN A 74 6.91 -2.40 16.64
C GLN A 74 8.31 -1.82 16.28
N GLN A 75 9.35 -2.68 16.28
CA GLN A 75 10.78 -2.29 16.10
C GLN A 75 11.02 -1.28 14.92
N SER A 1 -19.66 -1.54 11.79
CA SER A 1 -18.58 -0.57 12.10
C SER A 1 -17.25 -1.30 12.39
N HIS A 2 -16.16 -0.88 11.70
CA HIS A 2 -14.80 -1.43 11.94
C HIS A 2 -14.08 -0.59 13.02
N MET A 3 -13.62 -1.27 14.10
CA MET A 3 -12.96 -0.61 15.26
C MET A 3 -11.47 -0.29 14.96
N SER A 4 -10.91 0.69 15.72
CA SER A 4 -9.51 1.16 15.55
C SER A 4 -8.80 1.32 16.91
N ASN A 5 -7.46 1.40 16.87
CA ASN A 5 -6.61 1.61 18.06
C ASN A 5 -6.77 3.07 18.58
N LYS A 6 -6.83 3.23 19.92
CA LYS A 6 -7.09 4.53 20.58
C LYS A 6 -5.89 5.50 20.40
N GLY A 7 -6.15 6.66 19.76
CA GLY A 7 -5.10 7.64 19.43
C GLY A 7 -4.57 7.49 18.00
N LYS A 8 -4.59 6.25 17.46
CA LYS A 8 -4.15 5.95 16.09
C LYS A 8 -5.27 6.29 15.08
N LYS A 9 -5.18 7.51 14.50
CA LYS A 9 -6.20 8.07 13.58
C LYS A 9 -5.75 7.97 12.09
N ARG A 10 -4.85 7.01 11.80
CA ARG A 10 -4.26 6.85 10.45
C ARG A 10 -5.31 6.29 9.46
N ARG A 11 -6.06 7.20 8.79
CA ARG A 11 -7.02 6.87 7.71
C ARG A 11 -6.93 7.93 6.59
N ASN A 12 -6.72 7.48 5.34
CA ASN A 12 -6.57 8.37 4.16
C ASN A 12 -7.85 8.35 3.30
N ARG A 13 -8.60 9.47 3.31
CA ARG A 13 -9.85 9.63 2.52
C ARG A 13 -9.58 10.12 1.07
N THR A 14 -8.30 10.46 0.77
CA THR A 14 -7.88 11.02 -0.54
C THR A 14 -7.68 9.91 -1.60
N THR A 15 -6.80 8.95 -1.29
CA THR A 15 -6.55 7.75 -2.12
C THR A 15 -6.71 6.49 -1.24
N PHE A 16 -7.42 5.46 -1.77
CA PHE A 16 -7.87 4.26 -1.02
C PHE A 16 -8.92 4.62 0.07
N THR A 17 -9.65 3.61 0.58
CA THR A 17 -10.57 3.76 1.72
C THR A 17 -10.06 2.95 2.94
N SER A 18 -10.70 3.15 4.10
CA SER A 18 -10.38 2.39 5.33
C SER A 18 -10.60 0.87 5.12
N TYR A 19 -11.76 0.50 4.52
CA TYR A 19 -12.09 -0.89 4.15
C TYR A 19 -11.01 -1.53 3.21
N GLN A 20 -10.67 -0.80 2.12
CA GLN A 20 -9.68 -1.27 1.12
C GLN A 20 -8.32 -1.54 1.78
N LEU A 21 -7.84 -0.57 2.59
CA LEU A 21 -6.56 -0.69 3.34
C LEU A 21 -6.56 -1.89 4.31
N GLU A 22 -7.75 -2.23 4.88
CA GLU A 22 -7.89 -3.42 5.76
C GLU A 22 -7.65 -4.72 4.98
N GLU A 23 -8.36 -4.89 3.84
CA GLU A 23 -8.24 -6.08 2.97
C GLU A 23 -6.81 -6.26 2.42
N LEU A 24 -6.23 -5.15 1.94
CA LEU A 24 -4.84 -5.07 1.43
C LEU A 24 -3.82 -5.51 2.51
N GLU A 25 -3.99 -4.97 3.75
CA GLU A 25 -3.18 -5.31 4.94
C GLU A 25 -3.35 -6.79 5.35
N LYS A 26 -4.57 -7.33 5.23
CA LYS A 26 -4.86 -8.75 5.57
C LYS A 26 -3.98 -9.73 4.75
N VAL A 27 -3.71 -9.38 3.48
CA VAL A 27 -2.81 -10.16 2.61
C VAL A 27 -1.33 -9.84 2.91
N PHE A 28 -1.01 -8.55 3.17
CA PHE A 28 0.36 -8.06 3.44
C PHE A 28 0.99 -8.66 4.73
N GLN A 29 0.16 -8.78 5.77
CA GLN A 29 0.58 -9.31 7.09
C GLN A 29 0.79 -10.84 7.04
N LYS A 30 0.05 -11.54 6.15
CA LYS A 30 0.26 -12.99 5.91
C LYS A 30 1.56 -13.22 5.09
N THR A 31 1.71 -12.44 4.00
CA THR A 31 2.88 -12.51 3.10
C THR A 31 3.19 -11.13 2.47
N HIS A 32 4.48 -10.78 2.45
CA HIS A 32 4.98 -9.55 1.81
C HIS A 32 5.16 -9.75 0.28
N TYR A 33 5.05 -11.02 -0.17
CA TYR A 33 5.15 -11.40 -1.59
C TYR A 33 3.83 -12.07 -2.04
N PRO A 34 2.81 -11.26 -2.50
CA PRO A 34 1.49 -11.80 -2.92
C PRO A 34 1.53 -12.47 -4.33
N ASP A 35 0.91 -13.65 -4.44
CA ASP A 35 0.77 -14.37 -5.73
C ASP A 35 -0.15 -13.60 -6.71
N VAL A 36 -0.04 -13.90 -8.01
CA VAL A 36 -0.92 -13.30 -9.05
C VAL A 36 -2.42 -13.60 -8.77
N TYR A 37 -2.69 -14.80 -8.21
CA TYR A 37 -4.05 -15.24 -7.82
C TYR A 37 -4.54 -14.49 -6.56
N ALA A 38 -3.59 -14.21 -5.63
CA ALA A 38 -3.85 -13.38 -4.42
C ALA A 38 -4.24 -11.93 -4.80
N ARG A 39 -3.57 -11.39 -5.84
CA ARG A 39 -3.83 -10.03 -6.40
C ARG A 39 -5.26 -9.95 -7.00
N GLU A 40 -5.67 -11.05 -7.69
CA GLU A 40 -7.03 -11.17 -8.30
C GLU A 40 -8.14 -11.14 -7.24
N GLN A 41 -8.09 -12.07 -6.26
CA GLN A 41 -9.08 -12.19 -5.16
C GLN A 41 -9.20 -10.87 -4.36
N LEU A 42 -8.04 -10.26 -4.09
CA LEU A 42 -7.92 -8.99 -3.34
C LEU A 42 -8.53 -7.80 -4.13
N ALA A 43 -8.29 -7.77 -5.45
CA ALA A 43 -8.84 -6.73 -6.36
C ALA A 43 -10.39 -6.82 -6.44
N MET A 44 -10.92 -8.05 -6.31
CA MET A 44 -12.39 -8.30 -6.25
C MET A 44 -12.98 -7.79 -4.91
N ARG A 45 -12.24 -7.99 -3.80
CA ARG A 45 -12.63 -7.53 -2.44
C ARG A 45 -12.66 -5.98 -2.36
N THR A 46 -11.63 -5.34 -2.91
CA THR A 46 -11.40 -3.89 -2.79
C THR A 46 -11.98 -3.09 -3.98
N ASP A 47 -12.43 -3.80 -5.05
CA ASP A 47 -12.93 -3.19 -6.32
C ASP A 47 -11.82 -2.38 -7.06
N LEU A 48 -10.55 -2.66 -6.75
CA LEU A 48 -9.39 -2.01 -7.39
C LEU A 48 -8.90 -2.84 -8.60
N THR A 49 -7.93 -2.29 -9.34
CA THR A 49 -7.24 -3.04 -10.43
C THR A 49 -6.03 -3.80 -9.87
N GLU A 50 -5.66 -4.91 -10.54
CA GLU A 50 -4.46 -5.72 -10.22
C GLU A 50 -3.17 -4.84 -10.26
N ALA A 51 -3.17 -3.86 -11.19
CA ALA A 51 -2.10 -2.83 -11.28
C ALA A 51 -1.98 -2.01 -9.97
N ARG A 52 -3.12 -1.50 -9.46
CA ARG A 52 -3.15 -0.69 -8.21
C ARG A 52 -2.83 -1.54 -6.95
N VAL A 53 -3.19 -2.83 -6.97
CA VAL A 53 -2.81 -3.80 -5.91
C VAL A 53 -1.26 -3.90 -5.81
N GLN A 54 -0.60 -4.04 -6.98
CA GLN A 54 0.88 -4.04 -7.09
C GLN A 54 1.52 -2.71 -6.66
N VAL A 55 0.91 -1.56 -7.05
CA VAL A 55 1.39 -0.22 -6.62
C VAL A 55 1.37 -0.09 -5.09
N TRP A 56 0.27 -0.56 -4.48
CA TRP A 56 0.10 -0.55 -3.01
C TRP A 56 1.22 -1.38 -2.34
N PHE A 57 1.37 -2.65 -2.75
CA PHE A 57 2.34 -3.60 -2.14
C PHE A 57 3.81 -3.13 -2.26
N GLN A 58 4.24 -2.68 -3.43
CA GLN A 58 5.65 -2.25 -3.66
C GLN A 58 5.99 -0.94 -2.89
N ASN A 59 5.01 -0.01 -2.86
CA ASN A 59 5.10 1.25 -2.07
C ASN A 59 5.06 0.95 -0.54
N ARG A 60 4.25 -0.05 -0.16
CA ARG A 60 4.06 -0.48 1.24
C ARG A 60 5.33 -1.18 1.78
N ARG A 61 5.95 -2.01 0.92
CA ARG A 61 7.22 -2.73 1.22
C ARG A 61 8.42 -1.76 1.31
N ALA A 62 8.42 -0.73 0.44
CA ALA A 62 9.43 0.35 0.46
C ALA A 62 9.43 1.09 1.84
N LYS A 63 8.22 1.46 2.29
CA LYS A 63 8.00 2.11 3.60
C LYS A 63 8.13 1.13 4.78
N TRP A 64 7.92 -0.17 4.53
CA TRP A 64 8.10 -1.24 5.55
C TRP A 64 9.60 -1.54 5.77
N ARG A 65 10.42 -1.29 4.73
CA ARG A 65 11.89 -1.42 4.78
C ARG A 65 12.58 -0.16 5.37
N LYS A 66 11.80 0.79 5.90
CA LYS A 66 12.32 2.03 6.53
C LYS A 66 13.10 1.67 7.83
N ARG A 67 14.43 1.87 7.79
CA ARG A 67 15.34 1.61 8.93
C ARG A 67 15.37 2.84 9.90
N GLU A 68 15.66 2.57 11.21
CA GLU A 68 15.74 3.60 12.29
C GLU A 68 14.35 4.13 12.71
N ARG A 69 13.81 3.58 13.82
CA ARG A 69 12.55 4.03 14.45
C ARG A 69 12.87 4.66 15.82
N PHE A 70 12.68 6.00 15.94
CA PHE A 70 13.07 6.76 17.15
C PHE A 70 12.06 7.92 17.41
N GLY A 71 11.44 7.91 18.61
CA GLY A 71 10.45 8.94 19.02
C GLY A 71 9.18 8.96 18.14
N GLN A 72 9.29 9.68 16.99
CA GLN A 72 8.24 9.82 15.96
C GLN A 72 7.04 10.65 16.49
N MET A 73 6.10 9.97 17.20
CA MET A 73 4.89 10.60 17.80
C MET A 73 4.09 11.44 16.74
N GLN A 74 4.09 10.93 15.49
CA GLN A 74 3.52 11.63 14.31
C GLN A 74 1.97 11.60 14.33
N GLN A 75 1.39 12.56 15.06
CA GLN A 75 -0.07 12.75 15.21
C GLN A 75 -0.34 14.16 15.83
N SER A 1 10.51 -0.41 19.00
CA SER A 1 9.49 0.67 18.78
C SER A 1 9.00 0.67 17.31
N HIS A 2 7.86 -0.03 17.06
CA HIS A 2 7.16 -0.02 15.74
C HIS A 2 5.74 -0.64 15.86
N MET A 3 5.55 -1.56 16.85
CA MET A 3 4.25 -2.24 17.09
C MET A 3 3.17 -1.20 17.51
N SER A 4 3.52 -0.34 18.47
CA SER A 4 2.71 0.83 18.86
C SER A 4 3.48 2.13 18.50
N ASN A 5 2.77 3.13 17.94
CA ASN A 5 3.35 4.45 17.59
C ASN A 5 2.97 5.52 18.65
N LYS A 6 1.66 5.59 18.99
CA LYS A 6 1.09 6.48 20.04
C LYS A 6 1.20 8.01 19.69
N GLY A 7 0.15 8.78 20.01
CA GLY A 7 0.16 10.25 19.87
C GLY A 7 -0.39 10.73 18.53
N LYS A 8 0.22 11.80 17.97
CA LYS A 8 -0.23 12.43 16.70
C LYS A 8 0.12 11.57 15.46
N LYS A 9 -0.77 11.61 14.47
CA LYS A 9 -0.63 10.89 13.19
C LYS A 9 -1.43 11.61 12.09
N ARG A 10 -0.88 11.67 10.87
CA ARG A 10 -1.57 12.27 9.70
C ARG A 10 -2.86 11.48 9.33
N ARG A 11 -4.00 11.98 9.84
CA ARG A 11 -5.35 11.39 9.64
C ARG A 11 -5.87 11.65 8.20
N ASN A 12 -5.36 12.71 7.56
CA ASN A 12 -5.79 13.12 6.19
C ASN A 12 -5.47 12.03 5.14
N ARG A 13 -6.50 11.65 4.37
CA ARG A 13 -6.41 10.61 3.32
C ARG A 13 -6.13 11.25 1.93
N THR A 14 -5.64 10.42 0.98
CA THR A 14 -5.47 10.83 -0.44
C THR A 14 -6.09 9.78 -1.38
N THR A 15 -5.46 8.60 -1.48
CA THR A 15 -5.91 7.49 -2.35
C THR A 15 -6.44 6.31 -1.48
N PHE A 16 -7.30 5.45 -2.07
CA PHE A 16 -7.96 4.30 -1.38
C PHE A 16 -8.97 4.77 -0.29
N THR A 17 -9.60 3.82 0.41
CA THR A 17 -10.55 4.12 1.52
C THR A 17 -10.39 3.12 2.70
N SER A 18 -11.10 3.37 3.80
CA SER A 18 -11.04 2.55 5.05
C SER A 18 -11.26 1.04 4.78
N TYR A 19 -12.30 0.72 4.00
CA TYR A 19 -12.62 -0.67 3.60
C TYR A 19 -11.49 -1.34 2.80
N GLN A 20 -11.03 -0.66 1.72
CA GLN A 20 -9.97 -1.17 0.83
C GLN A 20 -8.67 -1.46 1.61
N LEU A 21 -8.22 -0.48 2.41
CA LEU A 21 -7.02 -0.61 3.27
C LEU A 21 -7.17 -1.77 4.28
N GLU A 22 -8.36 -1.92 4.88
CA GLU A 22 -8.66 -2.99 5.87
C GLU A 22 -8.44 -4.40 5.27
N GLU A 23 -8.75 -4.56 3.97
CA GLU A 23 -8.56 -5.82 3.22
C GLU A 23 -7.09 -6.00 2.73
N LEU A 24 -6.46 -4.88 2.29
CA LEU A 24 -5.06 -4.86 1.77
C LEU A 24 -4.05 -5.24 2.90
N GLU A 25 -4.27 -4.68 4.10
CA GLU A 25 -3.49 -4.95 5.33
C GLU A 25 -3.41 -6.47 5.64
N LYS A 26 -4.59 -7.15 5.57
CA LYS A 26 -4.72 -8.63 5.80
C LYS A 26 -3.68 -9.42 4.97
N VAL A 27 -3.72 -9.18 3.66
CA VAL A 27 -2.90 -9.93 2.67
C VAL A 27 -1.38 -9.62 2.83
N PHE A 28 -1.03 -8.38 3.25
CA PHE A 28 0.38 -7.99 3.52
C PHE A 28 0.95 -8.73 4.76
N GLN A 29 0.08 -8.95 5.77
CA GLN A 29 0.44 -9.67 7.01
C GLN A 29 0.47 -11.20 6.79
N LYS A 30 -0.28 -11.70 5.79
CA LYS A 30 -0.27 -13.12 5.38
C LYS A 30 0.96 -13.43 4.49
N THR A 31 1.24 -12.51 3.55
CA THR A 31 2.37 -12.60 2.60
C THR A 31 2.74 -11.20 2.08
N HIS A 32 4.03 -10.84 2.18
CA HIS A 32 4.55 -9.55 1.68
C HIS A 32 4.58 -9.49 0.13
N TYR A 33 4.40 -10.66 -0.53
CA TYR A 33 4.38 -10.77 -2.01
C TYR A 33 3.20 -11.68 -2.48
N PRO A 34 2.01 -11.09 -2.79
CA PRO A 34 0.88 -11.83 -3.42
C PRO A 34 1.14 -12.14 -4.92
N ASP A 35 0.97 -13.42 -5.32
CA ASP A 35 1.00 -13.85 -6.74
C ASP A 35 -0.26 -13.33 -7.49
N VAL A 36 -0.26 -13.45 -8.83
CA VAL A 36 -1.34 -12.91 -9.71
C VAL A 36 -2.77 -13.39 -9.29
N TYR A 37 -2.84 -14.63 -8.75
CA TYR A 37 -4.11 -15.25 -8.30
C TYR A 37 -4.52 -14.74 -6.90
N ALA A 38 -3.51 -14.55 -6.02
CA ALA A 38 -3.71 -13.97 -4.67
C ALA A 38 -4.18 -12.49 -4.75
N ARG A 39 -3.70 -11.78 -5.79
CA ARG A 39 -4.13 -10.40 -6.08
C ARG A 39 -5.59 -10.37 -6.59
N GLU A 40 -5.99 -11.41 -7.36
CA GLU A 40 -7.40 -11.59 -7.85
C GLU A 40 -8.41 -11.73 -6.68
N GLN A 41 -8.06 -12.56 -5.69
CA GLN A 41 -8.89 -12.77 -4.46
C GLN A 41 -9.09 -11.42 -3.72
N LEU A 42 -7.98 -10.68 -3.59
CA LEU A 42 -7.93 -9.35 -2.94
C LEU A 42 -8.64 -8.26 -3.80
N ALA A 43 -8.58 -8.40 -5.13
CA ALA A 43 -9.25 -7.48 -6.08
C ALA A 43 -10.79 -7.67 -6.06
N MET A 44 -11.24 -8.92 -5.80
CA MET A 44 -12.68 -9.24 -5.60
C MET A 44 -13.17 -8.81 -4.19
N ARG A 45 -12.23 -8.39 -3.33
CA ARG A 45 -12.54 -7.70 -2.06
C ARG A 45 -12.59 -6.16 -2.26
N THR A 46 -11.56 -5.60 -2.91
CA THR A 46 -11.27 -4.12 -2.90
C THR A 46 -11.64 -3.38 -4.20
N ASP A 47 -12.08 -4.11 -5.26
CA ASP A 47 -12.39 -3.57 -6.61
C ASP A 47 -11.13 -2.99 -7.34
N LEU A 48 -9.91 -3.28 -6.83
CA LEU A 48 -8.67 -2.69 -7.37
C LEU A 48 -8.07 -3.52 -8.54
N THR A 49 -7.47 -2.80 -9.50
CA THR A 49 -6.74 -3.37 -10.65
C THR A 49 -5.38 -3.97 -10.20
N GLU A 50 -4.85 -4.98 -10.94
CA GLU A 50 -3.46 -5.52 -10.74
C GLU A 50 -2.43 -4.40 -10.44
N ALA A 51 -2.49 -3.31 -11.24
CA ALA A 51 -1.65 -2.11 -11.05
C ALA A 51 -1.78 -1.54 -9.61
N ARG A 52 -3.02 -1.16 -9.21
CA ARG A 52 -3.30 -0.51 -7.89
C ARG A 52 -2.96 -1.42 -6.68
N VAL A 53 -3.16 -2.75 -6.85
CA VAL A 53 -2.78 -3.76 -5.84
C VAL A 53 -1.23 -3.73 -5.63
N GLN A 54 -0.49 -3.91 -6.74
CA GLN A 54 0.99 -3.90 -6.73
C GLN A 54 1.56 -2.56 -6.19
N VAL A 55 0.95 -1.41 -6.59
CA VAL A 55 1.37 -0.05 -6.14
C VAL A 55 1.34 0.08 -4.60
N TRP A 56 0.21 -0.35 -3.98
CA TRP A 56 0.03 -0.33 -2.50
C TRP A 56 1.16 -1.13 -1.82
N PHE A 57 1.30 -2.40 -2.23
CA PHE A 57 2.33 -3.31 -1.67
C PHE A 57 3.76 -2.77 -1.90
N GLN A 58 4.04 -2.20 -3.08
CA GLN A 58 5.40 -1.73 -3.46
C GLN A 58 5.88 -0.54 -2.59
N ASN A 59 5.01 0.47 -2.36
CA ASN A 59 5.39 1.62 -1.50
C ASN A 59 5.52 1.17 -0.02
N ARG A 60 4.65 0.20 0.39
CA ARG A 60 4.75 -0.43 1.73
C ARG A 60 6.10 -1.16 1.90
N ARG A 61 6.51 -1.96 0.89
CA ARG A 61 7.79 -2.75 0.91
C ARG A 61 9.03 -1.83 0.90
N ALA A 62 8.96 -0.75 0.10
CA ALA A 62 10.06 0.22 -0.05
C ALA A 62 10.32 1.01 1.25
N LYS A 63 9.24 1.35 1.97
CA LYS A 63 9.32 2.06 3.28
C LYS A 63 9.58 1.08 4.45
N TRP A 64 9.20 -0.20 4.26
CA TRP A 64 9.35 -1.28 5.27
C TRP A 64 10.80 -1.80 5.34
N ARG A 65 11.34 -2.19 4.18
CA ARG A 65 12.71 -2.75 4.07
C ARG A 65 13.76 -1.64 3.85
N LYS A 66 13.92 -0.79 4.89
CA LYS A 66 15.02 0.21 4.98
C LYS A 66 15.57 0.21 6.42
N ARG A 67 16.90 0.43 6.55
CA ARG A 67 17.59 0.46 7.86
C ARG A 67 17.24 1.77 8.62
N GLU A 68 17.19 2.88 7.87
CA GLU A 68 16.50 4.12 8.29
C GLU A 68 14.98 3.90 8.08
N ARG A 69 14.16 4.07 9.13
CA ARG A 69 12.70 3.82 9.03
C ARG A 69 11.91 4.51 10.18
N PHE A 70 12.46 4.46 11.41
CA PHE A 70 11.82 5.00 12.64
C PHE A 70 11.33 6.46 12.47
N GLY A 71 12.26 7.34 12.05
CA GLY A 71 11.95 8.71 11.66
C GLY A 71 12.18 8.94 10.17
N GLN A 72 11.28 8.37 9.33
CA GLN A 72 11.36 8.51 7.85
C GLN A 72 11.10 9.97 7.43
N MET A 73 12.16 10.63 6.91
CA MET A 73 12.17 12.09 6.62
C MET A 73 11.17 12.46 5.49
N GLN A 74 10.05 13.11 5.88
CA GLN A 74 8.99 13.56 4.95
C GLN A 74 8.46 14.93 5.44
N GLN A 75 8.26 15.87 4.50
CA GLN A 75 7.90 17.28 4.80
C GLN A 75 6.52 17.40 5.53
N SER A 1 13.65 17.55 -4.69
CA SER A 1 12.39 17.69 -3.92
C SER A 1 11.27 18.32 -4.78
N HIS A 2 10.00 18.04 -4.42
CA HIS A 2 8.81 18.63 -5.06
C HIS A 2 7.94 19.34 -4.00
N MET A 3 7.67 20.63 -4.22
CA MET A 3 6.88 21.48 -3.31
C MET A 3 5.47 21.77 -3.87
N SER A 4 4.54 22.10 -2.96
CA SER A 4 3.18 22.54 -3.30
C SER A 4 2.70 23.58 -2.25
N ASN A 5 2.72 24.87 -2.62
CA ASN A 5 2.45 26.00 -1.69
C ASN A 5 0.94 26.16 -1.34
N LYS A 6 0.07 25.38 -2.00
CA LYS A 6 -1.39 25.38 -1.76
C LYS A 6 -1.82 24.14 -0.93
N GLY A 7 -2.29 24.37 0.30
CA GLY A 7 -2.83 23.30 1.17
C GLY A 7 -4.27 22.94 0.80
N LYS A 8 -4.43 22.29 -0.35
CA LYS A 8 -5.75 21.98 -0.95
C LYS A 8 -6.42 20.76 -0.26
N LYS A 9 -7.69 20.92 0.14
CA LYS A 9 -8.51 19.82 0.70
C LYS A 9 -8.99 18.87 -0.42
N ARG A 10 -8.38 17.67 -0.49
CA ARG A 10 -8.83 16.60 -1.39
C ARG A 10 -8.34 15.23 -0.85
N ARG A 11 -7.03 14.95 -1.04
CA ARG A 11 -6.38 13.68 -0.60
C ARG A 11 -5.00 13.97 0.06
N ASN A 12 -4.67 13.22 1.13
CA ASN A 12 -3.30 13.18 1.68
C ASN A 12 -2.58 11.93 1.08
N ARG A 13 -2.47 11.95 -0.28
CA ARG A 13 -1.97 10.81 -1.12
C ARG A 13 -2.91 9.56 -1.04
N THR A 14 -4.10 9.75 -0.43
CA THR A 14 -5.08 8.67 -0.19
C THR A 14 -5.91 8.35 -1.46
N THR A 15 -5.46 7.36 -2.24
CA THR A 15 -6.22 6.82 -3.39
C THR A 15 -7.06 5.58 -2.99
N PHE A 16 -7.00 5.21 -1.69
CA PHE A 16 -7.69 4.03 -1.13
C PHE A 16 -8.69 4.44 -0.01
N THR A 17 -9.66 3.55 0.27
CA THR A 17 -10.64 3.72 1.36
C THR A 17 -10.28 2.82 2.58
N SER A 18 -11.12 2.85 3.64
CA SER A 18 -10.92 2.06 4.88
C SER A 18 -10.82 0.53 4.59
N TYR A 19 -11.93 -0.05 4.06
CA TYR A 19 -12.03 -1.49 3.74
C TYR A 19 -10.88 -1.96 2.80
N GLN A 20 -10.60 -1.15 1.76
CA GLN A 20 -9.53 -1.44 0.77
C GLN A 20 -8.15 -1.61 1.46
N LEU A 21 -7.80 -0.64 2.34
CA LEU A 21 -6.51 -0.67 3.10
C LEU A 21 -6.44 -1.87 4.08
N GLU A 22 -7.55 -2.15 4.79
CA GLU A 22 -7.63 -3.28 5.78
C GLU A 22 -7.41 -4.66 5.11
N GLU A 23 -7.93 -4.80 3.89
CA GLU A 23 -7.76 -6.01 3.04
C GLU A 23 -6.33 -6.13 2.47
N LEU A 24 -5.79 -5.01 1.95
CA LEU A 24 -4.40 -4.93 1.43
C LEU A 24 -3.37 -5.29 2.54
N GLU A 25 -3.57 -4.70 3.72
CA GLU A 25 -2.76 -4.96 4.94
C GLU A 25 -2.90 -6.42 5.41
N LYS A 26 -4.12 -7.00 5.31
CA LYS A 26 -4.38 -8.41 5.65
C LYS A 26 -3.47 -9.35 4.82
N VAL A 27 -3.49 -9.17 3.49
CA VAL A 27 -2.65 -9.94 2.55
C VAL A 27 -1.14 -9.61 2.72
N PHE A 28 -0.84 -8.37 3.16
CA PHE A 28 0.55 -7.92 3.48
C PHE A 28 1.12 -8.66 4.72
N GLN A 29 0.24 -8.92 5.72
CA GLN A 29 0.63 -9.65 6.96
C GLN A 29 0.63 -11.18 6.73
N LYS A 30 -0.07 -11.63 5.67
CA LYS A 30 0.03 -13.03 5.19
C LYS A 30 1.38 -13.25 4.44
N THR A 31 1.71 -12.27 3.57
CA THR A 31 2.89 -12.33 2.67
C THR A 31 3.27 -10.92 2.16
N HIS A 32 4.57 -10.72 1.91
CA HIS A 32 5.10 -9.47 1.34
C HIS A 32 4.96 -9.47 -0.20
N TYR A 33 4.90 -10.68 -0.80
CA TYR A 33 4.73 -10.87 -2.26
C TYR A 33 3.38 -11.58 -2.53
N PRO A 34 2.31 -10.84 -2.95
CA PRO A 34 0.99 -11.46 -3.26
C PRO A 34 1.05 -12.32 -4.56
N ASP A 35 0.52 -13.55 -4.49
CA ASP A 35 0.46 -14.48 -5.64
C ASP A 35 -0.63 -14.05 -6.65
N VAL A 36 -0.49 -14.49 -7.92
CA VAL A 36 -1.34 -14.01 -9.05
C VAL A 36 -2.86 -14.16 -8.78
N TYR A 37 -3.27 -15.28 -8.14
CA TYR A 37 -4.68 -15.57 -7.83
C TYR A 37 -5.14 -14.85 -6.54
N ALA A 38 -4.22 -14.70 -5.57
CA ALA A 38 -4.48 -13.94 -4.31
C ALA A 38 -4.77 -12.45 -4.60
N ARG A 39 -4.11 -11.93 -5.66
CA ARG A 39 -4.36 -10.57 -6.19
C ARG A 39 -5.78 -10.45 -6.76
N GLU A 40 -6.25 -11.52 -7.45
CA GLU A 40 -7.61 -11.58 -8.02
C GLU A 40 -8.70 -11.58 -6.92
N GLN A 41 -8.49 -12.42 -5.88
CA GLN A 41 -9.39 -12.49 -4.70
C GLN A 41 -9.48 -11.11 -4.02
N LEU A 42 -8.31 -10.52 -3.77
CA LEU A 42 -8.16 -9.19 -3.17
C LEU A 42 -8.84 -8.09 -4.03
N ALA A 43 -8.60 -8.13 -5.34
CA ALA A 43 -9.09 -7.11 -6.32
C ALA A 43 -10.63 -7.06 -6.41
N MET A 44 -11.29 -8.24 -6.46
CA MET A 44 -12.77 -8.32 -6.60
C MET A 44 -13.51 -7.89 -5.30
N ARG A 45 -12.89 -8.15 -4.13
CA ARG A 45 -13.48 -7.77 -2.81
C ARG A 45 -13.30 -6.26 -2.52
N THR A 46 -12.11 -5.72 -2.82
CA THR A 46 -11.76 -4.30 -2.54
C THR A 46 -12.31 -3.33 -3.62
N ASP A 47 -12.51 -3.87 -4.84
CA ASP A 47 -12.77 -3.08 -6.06
C ASP A 47 -11.52 -2.21 -6.39
N LEU A 48 -10.41 -2.91 -6.70
CA LEU A 48 -9.12 -2.29 -7.11
C LEU A 48 -8.53 -3.00 -8.35
N THR A 49 -7.84 -2.22 -9.21
CA THR A 49 -7.11 -2.74 -10.40
C THR A 49 -5.79 -3.45 -9.98
N GLU A 50 -5.38 -4.48 -10.76
CA GLU A 50 -4.12 -5.24 -10.54
C GLU A 50 -2.88 -4.32 -10.38
N ALA A 51 -2.80 -3.27 -11.23
CA ALA A 51 -1.72 -2.25 -11.15
C ALA A 51 -1.74 -1.50 -9.79
N ARG A 52 -2.95 -1.10 -9.35
CA ARG A 52 -3.16 -0.36 -8.09
C ARG A 52 -2.73 -1.20 -6.84
N VAL A 53 -3.01 -2.52 -6.91
CA VAL A 53 -2.61 -3.50 -5.87
C VAL A 53 -1.07 -3.70 -5.85
N GLN A 54 -0.48 -3.90 -7.05
CA GLN A 54 0.98 -4.14 -7.23
C GLN A 54 1.84 -2.97 -6.73
N VAL A 55 1.48 -1.72 -7.09
CA VAL A 55 2.18 -0.51 -6.62
C VAL A 55 2.07 -0.36 -5.08
N TRP A 56 0.90 -0.76 -4.50
CA TRP A 56 0.68 -0.67 -3.03
C TRP A 56 1.71 -1.52 -2.25
N PHE A 57 1.85 -2.82 -2.58
CA PHE A 57 2.78 -3.75 -1.86
C PHE A 57 4.26 -3.34 -1.98
N GLN A 58 4.62 -2.67 -3.09
CA GLN A 58 5.98 -2.11 -3.28
C GLN A 58 6.19 -0.82 -2.43
N ASN A 59 5.21 0.09 -2.51
CA ASN A 59 5.22 1.39 -1.81
C ASN A 59 5.15 1.20 -0.26
N ARG A 60 4.42 0.16 0.14
CA ARG A 60 4.23 -0.26 1.53
C ARG A 60 5.53 -0.86 2.10
N ARG A 61 6.19 -1.73 1.30
CA ARG A 61 7.51 -2.32 1.64
C ARG A 61 8.64 -1.27 1.59
N ALA A 62 8.45 -0.17 0.84
CA ALA A 62 9.39 0.97 0.84
C ALA A 62 9.40 1.69 2.21
N LYS A 63 8.18 1.85 2.78
CA LYS A 63 7.97 2.45 4.12
C LYS A 63 8.23 1.43 5.26
N TRP A 64 8.05 0.14 4.97
CA TRP A 64 8.35 -0.97 5.89
C TRP A 64 9.89 -1.17 6.02
N ARG A 65 10.59 -0.92 4.90
CA ARG A 65 12.09 -0.99 4.82
C ARG A 65 12.72 0.30 5.42
N LYS A 66 12.00 1.43 5.30
CA LYS A 66 12.46 2.74 5.81
C LYS A 66 11.25 3.53 6.38
N ARG A 67 11.21 3.64 7.73
CA ARG A 67 10.07 4.18 8.52
C ARG A 67 9.45 5.49 7.94
N GLU A 68 10.28 6.56 7.87
CA GLU A 68 9.87 7.91 7.43
C GLU A 68 8.69 8.49 8.25
N ARG A 69 8.97 8.73 9.55
CA ARG A 69 8.03 9.37 10.49
C ARG A 69 8.76 9.69 11.83
N PHE A 70 9.12 10.97 12.04
CA PHE A 70 9.83 11.43 13.26
C PHE A 70 8.85 11.95 14.33
N GLY A 71 7.61 12.26 13.91
CA GLY A 71 6.57 12.78 14.80
C GLY A 71 6.56 14.30 14.89
N GLN A 72 7.02 14.85 16.03
CA GLN A 72 7.03 16.32 16.29
C GLN A 72 8.44 16.80 16.69
N MET A 73 8.87 17.95 16.13
CA MET A 73 10.15 18.62 16.51
C MET A 73 9.98 19.39 17.86
N GLN A 74 10.44 18.76 18.95
CA GLN A 74 10.30 19.31 20.32
C GLN A 74 11.47 20.27 20.66
N GLN A 75 11.23 21.60 20.49
CA GLN A 75 12.13 22.69 20.94
C GLN A 75 11.48 24.08 20.64
N SER A 1 -18.85 14.00 5.55
CA SER A 1 -18.75 13.28 6.84
C SER A 1 -19.08 14.23 8.01
N HIS A 2 -20.37 14.25 8.43
CA HIS A 2 -20.85 15.09 9.55
C HIS A 2 -20.29 14.61 10.93
N MET A 3 -20.37 15.51 11.94
CA MET A 3 -19.86 15.29 13.33
C MET A 3 -18.30 15.31 13.40
N SER A 4 -17.63 15.49 12.23
CA SER A 4 -16.17 15.61 12.13
C SER A 4 -15.80 17.03 11.62
N ASN A 5 -15.74 17.99 12.56
CA ASN A 5 -15.51 19.42 12.26
C ASN A 5 -14.12 19.88 12.79
N LYS A 6 -13.13 19.85 11.87
CA LYS A 6 -11.76 20.34 12.13
C LYS A 6 -11.12 20.77 10.79
N GLY A 7 -10.44 21.94 10.79
CA GLY A 7 -9.64 22.36 9.62
C GLY A 7 -8.37 21.51 9.44
N LYS A 8 -7.73 21.62 8.26
CA LYS A 8 -6.45 20.92 7.91
C LYS A 8 -6.61 19.36 7.90
N LYS A 9 -6.84 18.79 6.70
CA LYS A 9 -6.93 17.32 6.50
C LYS A 9 -5.56 16.75 6.01
N ARG A 10 -5.14 15.57 6.53
CA ARG A 10 -3.81 14.99 6.19
C ARG A 10 -3.85 13.44 6.17
N ARG A 11 -4.11 12.80 7.33
CA ARG A 11 -4.16 11.30 7.46
C ARG A 11 -5.54 10.73 7.03
N ASN A 12 -6.49 11.61 6.66
CA ASN A 12 -7.83 11.22 6.18
C ASN A 12 -7.77 10.38 4.87
N ARG A 13 -8.66 9.38 4.74
CA ARG A 13 -8.71 8.46 3.57
C ARG A 13 -9.14 9.24 2.27
N THR A 14 -8.13 9.58 1.45
CA THR A 14 -8.31 10.42 0.24
C THR A 14 -8.36 9.57 -1.05
N THR A 15 -7.38 8.65 -1.18
CA THR A 15 -7.21 7.79 -2.39
C THR A 15 -7.86 6.40 -2.19
N PHE A 16 -7.36 5.64 -1.21
CA PHE A 16 -7.91 4.32 -0.85
C PHE A 16 -8.86 4.44 0.37
N THR A 17 -10.03 3.78 0.31
CA THR A 17 -11.02 3.80 1.43
C THR A 17 -10.60 2.84 2.57
N SER A 18 -11.31 2.93 3.71
CA SER A 18 -11.00 2.14 4.93
C SER A 18 -11.04 0.61 4.67
N TYR A 19 -12.13 0.12 4.03
CA TYR A 19 -12.31 -1.32 3.71
C TYR A 19 -11.19 -1.84 2.75
N GLN A 20 -10.86 -1.03 1.72
CA GLN A 20 -9.80 -1.37 0.75
C GLN A 20 -8.45 -1.59 1.47
N LEU A 21 -8.12 -0.66 2.38
CA LEU A 21 -6.90 -0.72 3.22
C LEU A 21 -6.91 -1.94 4.19
N GLU A 22 -8.11 -2.37 4.65
CA GLU A 22 -8.27 -3.56 5.53
C GLU A 22 -7.78 -4.85 4.84
N GLU A 23 -8.22 -5.05 3.59
CA GLU A 23 -7.88 -6.26 2.80
C GLU A 23 -6.42 -6.21 2.28
N LEU A 24 -5.99 -5.04 1.79
CA LEU A 24 -4.59 -4.81 1.31
C LEU A 24 -3.56 -5.12 2.43
N GLU A 25 -3.84 -4.62 3.65
CA GLU A 25 -3.03 -4.90 4.86
C GLU A 25 -3.10 -6.38 5.28
N LYS A 26 -4.32 -6.94 5.31
CA LYS A 26 -4.58 -8.36 5.69
C LYS A 26 -3.67 -9.36 4.91
N VAL A 27 -3.65 -9.19 3.58
CA VAL A 27 -2.85 -10.04 2.67
C VAL A 27 -1.33 -9.75 2.81
N PHE A 28 -0.95 -8.48 3.12
CA PHE A 28 0.46 -8.09 3.38
C PHE A 28 0.98 -8.72 4.71
N GLN A 29 0.10 -8.85 5.72
CA GLN A 29 0.46 -9.43 7.04
C GLN A 29 0.68 -10.96 6.95
N LYS A 30 0.02 -11.62 5.98
CA LYS A 30 0.21 -13.06 5.71
C LYS A 30 1.44 -13.30 4.80
N THR A 31 1.45 -12.64 3.64
CA THR A 31 2.52 -12.75 2.62
C THR A 31 2.89 -11.35 2.06
N HIS A 32 4.20 -11.03 2.11
CA HIS A 32 4.72 -9.72 1.63
C HIS A 32 4.63 -9.63 0.09
N TYR A 33 4.83 -10.78 -0.59
CA TYR A 33 4.71 -10.92 -2.06
C TYR A 33 3.55 -11.90 -2.39
N PRO A 34 2.26 -11.42 -2.45
CA PRO A 34 1.11 -12.28 -2.80
C PRO A 34 1.16 -12.84 -4.25
N ASP A 35 0.85 -14.15 -4.40
CA ASP A 35 0.79 -14.84 -5.71
C ASP A 35 -0.38 -14.31 -6.60
N VAL A 36 -0.36 -14.65 -7.90
CA VAL A 36 -1.34 -14.13 -8.89
C VAL A 36 -2.82 -14.40 -8.49
N TYR A 37 -3.09 -15.59 -7.90
CA TYR A 37 -4.46 -15.96 -7.45
C TYR A 37 -4.91 -15.11 -6.23
N ALA A 38 -3.94 -14.84 -5.34
CA ALA A 38 -4.13 -13.93 -4.18
C ALA A 38 -4.43 -12.48 -4.65
N ARG A 39 -3.83 -12.08 -5.79
CA ARG A 39 -4.05 -10.74 -6.40
C ARG A 39 -5.46 -10.64 -7.03
N GLU A 40 -5.94 -11.76 -7.61
CA GLU A 40 -7.29 -11.85 -8.21
C GLU A 40 -8.40 -11.61 -7.16
N GLN A 41 -8.39 -12.45 -6.10
CA GLN A 41 -9.37 -12.37 -5.00
C GLN A 41 -9.31 -11.02 -4.25
N LEU A 42 -8.08 -10.53 -3.99
CA LEU A 42 -7.85 -9.22 -3.34
C LEU A 42 -8.44 -8.04 -4.17
N ALA A 43 -8.29 -8.13 -5.50
CA ALA A 43 -8.86 -7.13 -6.45
C ALA A 43 -10.42 -7.15 -6.45
N MET A 44 -11.00 -8.36 -6.30
CA MET A 44 -12.47 -8.57 -6.24
C MET A 44 -13.09 -8.02 -4.92
N ARG A 45 -12.30 -8.09 -3.83
CA ARG A 45 -12.71 -7.55 -2.49
C ARG A 45 -12.71 -6.01 -2.49
N THR A 46 -11.57 -5.43 -2.90
CA THR A 46 -11.30 -3.98 -2.80
C THR A 46 -11.87 -3.16 -3.96
N ASP A 47 -12.26 -3.84 -5.07
CA ASP A 47 -12.73 -3.21 -6.34
C ASP A 47 -11.55 -2.45 -7.07
N LEU A 48 -10.31 -2.62 -6.56
CA LEU A 48 -9.11 -1.97 -7.11
C LEU A 48 -8.45 -2.88 -8.15
N THR A 49 -7.97 -2.29 -9.26
CA THR A 49 -7.23 -3.02 -10.32
C THR A 49 -5.88 -3.53 -9.79
N GLU A 50 -5.42 -4.70 -10.29
CA GLU A 50 -4.13 -5.32 -9.89
C GLU A 50 -2.95 -4.29 -10.01
N ALA A 51 -3.04 -3.38 -11.00
CA ALA A 51 -2.12 -2.22 -11.16
C ALA A 51 -2.05 -1.34 -9.88
N ARG A 52 -3.22 -0.92 -9.36
CA ARG A 52 -3.32 -0.12 -8.10
C ARG A 52 -2.84 -0.92 -6.86
N VAL A 53 -3.11 -2.22 -6.87
CA VAL A 53 -2.68 -3.15 -5.80
C VAL A 53 -1.13 -3.32 -5.80
N GLN A 54 -0.51 -3.26 -7.00
CA GLN A 54 0.98 -3.24 -7.14
C GLN A 54 1.57 -1.98 -6.47
N VAL A 55 1.01 -0.80 -6.84
CA VAL A 55 1.47 0.52 -6.32
C VAL A 55 1.45 0.56 -4.77
N TRP A 56 0.34 0.11 -4.18
CA TRP A 56 0.18 0.09 -2.71
C TRP A 56 1.27 -0.80 -2.05
N PHE A 57 1.35 -2.07 -2.48
CA PHE A 57 2.29 -3.06 -1.91
C PHE A 57 3.77 -2.65 -2.06
N GLN A 58 4.17 -2.11 -3.23
CA GLN A 58 5.58 -1.75 -3.50
C GLN A 58 6.06 -0.53 -2.65
N ASN A 59 5.19 0.49 -2.46
CA ASN A 59 5.49 1.63 -1.54
C ASN A 59 5.46 1.17 -0.05
N ARG A 60 4.59 0.19 0.24
CA ARG A 60 4.46 -0.43 1.59
C ARG A 60 5.74 -1.23 1.94
N ARG A 61 6.32 -1.94 0.95
CA ARG A 61 7.59 -2.71 1.08
C ARG A 61 8.81 -1.76 1.15
N ALA A 62 8.75 -0.64 0.41
CA ALA A 62 9.86 0.33 0.34
C ALA A 62 10.08 1.07 1.69
N LYS A 63 8.97 1.41 2.37
CA LYS A 63 9.00 2.05 3.70
C LYS A 63 9.20 0.99 4.83
N TRP A 64 8.79 -0.27 4.54
CA TRP A 64 9.11 -1.46 5.38
C TRP A 64 10.63 -1.80 5.31
N ARG A 65 11.27 -1.49 4.17
CA ARG A 65 12.69 -1.79 3.91
C ARG A 65 13.60 -0.83 4.72
N LYS A 66 14.41 -1.38 5.64
CA LYS A 66 15.26 -0.59 6.57
C LYS A 66 16.39 0.17 5.81
N ARG A 67 16.54 1.48 6.17
CA ARG A 67 17.42 2.45 5.46
C ARG A 67 16.98 2.65 3.99
N GLU A 68 16.20 3.71 3.74
CA GLU A 68 15.70 4.06 2.40
C GLU A 68 16.88 4.52 1.51
N ARG A 69 17.05 3.82 0.36
CA ARG A 69 18.12 4.12 -0.63
C ARG A 69 18.00 5.57 -1.16
N PHE A 70 18.79 6.49 -0.57
CA PHE A 70 18.75 7.95 -0.84
C PHE A 70 17.33 8.55 -0.59
N GLY A 71 16.72 8.15 0.55
CA GLY A 71 15.38 8.60 0.92
C GLY A 71 15.38 10.01 1.54
N GLN A 72 15.83 10.10 2.80
CA GLN A 72 15.91 11.37 3.56
C GLN A 72 17.33 11.98 3.52
N MET A 73 18.25 11.34 2.75
CA MET A 73 19.67 11.76 2.55
C MET A 73 20.52 11.61 3.85
N GLN A 74 21.82 11.22 3.68
CA GLN A 74 22.82 11.11 4.77
C GLN A 74 22.45 9.98 5.78
N GLN A 75 23.20 8.84 5.73
CA GLN A 75 22.92 7.61 6.51
C GLN A 75 21.50 7.02 6.20
N SER A 1 24.96 16.85 8.77
CA SER A 1 23.66 17.19 8.14
C SER A 1 22.75 17.95 9.11
N HIS A 2 21.92 18.86 8.58
CA HIS A 2 20.91 19.61 9.36
C HIS A 2 19.51 18.99 9.12
N MET A 3 18.75 18.75 10.20
CA MET A 3 17.38 18.18 10.13
C MET A 3 16.41 19.17 9.42
N SER A 4 15.76 18.70 8.34
CA SER A 4 14.88 19.54 7.50
C SER A 4 13.47 19.71 8.13
N ASN A 5 13.31 20.78 8.92
CA ASN A 5 12.01 21.14 9.55
C ASN A 5 11.41 22.37 8.85
N LYS A 6 10.49 22.12 7.90
CA LYS A 6 9.74 23.18 7.18
C LYS A 6 8.24 23.09 7.54
N GLY A 7 7.70 24.12 8.21
CA GLY A 7 6.30 24.11 8.68
C GLY A 7 5.28 24.63 7.64
N LYS A 8 5.35 24.09 6.41
CA LYS A 8 4.39 24.41 5.32
C LYS A 8 3.32 23.28 5.24
N LYS A 9 2.28 23.41 6.08
CA LYS A 9 1.16 22.45 6.15
C LYS A 9 0.28 22.62 4.87
N ARG A 10 0.29 21.61 3.99
CA ARG A 10 -0.51 21.61 2.75
C ARG A 10 -1.88 20.92 3.01
N ARG A 11 -1.97 19.59 2.72
CA ARG A 11 -3.19 18.75 2.88
C ARG A 11 -2.92 17.33 2.33
N ASN A 12 -3.45 16.30 3.01
CA ASN A 12 -3.36 14.90 2.58
C ASN A 12 -4.57 14.52 1.69
N ARG A 13 -4.31 13.93 0.51
CA ARG A 13 -5.37 13.39 -0.35
C ARG A 13 -5.65 11.92 0.05
N THR A 14 -6.90 11.62 0.43
CA THR A 14 -7.29 10.31 1.01
C THR A 14 -7.15 9.16 -0.03
N THR A 15 -6.06 8.39 0.11
CA THR A 15 -5.73 7.25 -0.77
C THR A 15 -6.65 6.05 -0.48
N PHE A 16 -7.40 5.59 -1.51
CA PHE A 16 -8.37 4.46 -1.42
C PHE A 16 -9.50 4.78 -0.40
N THR A 17 -10.28 3.76 0.02
CA THR A 17 -11.20 3.87 1.20
C THR A 17 -10.67 3.00 2.36
N SER A 18 -11.28 3.19 3.56
CA SER A 18 -10.88 2.50 4.80
C SER A 18 -10.95 0.95 4.65
N TYR A 19 -12.02 0.47 3.99
CA TYR A 19 -12.23 -0.97 3.73
C TYR A 19 -11.13 -1.55 2.81
N GLN A 20 -10.82 -0.85 1.69
CA GLN A 20 -9.78 -1.30 0.73
C GLN A 20 -8.41 -1.47 1.42
N LEU A 21 -7.97 -0.44 2.18
CA LEU A 21 -6.71 -0.48 2.96
C LEU A 21 -6.71 -1.61 4.01
N GLU A 22 -7.89 -1.85 4.61
CA GLU A 22 -8.11 -2.92 5.62
C GLU A 22 -7.86 -4.34 5.00
N GLU A 23 -8.34 -4.54 3.76
CA GLU A 23 -8.17 -5.80 3.01
C GLU A 23 -6.73 -5.99 2.48
N LEU A 24 -6.16 -4.90 1.89
CA LEU A 24 -4.79 -4.89 1.33
C LEU A 24 -3.75 -5.31 2.39
N GLU A 25 -3.90 -4.77 3.61
CA GLU A 25 -3.00 -5.04 4.72
C GLU A 25 -3.14 -6.50 5.25
N LYS A 26 -4.36 -7.09 5.22
CA LYS A 26 -4.59 -8.53 5.61
C LYS A 26 -3.67 -9.49 4.81
N VAL A 27 -3.67 -9.31 3.48
CA VAL A 27 -2.83 -10.09 2.55
C VAL A 27 -1.32 -9.82 2.80
N PHE A 28 -0.98 -8.54 3.07
CA PHE A 28 0.40 -8.10 3.38
C PHE A 28 0.96 -8.76 4.68
N GLN A 29 0.06 -9.06 5.65
CA GLN A 29 0.41 -9.74 6.92
C GLN A 29 0.78 -11.21 6.68
N LYS A 30 -0.08 -11.94 5.93
CA LYS A 30 0.13 -13.38 5.64
C LYS A 30 1.30 -13.60 4.66
N THR A 31 1.42 -12.69 3.67
CA THR A 31 2.45 -12.75 2.62
C THR A 31 2.74 -11.33 2.05
N HIS A 32 3.95 -10.81 2.31
CA HIS A 32 4.38 -9.46 1.84
C HIS A 32 4.48 -9.40 0.29
N TYR A 33 4.75 -10.57 -0.32
CA TYR A 33 4.81 -10.73 -1.79
C TYR A 33 3.47 -11.35 -2.30
N PRO A 34 2.53 -10.53 -2.87
CA PRO A 34 1.22 -11.04 -3.35
C PRO A 34 1.32 -11.73 -4.74
N ASP A 35 0.98 -13.03 -4.78
CA ASP A 35 0.90 -13.83 -6.04
C ASP A 35 -0.27 -13.34 -6.95
N VAL A 36 -0.35 -13.84 -8.19
CA VAL A 36 -1.42 -13.42 -9.14
C VAL A 36 -2.84 -13.76 -8.62
N TYR A 37 -2.99 -14.97 -8.06
CA TYR A 37 -4.28 -15.45 -7.50
C TYR A 37 -4.60 -14.68 -6.19
N ALA A 38 -3.55 -14.38 -5.40
CA ALA A 38 -3.66 -13.56 -4.18
C ALA A 38 -4.17 -12.12 -4.49
N ARG A 39 -3.65 -11.52 -5.59
CA ARG A 39 -4.06 -10.16 -6.04
C ARG A 39 -5.45 -10.18 -6.70
N GLU A 40 -5.79 -11.29 -7.38
CA GLU A 40 -7.11 -11.48 -8.01
C GLU A 40 -8.25 -11.50 -6.97
N GLN A 41 -8.12 -12.38 -5.96
CA GLN A 41 -9.11 -12.49 -4.85
C GLN A 41 -9.20 -11.18 -4.04
N LEU A 42 -8.04 -10.54 -3.84
CA LEU A 42 -7.93 -9.23 -3.16
C LEU A 42 -8.58 -8.09 -3.98
N ALA A 43 -8.44 -8.16 -5.31
CA ALA A 43 -9.03 -7.16 -6.25
C ALA A 43 -10.57 -7.36 -6.37
N MET A 44 -11.05 -8.57 -6.03
CA MET A 44 -12.50 -8.84 -5.90
C MET A 44 -13.04 -8.33 -4.53
N ARG A 45 -12.20 -8.49 -3.47
CA ARG A 45 -12.49 -7.93 -2.12
C ARG A 45 -12.66 -6.40 -2.15
N THR A 46 -11.71 -5.72 -2.80
CA THR A 46 -11.58 -4.26 -2.78
C THR A 46 -12.24 -3.56 -4.00
N ASP A 47 -12.51 -4.35 -5.07
CA ASP A 47 -12.95 -3.83 -6.40
C ASP A 47 -11.86 -2.93 -7.08
N LEU A 48 -10.59 -3.15 -6.69
CA LEU A 48 -9.41 -2.48 -7.31
C LEU A 48 -8.86 -3.30 -8.51
N THR A 49 -7.90 -2.71 -9.22
CA THR A 49 -7.14 -3.37 -10.31
C THR A 49 -5.76 -3.84 -9.78
N GLU A 50 -5.15 -4.85 -10.44
CA GLU A 50 -3.78 -5.32 -10.08
C GLU A 50 -2.72 -4.18 -10.14
N ALA A 51 -3.00 -3.12 -10.92
CA ALA A 51 -2.15 -1.89 -10.95
C ALA A 51 -2.09 -1.22 -9.55
N ARG A 52 -3.29 -0.97 -8.96
CA ARG A 52 -3.41 -0.33 -7.63
C ARG A 52 -2.91 -1.25 -6.49
N VAL A 53 -3.13 -2.56 -6.65
CA VAL A 53 -2.63 -3.59 -5.70
C VAL A 53 -1.08 -3.65 -5.74
N GLN A 54 -0.50 -3.58 -6.96
CA GLN A 54 0.97 -3.60 -7.15
C GLN A 54 1.62 -2.37 -6.49
N VAL A 55 1.15 -1.16 -6.86
CA VAL A 55 1.70 0.13 -6.35
C VAL A 55 1.64 0.22 -4.80
N TRP A 56 0.53 -0.26 -4.20
CA TRP A 56 0.39 -0.27 -2.73
C TRP A 56 1.46 -1.17 -2.07
N PHE A 57 1.51 -2.46 -2.47
CA PHE A 57 2.47 -3.46 -1.90
C PHE A 57 3.96 -3.12 -2.17
N GLN A 58 4.26 -2.55 -3.35
CA GLN A 58 5.65 -2.14 -3.73
C GLN A 58 6.14 -0.99 -2.83
N ASN A 59 5.30 0.06 -2.74
CA ASN A 59 5.61 1.26 -1.93
C ASN A 59 5.62 0.91 -0.42
N ARG A 60 4.70 0.00 -0.02
CA ARG A 60 4.56 -0.45 1.39
C ARG A 60 5.80 -1.27 1.83
N ARG A 61 6.35 -2.09 0.91
CA ARG A 61 7.61 -2.85 1.14
C ARG A 61 8.86 -1.93 1.12
N ALA A 62 8.79 -0.82 0.35
CA ALA A 62 9.82 0.24 0.36
C ALA A 62 9.84 1.00 1.71
N LYS A 63 8.67 1.10 2.34
CA LYS A 63 8.52 1.66 3.71
C LYS A 63 8.80 0.60 4.80
N TRP A 64 8.51 -0.68 4.50
CA TRP A 64 8.57 -1.81 5.46
C TRP A 64 10.01 -2.07 5.94
N ARG A 65 10.97 -2.11 5.00
CA ARG A 65 12.41 -2.18 5.33
C ARG A 65 12.93 -0.75 5.68
N LYS A 66 14.10 -0.67 6.30
CA LYS A 66 14.64 0.60 6.86
C LYS A 66 15.21 1.55 5.78
N ARG A 67 14.29 2.27 5.10
CA ARG A 67 14.60 3.35 4.14
C ARG A 67 14.35 4.73 4.82
N GLU A 68 15.38 5.59 4.81
CA GLU A 68 15.29 6.95 5.41
C GLU A 68 14.83 7.99 4.36
N ARG A 69 15.58 8.11 3.25
CA ARG A 69 15.36 9.17 2.23
C ARG A 69 15.74 8.68 0.81
N PHE A 70 16.82 7.88 0.72
CA PHE A 70 17.34 7.34 -0.57
C PHE A 70 16.29 6.47 -1.29
N GLY A 71 16.02 6.80 -2.57
CA GLY A 71 14.94 6.19 -3.35
C GLY A 71 13.94 7.22 -3.90
N GLN A 72 14.35 8.50 -3.89
CA GLN A 72 13.52 9.62 -4.38
C GLN A 72 13.61 9.79 -5.92
N MET A 73 12.45 10.02 -6.55
CA MET A 73 12.34 10.27 -8.00
C MET A 73 11.01 11.04 -8.28
N GLN A 74 11.13 12.26 -8.84
CA GLN A 74 9.95 13.11 -9.16
C GLN A 74 9.40 12.78 -10.57
N GLN A 75 10.22 13.04 -11.60
CA GLN A 75 9.84 12.87 -13.03
C GLN A 75 10.17 11.43 -13.53
N SER A 1 -32.20 18.86 25.36
CA SER A 1 -30.88 19.04 26.01
C SER A 1 -29.97 17.80 25.81
N HIS A 2 -29.20 17.80 24.69
CA HIS A 2 -28.26 16.71 24.35
C HIS A 2 -27.23 17.23 23.32
N MET A 3 -26.02 17.57 23.79
CA MET A 3 -24.89 18.02 22.92
C MET A 3 -23.84 16.89 22.74
N SER A 4 -23.70 16.39 21.50
CA SER A 4 -22.73 15.32 21.15
C SER A 4 -22.00 15.67 19.83
N ASN A 5 -20.66 15.56 19.84
CA ASN A 5 -19.81 15.79 18.64
C ASN A 5 -19.85 14.58 17.67
N LYS A 6 -19.48 14.83 16.42
CA LYS A 6 -19.43 13.81 15.35
C LYS A 6 -17.99 13.26 15.20
N GLY A 7 -17.72 12.12 15.87
CA GLY A 7 -16.39 11.46 15.84
C GLY A 7 -16.18 10.65 14.54
N LYS A 8 -15.96 11.37 13.43
CA LYS A 8 -15.82 10.78 12.08
C LYS A 8 -14.41 11.01 11.49
N LYS A 9 -13.96 10.08 10.61
CA LYS A 9 -12.65 10.18 9.91
C LYS A 9 -12.88 10.60 8.44
N ARG A 10 -12.35 11.78 8.08
CA ARG A 10 -12.54 12.38 6.74
C ARG A 10 -11.41 11.99 5.75
N ARG A 11 -11.74 11.99 4.45
CA ARG A 11 -10.78 11.74 3.35
C ARG A 11 -9.97 13.01 3.03
N ASN A 12 -8.66 12.99 3.36
CA ASN A 12 -7.74 14.13 3.06
C ASN A 12 -6.89 13.85 1.79
N ARG A 13 -6.89 12.57 1.32
CA ARG A 13 -6.14 12.14 0.12
C ARG A 13 -7.13 11.62 -0.95
N THR A 14 -7.78 10.48 -0.64
CA THR A 14 -8.67 9.72 -1.57
C THR A 14 -7.87 9.08 -2.75
N THR A 15 -7.47 7.82 -2.55
CA THR A 15 -6.92 6.94 -3.62
C THR A 15 -7.50 5.52 -3.40
N PHE A 16 -7.29 5.02 -2.18
CA PHE A 16 -7.91 3.79 -1.67
C PHE A 16 -8.84 4.16 -0.48
N THR A 17 -10.01 3.50 -0.36
CA THR A 17 -10.95 3.75 0.76
C THR A 17 -10.45 3.09 2.07
N SER A 18 -11.11 3.40 3.19
CA SER A 18 -10.78 2.79 4.52
C SER A 18 -10.82 1.25 4.43
N TYR A 19 -11.96 0.71 3.94
CA TYR A 19 -12.17 -0.75 3.76
C TYR A 19 -11.07 -1.39 2.87
N GLN A 20 -10.78 -0.76 1.72
CA GLN A 20 -9.78 -1.28 0.75
C GLN A 20 -8.40 -1.49 1.42
N LEU A 21 -7.95 -0.47 2.17
CA LEU A 21 -6.67 -0.52 2.93
C LEU A 21 -6.66 -1.67 3.98
N GLU A 22 -7.80 -1.87 4.68
CA GLU A 22 -7.94 -2.93 5.71
C GLU A 22 -7.84 -4.35 5.11
N GLU A 23 -8.19 -4.48 3.82
CA GLU A 23 -8.02 -5.75 3.06
C GLU A 23 -6.57 -5.89 2.53
N LEU A 24 -6.01 -4.76 2.03
CA LEU A 24 -4.65 -4.73 1.42
C LEU A 24 -3.55 -5.13 2.45
N GLU A 25 -3.60 -4.52 3.66
CA GLU A 25 -2.63 -4.83 4.74
C GLU A 25 -2.90 -6.20 5.40
N LYS A 26 -4.16 -6.66 5.35
CA LYS A 26 -4.55 -8.02 5.81
C LYS A 26 -3.83 -9.11 4.98
N VAL A 27 -3.84 -8.95 3.65
CA VAL A 27 -3.14 -9.86 2.72
C VAL A 27 -1.60 -9.61 2.73
N PHE A 28 -1.17 -8.42 3.22
CA PHE A 28 0.26 -8.14 3.51
C PHE A 28 0.74 -9.00 4.72
N GLN A 29 -0.15 -9.23 5.71
CA GLN A 29 0.16 -10.11 6.87
C GLN A 29 0.20 -11.60 6.42
N LYS A 30 -0.74 -11.96 5.53
CA LYS A 30 -0.83 -13.30 4.89
C LYS A 30 0.44 -13.59 4.04
N THR A 31 0.82 -12.61 3.21
CA THR A 31 1.97 -12.71 2.27
C THR A 31 2.50 -11.29 1.92
N HIS A 32 3.78 -11.05 2.20
CA HIS A 32 4.44 -9.76 1.90
C HIS A 32 4.75 -9.63 0.38
N TYR A 33 4.60 -10.73 -0.38
CA TYR A 33 4.76 -10.76 -1.84
C TYR A 33 3.60 -11.58 -2.52
N PRO A 34 2.38 -10.97 -2.67
CA PRO A 34 1.21 -11.66 -3.30
C PRO A 34 1.37 -11.91 -4.83
N ASP A 35 1.24 -13.20 -5.23
CA ASP A 35 1.28 -13.66 -6.64
C ASP A 35 -0.06 -13.43 -7.38
N VAL A 36 -0.18 -13.93 -8.64
CA VAL A 36 -1.39 -13.74 -9.48
C VAL A 36 -2.72 -14.08 -8.74
N TYR A 37 -2.74 -15.23 -8.06
CA TYR A 37 -3.95 -15.76 -7.38
C TYR A 37 -4.32 -14.89 -6.15
N ALA A 38 -3.29 -14.50 -5.38
CA ALA A 38 -3.46 -13.62 -4.20
C ALA A 38 -3.87 -12.17 -4.61
N ARG A 39 -3.47 -11.75 -5.83
CA ARG A 39 -3.87 -10.45 -6.42
C ARG A 39 -5.35 -10.49 -6.88
N GLU A 40 -5.76 -11.61 -7.53
CA GLU A 40 -7.14 -11.80 -8.06
C GLU A 40 -8.19 -11.75 -6.92
N GLN A 41 -7.95 -12.54 -5.86
CA GLN A 41 -8.83 -12.60 -4.69
C GLN A 41 -8.95 -11.22 -4.00
N LEU A 42 -7.80 -10.60 -3.72
CA LEU A 42 -7.72 -9.27 -3.05
C LEU A 42 -8.37 -8.14 -3.92
N ALA A 43 -8.24 -8.26 -5.25
CA ALA A 43 -8.85 -7.28 -6.20
C ALA A 43 -10.39 -7.32 -6.11
N MET A 44 -10.96 -8.53 -6.05
CA MET A 44 -12.42 -8.75 -5.93
C MET A 44 -12.95 -8.36 -4.52
N ARG A 45 -12.08 -8.51 -3.48
CA ARG A 45 -12.41 -8.05 -2.10
C ARG A 45 -12.52 -6.51 -2.03
N THR A 46 -11.57 -5.82 -2.68
CA THR A 46 -11.42 -4.34 -2.58
C THR A 46 -12.14 -3.55 -3.70
N ASP A 47 -12.57 -4.24 -4.79
CA ASP A 47 -13.12 -3.60 -6.04
C ASP A 47 -11.97 -2.96 -6.90
N LEU A 48 -10.71 -3.13 -6.47
CA LEU A 48 -9.53 -2.51 -7.15
C LEU A 48 -9.01 -3.37 -8.32
N THR A 49 -8.17 -2.74 -9.15
CA THR A 49 -7.43 -3.40 -10.24
C THR A 49 -6.05 -3.86 -9.73
N GLU A 50 -5.50 -4.95 -10.31
CA GLU A 50 -4.18 -5.51 -9.92
C GLU A 50 -3.07 -4.43 -9.93
N ALA A 51 -3.15 -3.49 -10.90
CA ALA A 51 -2.22 -2.34 -11.00
C ALA A 51 -2.20 -1.47 -9.71
N ARG A 52 -3.40 -1.08 -9.22
CA ARG A 52 -3.55 -0.26 -7.99
C ARG A 52 -3.04 -1.02 -6.74
N VAL A 53 -3.38 -2.32 -6.68
CA VAL A 53 -2.93 -3.24 -5.61
C VAL A 53 -1.38 -3.41 -5.62
N GLN A 54 -0.82 -3.45 -6.85
CA GLN A 54 0.63 -3.67 -7.09
C GLN A 54 1.45 -2.48 -6.52
N VAL A 55 1.05 -1.26 -6.93
CA VAL A 55 1.69 0.01 -6.49
C VAL A 55 1.64 0.16 -4.95
N TRP A 56 0.50 -0.22 -4.33
CA TRP A 56 0.34 -0.16 -2.86
C TRP A 56 1.45 -0.99 -2.15
N PHE A 57 1.61 -2.26 -2.57
CA PHE A 57 2.64 -3.17 -2.02
C PHE A 57 4.08 -2.67 -2.32
N GLN A 58 4.30 -1.93 -3.43
CA GLN A 58 5.62 -1.32 -3.73
C GLN A 58 6.02 -0.28 -2.65
N ASN A 59 5.08 0.66 -2.35
CA ASN A 59 5.30 1.70 -1.30
C ASN A 59 5.39 1.06 0.11
N ARG A 60 4.55 0.04 0.36
CA ARG A 60 4.46 -0.64 1.67
C ARG A 60 5.77 -1.37 2.04
N ARG A 61 6.34 -2.11 1.07
CA ARG A 61 7.61 -2.87 1.25
C ARG A 61 8.84 -1.94 1.26
N ALA A 62 8.73 -0.79 0.57
CA ALA A 62 9.77 0.26 0.59
C ALA A 62 9.89 0.92 2.00
N LYS A 63 8.72 1.11 2.65
CA LYS A 63 8.64 1.60 4.05
C LYS A 63 9.05 0.51 5.06
N TRP A 64 8.90 -0.77 4.68
CA TRP A 64 9.34 -1.93 5.49
C TRP A 64 10.89 -2.02 5.54
N ARG A 65 11.52 -1.95 4.35
CA ARG A 65 13.00 -2.01 4.21
C ARG A 65 13.65 -0.69 4.74
N LYS A 66 14.47 -0.82 5.81
CA LYS A 66 15.07 0.35 6.51
C LYS A 66 16.19 1.03 5.66
N ARG A 67 16.02 2.36 5.42
CA ARG A 67 16.95 3.23 4.66
C ARG A 67 17.16 2.76 3.18
N GLU A 68 16.15 2.04 2.63
CA GLU A 68 16.16 1.56 1.23
C GLU A 68 15.89 2.73 0.24
N ARG A 69 16.36 2.56 -1.02
CA ARG A 69 16.36 3.62 -2.08
C ARG A 69 17.43 4.70 -1.81
N PHE A 70 18.40 4.83 -2.74
CA PHE A 70 19.52 5.81 -2.64
C PHE A 70 19.74 6.54 -3.99
N GLY A 71 20.27 7.77 -3.92
CA GLY A 71 20.45 8.63 -5.10
C GLY A 71 21.66 8.27 -5.96
N GLN A 72 21.57 7.15 -6.69
CA GLN A 72 22.62 6.70 -7.62
C GLN A 72 22.36 7.25 -9.05
N MET A 73 23.28 8.11 -9.53
CA MET A 73 23.30 8.60 -10.93
C MET A 73 24.76 8.97 -11.30
N GLN A 74 25.61 7.94 -11.36
CA GLN A 74 27.06 8.07 -11.67
C GLN A 74 27.33 7.74 -13.16
N GLN A 75 27.42 8.80 -13.99
CA GLN A 75 27.78 8.67 -15.43
C GLN A 75 29.26 9.12 -15.64
N SER A 1 -18.91 13.45 0.98
CA SER A 1 -17.69 14.30 0.85
C SER A 1 -17.85 15.65 1.60
N HIS A 2 -16.79 16.08 2.32
CA HIS A 2 -16.79 17.35 3.08
C HIS A 2 -15.35 17.79 3.48
N MET A 3 -14.45 16.80 3.69
CA MET A 3 -13.05 17.05 4.11
C MET A 3 -12.25 17.85 3.04
N SER A 4 -11.41 18.79 3.51
CA SER A 4 -10.54 19.61 2.65
C SER A 4 -9.13 18.98 2.52
N ASN A 5 -8.64 18.40 3.65
CA ASN A 5 -7.34 17.68 3.73
C ASN A 5 -6.13 18.62 3.44
N LYS A 6 -5.45 19.07 4.51
CA LYS A 6 -4.25 19.93 4.42
C LYS A 6 -3.04 19.07 3.96
N GLY A 7 -2.85 19.00 2.63
CA GLY A 7 -1.79 18.19 2.01
C GLY A 7 -2.33 17.37 0.83
N LYS A 8 -2.63 18.07 -0.28
CA LYS A 8 -3.25 17.48 -1.50
C LYS A 8 -2.42 16.28 -2.04
N LYS A 9 -1.11 16.54 -2.24
CA LYS A 9 -0.15 15.54 -2.76
C LYS A 9 -0.54 15.04 -4.18
N ARG A 10 0.03 15.70 -5.20
CA ARG A 10 -0.31 15.49 -6.64
C ARG A 10 0.12 14.09 -7.18
N ARG A 11 1.01 13.39 -6.45
CA ARG A 11 1.67 12.16 -6.92
C ARG A 11 0.69 10.94 -7.02
N ASN A 12 0.36 10.33 -5.86
CA ASN A 12 -0.46 9.09 -5.80
C ASN A 12 -1.95 9.41 -5.62
N ARG A 13 -2.80 8.67 -6.34
CA ARG A 13 -4.26 8.75 -6.22
C ARG A 13 -4.76 7.83 -5.06
N THR A 14 -4.51 8.29 -3.81
CA THR A 14 -4.95 7.61 -2.58
C THR A 14 -6.49 7.74 -2.44
N THR A 15 -7.21 6.79 -3.05
CA THR A 15 -8.70 6.77 -3.11
C THR A 15 -9.26 5.62 -2.22
N PHE A 16 -8.43 5.12 -1.29
CA PHE A 16 -8.76 3.98 -0.43
C PHE A 16 -9.74 4.39 0.69
N THR A 17 -10.88 3.68 0.77
CA THR A 17 -11.97 3.98 1.74
C THR A 17 -11.60 3.55 3.19
N SER A 18 -11.81 2.28 3.55
CA SER A 18 -11.44 1.72 4.89
C SER A 18 -11.27 0.19 4.78
N TYR A 19 -12.30 -0.48 4.20
CA TYR A 19 -12.25 -1.93 3.90
C TYR A 19 -11.15 -2.25 2.85
N GLN A 20 -10.89 -1.29 1.93
CA GLN A 20 -9.76 -1.41 0.97
C GLN A 20 -8.41 -1.56 1.71
N LEU A 21 -8.13 -0.65 2.67
CA LEU A 21 -6.90 -0.70 3.50
C LEU A 21 -6.91 -1.89 4.49
N GLU A 22 -8.12 -2.33 4.92
CA GLU A 22 -8.29 -3.57 5.74
C GLU A 22 -7.70 -4.79 5.01
N GLU A 23 -8.17 -5.01 3.77
CA GLU A 23 -7.74 -6.16 2.95
C GLU A 23 -6.27 -6.04 2.50
N LEU A 24 -5.85 -4.85 2.02
CA LEU A 24 -4.46 -4.58 1.56
C LEU A 24 -3.43 -4.91 2.67
N GLU A 25 -3.65 -4.33 3.87
CA GLU A 25 -2.83 -4.61 5.07
C GLU A 25 -2.93 -6.09 5.51
N LYS A 26 -4.13 -6.65 5.51
CA LYS A 26 -4.40 -8.03 6.02
C LYS A 26 -3.68 -9.11 5.17
N VAL A 27 -3.67 -8.89 3.83
CA VAL A 27 -2.90 -9.71 2.87
C VAL A 27 -1.37 -9.48 3.06
N PHE A 28 -0.97 -8.23 3.37
CA PHE A 28 0.46 -7.87 3.61
C PHE A 28 1.01 -8.52 4.90
N GLN A 29 0.18 -8.62 5.95
CA GLN A 29 0.55 -9.27 7.24
C GLN A 29 0.58 -10.80 7.08
N LYS A 30 -0.28 -11.32 6.19
CA LYS A 30 -0.37 -12.76 5.85
C LYS A 30 0.85 -13.21 4.99
N THR A 31 1.23 -12.32 4.04
CA THR A 31 2.32 -12.54 3.07
C THR A 31 2.79 -11.21 2.45
N HIS A 32 4.12 -11.04 2.29
CA HIS A 32 4.70 -9.82 1.67
C HIS A 32 4.57 -9.84 0.13
N TYR A 33 4.16 -11.01 -0.43
CA TYR A 33 4.01 -11.21 -1.88
C TYR A 33 2.57 -11.70 -2.23
N PRO A 34 1.68 -10.80 -2.74
CA PRO A 34 0.37 -11.20 -3.31
C PRO A 34 0.56 -11.77 -4.74
N ASP A 35 0.72 -13.10 -4.84
CA ASP A 35 0.97 -13.80 -6.12
C ASP A 35 -0.29 -13.79 -7.04
N VAL A 36 -0.18 -14.37 -8.26
CA VAL A 36 -1.22 -14.28 -9.33
C VAL A 36 -2.69 -14.57 -8.87
N TYR A 37 -2.84 -15.55 -7.95
CA TYR A 37 -4.17 -15.94 -7.41
C TYR A 37 -4.65 -14.92 -6.34
N ALA A 38 -3.71 -14.46 -5.50
CA ALA A 38 -3.96 -13.42 -4.47
C ALA A 38 -4.27 -12.04 -5.12
N ARG A 39 -3.81 -11.84 -6.37
CA ARG A 39 -4.18 -10.65 -7.19
C ARG A 39 -5.70 -10.67 -7.49
N GLU A 40 -6.21 -11.85 -7.88
CA GLU A 40 -7.65 -12.06 -8.19
C GLU A 40 -8.54 -11.81 -6.94
N GLN A 41 -8.19 -12.48 -5.83
CA GLN A 41 -8.92 -12.38 -4.55
C GLN A 41 -8.99 -10.91 -4.06
N LEU A 42 -7.81 -10.30 -3.88
CA LEU A 42 -7.66 -8.93 -3.34
C LEU A 42 -8.35 -7.87 -4.24
N ALA A 43 -8.23 -8.05 -5.58
CA ALA A 43 -8.91 -7.16 -6.58
C ALA A 43 -10.44 -7.18 -6.42
N MET A 44 -11.03 -8.39 -6.33
CA MET A 44 -12.50 -8.58 -6.23
C MET A 44 -13.06 -8.13 -4.85
N ARG A 45 -12.20 -8.17 -3.80
CA ARG A 45 -12.55 -7.67 -2.44
C ARG A 45 -12.62 -6.12 -2.38
N THR A 46 -11.54 -5.48 -2.84
CA THR A 46 -11.32 -4.02 -2.66
C THR A 46 -11.83 -3.14 -3.83
N ASP A 47 -12.17 -3.80 -4.97
CA ASP A 47 -12.51 -3.13 -6.25
C ASP A 47 -11.30 -2.41 -6.90
N LEU A 48 -10.07 -2.75 -6.45
CA LEU A 48 -8.82 -2.23 -7.04
C LEU A 48 -8.35 -3.12 -8.20
N THR A 49 -7.77 -2.49 -9.23
CA THR A 49 -7.12 -3.23 -10.34
C THR A 49 -5.75 -3.81 -9.89
N GLU A 50 -5.17 -4.72 -10.70
CA GLU A 50 -3.84 -5.32 -10.41
C GLU A 50 -2.76 -4.23 -10.26
N ALA A 51 -2.85 -3.18 -11.10
CA ALA A 51 -1.96 -1.99 -11.03
C ALA A 51 -1.97 -1.31 -9.65
N ARG A 52 -3.17 -1.15 -9.05
CA ARG A 52 -3.34 -0.57 -7.70
C ARG A 52 -2.78 -1.51 -6.60
N VAL A 53 -2.96 -2.83 -6.78
CA VAL A 53 -2.40 -3.87 -5.89
C VAL A 53 -0.85 -3.85 -5.94
N GLN A 54 -0.30 -3.66 -7.16
CA GLN A 54 1.16 -3.61 -7.38
C GLN A 54 1.78 -2.37 -6.72
N VAL A 55 1.31 -1.16 -7.11
CA VAL A 55 1.83 0.13 -6.60
C VAL A 55 1.77 0.21 -5.05
N TRP A 56 0.61 -0.15 -4.45
CA TRP A 56 0.43 -0.11 -2.98
C TRP A 56 1.51 -0.97 -2.28
N PHE A 57 1.68 -2.24 -2.74
CA PHE A 57 2.68 -3.18 -2.17
C PHE A 57 4.15 -2.76 -2.49
N GLN A 58 4.39 -2.04 -3.60
CA GLN A 58 5.75 -1.54 -3.96
C GLN A 58 6.20 -0.44 -2.95
N ASN A 59 5.35 0.58 -2.78
CA ASN A 59 5.57 1.67 -1.80
C ASN A 59 5.56 1.12 -0.34
N ARG A 60 4.68 0.14 -0.07
CA ARG A 60 4.52 -0.47 1.28
C ARG A 60 5.78 -1.26 1.72
N ARG A 61 6.27 -2.14 0.82
CA ARG A 61 7.51 -2.95 1.07
C ARG A 61 8.77 -2.06 1.13
N ALA A 62 8.79 -0.95 0.36
CA ALA A 62 9.88 0.03 0.39
C ALA A 62 9.97 0.72 1.78
N LYS A 63 8.81 1.16 2.29
CA LYS A 63 8.67 1.75 3.66
C LYS A 63 8.90 0.69 4.77
N TRP A 64 8.53 -0.57 4.47
CA TRP A 64 8.69 -1.72 5.39
C TRP A 64 10.19 -2.07 5.58
N ARG A 65 10.98 -1.93 4.50
CA ARG A 65 12.45 -2.02 4.56
C ARG A 65 13.04 -0.80 5.33
N LYS A 66 12.64 0.41 4.88
CA LYS A 66 13.08 1.68 5.50
C LYS A 66 12.20 2.87 5.02
N ARG A 67 12.22 3.13 3.70
CA ARG A 67 11.58 4.34 3.09
C ARG A 67 11.36 4.16 1.56
N GLU A 68 10.52 5.02 0.96
CA GLU A 68 10.01 4.86 -0.42
C GLU A 68 10.60 5.88 -1.45
N ARG A 69 11.00 7.08 -0.98
CA ARG A 69 11.37 8.22 -1.85
C ARG A 69 12.65 7.94 -2.71
N PHE A 70 13.53 7.08 -2.19
CA PHE A 70 14.79 6.69 -2.86
C PHE A 70 14.57 5.65 -4.00
N GLY A 71 13.29 5.27 -4.24
CA GLY A 71 12.92 4.36 -5.33
C GLY A 71 13.20 4.94 -6.73
N GLN A 72 14.19 4.36 -7.44
CA GLN A 72 14.74 4.91 -8.69
C GLN A 72 13.77 4.71 -9.90
N MET A 73 13.58 5.76 -10.72
CA MET A 73 12.71 5.73 -11.92
C MET A 73 13.32 6.59 -13.06
N GLN A 74 12.94 6.26 -14.32
CA GLN A 74 13.37 7.02 -15.51
C GLN A 74 12.36 8.15 -15.82
N GLN A 75 12.79 9.41 -15.59
CA GLN A 75 11.98 10.65 -15.83
C GLN A 75 10.75 10.77 -14.85
N SER A 1 12.08 18.04 12.95
CA SER A 1 11.20 16.85 12.76
C SER A 1 9.92 17.23 12.00
N HIS A 2 8.90 16.33 12.02
CA HIS A 2 7.58 16.60 11.40
C HIS A 2 6.85 17.81 12.08
N MET A 3 6.10 18.57 11.28
CA MET A 3 5.24 19.67 11.80
C MET A 3 3.87 19.60 11.09
N SER A 4 2.80 19.36 11.86
CA SER A 4 1.41 19.23 11.37
C SER A 4 0.58 20.48 11.73
N ASN A 5 -0.20 21.00 10.75
CA ASN A 5 -1.08 22.18 10.95
C ASN A 5 -2.57 21.78 10.72
N LYS A 6 -3.42 22.00 11.74
CA LYS A 6 -4.88 21.78 11.62
C LYS A 6 -5.55 22.95 10.84
N GLY A 7 -5.41 22.92 9.51
CA GLY A 7 -5.94 23.96 8.63
C GLY A 7 -5.58 23.73 7.15
N LYS A 8 -6.08 24.63 6.27
CA LYS A 8 -5.92 24.53 4.79
C LYS A 8 -6.52 23.21 4.23
N LYS A 9 -7.56 22.71 4.91
CA LYS A 9 -8.18 21.38 4.66
C LYS A 9 -9.14 21.36 3.44
N ARG A 10 -9.04 22.36 2.55
CA ARG A 10 -9.83 22.43 1.31
C ARG A 10 -9.28 21.45 0.24
N ARG A 11 -8.08 20.87 0.50
CA ARG A 11 -7.50 19.78 -0.31
C ARG A 11 -8.04 18.40 0.14
N ASN A 12 -9.19 17.99 -0.42
CA ASN A 12 -9.81 16.65 -0.17
C ASN A 12 -9.47 15.71 -1.34
N ARG A 13 -8.78 14.59 -1.04
CA ARG A 13 -8.42 13.57 -2.04
C ARG A 13 -8.94 12.17 -1.59
N THR A 14 -9.54 11.43 -2.53
CA THR A 14 -10.12 10.10 -2.28
C THR A 14 -9.06 8.97 -2.45
N THR A 15 -8.00 9.02 -1.61
CA THR A 15 -6.93 8.01 -1.59
C THR A 15 -7.42 6.74 -0.84
N PHE A 16 -8.13 5.86 -1.60
CA PHE A 16 -8.78 4.62 -1.08
C PHE A 16 -9.88 4.94 -0.01
N THR A 17 -10.51 3.87 0.52
CA THR A 17 -11.40 3.97 1.74
C THR A 17 -11.04 2.86 2.75
N SER A 18 -11.78 2.81 3.87
CA SER A 18 -11.53 1.86 4.99
C SER A 18 -11.48 0.38 4.55
N TYR A 19 -12.53 -0.06 3.82
CA TYR A 19 -12.67 -1.47 3.33
C TYR A 19 -11.43 -1.94 2.53
N GLN A 20 -10.92 -1.03 1.66
CA GLN A 20 -9.72 -1.25 0.84
C GLN A 20 -8.49 -1.51 1.73
N LEU A 21 -8.18 -0.56 2.61
CA LEU A 21 -6.98 -0.60 3.47
C LEU A 21 -6.99 -1.78 4.48
N GLU A 22 -8.20 -2.23 4.87
CA GLU A 22 -8.37 -3.42 5.75
C GLU A 22 -7.96 -4.72 5.01
N GLU A 23 -8.42 -4.91 3.77
CA GLU A 23 -8.10 -6.11 2.96
C GLU A 23 -6.64 -6.08 2.42
N LEU A 24 -6.18 -4.90 1.97
CA LEU A 24 -4.79 -4.68 1.48
C LEU A 24 -3.76 -5.04 2.58
N GLU A 25 -4.02 -4.57 3.82
CA GLU A 25 -3.26 -4.95 5.03
C GLU A 25 -3.39 -6.44 5.36
N LYS A 26 -4.62 -6.97 5.30
CA LYS A 26 -4.93 -8.39 5.63
C LYS A 26 -4.03 -9.37 4.82
N VAL A 27 -3.93 -9.11 3.50
CA VAL A 27 -3.12 -9.94 2.57
C VAL A 27 -1.60 -9.64 2.71
N PHE A 28 -1.27 -8.37 3.05
CA PHE A 28 0.14 -7.94 3.30
C PHE A 28 0.72 -8.65 4.56
N GLN A 29 -0.15 -8.94 5.54
CA GLN A 29 0.22 -9.65 6.78
C GLN A 29 0.19 -11.18 6.60
N LYS A 30 -0.55 -11.68 5.58
CA LYS A 30 -0.45 -13.09 5.13
C LYS A 30 0.97 -13.33 4.56
N THR A 31 1.32 -12.49 3.57
CA THR A 31 2.59 -12.54 2.84
C THR A 31 2.91 -11.16 2.23
N HIS A 32 4.18 -10.73 2.37
CA HIS A 32 4.67 -9.44 1.82
C HIS A 32 4.81 -9.49 0.27
N TYR A 33 4.83 -10.72 -0.29
CA TYR A 33 4.86 -10.99 -1.74
C TYR A 33 3.76 -12.03 -2.13
N PRO A 34 2.45 -11.59 -2.21
CA PRO A 34 1.35 -12.49 -2.60
C PRO A 34 1.44 -12.94 -4.08
N ASP A 35 1.14 -14.22 -4.35
CA ASP A 35 1.05 -14.75 -5.73
C ASP A 35 -0.10 -14.10 -6.52
N VAL A 36 -0.14 -14.36 -7.84
CA VAL A 36 -1.18 -13.83 -8.75
C VAL A 36 -2.61 -14.12 -8.22
N TYR A 37 -2.85 -15.37 -7.80
CA TYR A 37 -4.20 -15.86 -7.38
C TYR A 37 -4.70 -15.12 -6.12
N ALA A 38 -3.80 -14.91 -5.13
CA ALA A 38 -4.10 -14.14 -3.89
C ALA A 38 -4.50 -12.68 -4.20
N ARG A 39 -3.78 -12.08 -5.18
CA ARG A 39 -4.02 -10.68 -5.62
C ARG A 39 -5.25 -10.57 -6.56
N GLU A 40 -5.67 -11.69 -7.19
CA GLU A 40 -6.94 -11.74 -7.95
C GLU A 40 -8.16 -11.66 -6.98
N GLN A 41 -8.10 -12.48 -5.92
CA GLN A 41 -9.09 -12.46 -4.81
C GLN A 41 -9.18 -11.05 -4.18
N LEU A 42 -8.01 -10.48 -3.86
CA LEU A 42 -7.87 -9.14 -3.25
C LEU A 42 -8.44 -8.02 -4.16
N ALA A 43 -8.08 -8.06 -5.46
CA ALA A 43 -8.49 -7.03 -6.47
C ALA A 43 -10.03 -7.03 -6.71
N MET A 44 -10.66 -8.21 -6.60
CA MET A 44 -12.14 -8.35 -6.74
C MET A 44 -12.88 -7.83 -5.48
N ARG A 45 -12.41 -8.24 -4.27
CA ARG A 45 -12.98 -7.80 -2.96
C ARG A 45 -12.99 -6.26 -2.85
N THR A 46 -11.80 -5.67 -3.02
CA THR A 46 -11.61 -4.20 -2.94
C THR A 46 -12.12 -3.50 -4.23
N ASP A 47 -12.38 -4.28 -5.30
CA ASP A 47 -12.87 -3.78 -6.62
C ASP A 47 -11.81 -2.83 -7.29
N LEU A 48 -10.55 -2.91 -6.82
CA LEU A 48 -9.44 -2.10 -7.35
C LEU A 48 -8.78 -2.82 -8.54
N THR A 49 -8.09 -2.05 -9.39
CA THR A 49 -7.20 -2.61 -10.42
C THR A 49 -5.99 -3.28 -9.72
N GLU A 50 -5.53 -4.42 -10.27
CA GLU A 50 -4.40 -5.17 -9.67
C GLU A 50 -3.10 -4.33 -9.72
N ALA A 51 -2.93 -3.55 -10.82
CA ALA A 51 -1.81 -2.58 -10.97
C ALA A 51 -1.83 -1.50 -9.85
N ARG A 52 -3.04 -1.10 -9.41
CA ARG A 52 -3.25 -0.14 -8.30
C ARG A 52 -2.90 -0.78 -6.93
N VAL A 53 -3.25 -2.08 -6.78
CA VAL A 53 -2.86 -2.92 -5.61
C VAL A 53 -1.32 -3.02 -5.52
N GLN A 54 -0.67 -3.17 -6.69
CA GLN A 54 0.81 -3.20 -6.82
C GLN A 54 1.46 -1.89 -6.31
N VAL A 55 0.81 -0.73 -6.56
CA VAL A 55 1.31 0.59 -6.07
C VAL A 55 1.36 0.64 -4.51
N TRP A 56 0.28 0.13 -3.88
CA TRP A 56 0.15 0.09 -2.39
C TRP A 56 1.25 -0.81 -1.78
N PHE A 57 1.42 -2.01 -2.35
CA PHE A 57 2.44 -2.99 -1.92
C PHE A 57 3.90 -2.50 -2.17
N GLN A 58 4.16 -1.81 -3.29
CA GLN A 58 5.50 -1.22 -3.59
C GLN A 58 5.84 -0.07 -2.61
N ASN A 59 4.82 0.75 -2.32
CA ASN A 59 4.93 1.88 -1.36
C ASN A 59 5.38 1.34 0.03
N ARG A 60 4.76 0.22 0.44
CA ARG A 60 5.11 -0.53 1.65
C ARG A 60 6.55 -1.12 1.58
N ARG A 61 6.83 -1.90 0.51
CA ARG A 61 8.12 -2.64 0.32
C ARG A 61 9.33 -1.71 0.25
N ALA A 62 9.12 -0.45 -0.19
CA ALA A 62 10.18 0.58 -0.23
C ALA A 62 10.72 0.90 1.19
N LYS A 63 9.78 1.08 2.15
CA LYS A 63 10.08 1.37 3.58
C LYS A 63 10.38 0.08 4.38
N TRP A 64 9.73 -1.04 3.99
CA TRP A 64 9.86 -2.36 4.66
C TRP A 64 11.25 -3.00 4.37
N ARG A 65 11.78 -2.75 3.15
CA ARG A 65 13.06 -3.34 2.67
C ARG A 65 14.26 -2.90 3.53
N LYS A 66 14.22 -1.64 4.02
CA LYS A 66 15.29 -1.06 4.85
C LYS A 66 14.69 -0.09 5.91
N ARG A 67 14.41 -0.61 7.11
CA ARG A 67 13.90 0.21 8.25
C ARG A 67 15.07 0.69 9.13
N GLU A 68 15.13 2.01 9.36
CA GLU A 68 16.16 2.65 10.20
C GLU A 68 15.69 4.05 10.68
N ARG A 69 16.63 4.82 11.28
CA ARG A 69 16.36 6.21 11.74
C ARG A 69 16.33 7.20 10.55
N PHE A 70 16.05 8.49 10.83
CA PHE A 70 16.02 9.55 9.80
C PHE A 70 17.43 9.82 9.21
N GLY A 71 18.44 9.88 10.09
CA GLY A 71 19.84 10.14 9.69
C GLY A 71 20.19 11.63 9.67
N GLN A 72 21.39 11.97 10.20
CA GLN A 72 21.91 13.35 10.23
C GLN A 72 23.46 13.31 10.21
N MET A 73 24.03 13.19 9.00
CA MET A 73 25.49 13.16 8.76
C MET A 73 25.79 13.58 7.31
N GLN A 74 25.15 12.88 6.35
CA GLN A 74 25.22 13.22 4.93
C GLN A 74 23.85 12.99 4.26
N GLN A 75 22.95 13.97 4.43
CA GLN A 75 21.64 14.01 3.75
C GLN A 75 21.74 14.97 2.51
N SER A 1 23.40 0.54 -16.37
CA SER A 1 23.03 1.66 -17.29
C SER A 1 22.73 2.97 -16.51
N HIS A 2 22.54 4.08 -17.25
CA HIS A 2 22.28 5.43 -16.65
C HIS A 2 21.13 6.16 -17.37
N MET A 3 20.52 7.16 -16.71
CA MET A 3 19.36 7.90 -17.24
C MET A 3 19.29 9.34 -16.66
N SER A 4 18.72 10.28 -17.45
CA SER A 4 18.54 11.70 -17.06
C SER A 4 17.20 11.95 -16.31
N ASN A 5 16.87 13.24 -16.04
CA ASN A 5 15.55 13.63 -15.49
C ASN A 5 14.41 13.28 -16.50
N LYS A 6 13.59 12.29 -16.12
CA LYS A 6 12.54 11.71 -16.99
C LYS A 6 11.24 12.55 -16.98
N GLY A 7 11.34 13.83 -17.38
CA GLY A 7 10.19 14.75 -17.45
C GLY A 7 9.66 15.20 -16.08
N LYS A 8 8.99 14.27 -15.38
CA LYS A 8 8.40 14.48 -14.03
C LYS A 8 7.21 15.47 -14.07
N LYS A 9 6.02 14.95 -14.44
CA LYS A 9 4.76 15.73 -14.51
C LYS A 9 3.52 14.82 -14.34
N ARG A 10 3.73 13.64 -13.73
CA ARG A 10 2.66 12.62 -13.52
C ARG A 10 1.96 12.80 -12.14
N ARG A 11 0.63 13.03 -12.16
CA ARG A 11 -0.18 13.06 -10.91
C ARG A 11 -0.67 11.64 -10.53
N ASN A 12 -0.57 11.29 -9.23
CA ASN A 12 -0.91 9.94 -8.72
C ASN A 12 -2.42 9.78 -8.42
N ARG A 13 -2.85 8.53 -8.11
CA ARG A 13 -4.28 8.20 -7.94
C ARG A 13 -4.50 6.92 -7.07
N THR A 14 -4.17 7.00 -5.77
CA THR A 14 -4.34 5.88 -4.81
C THR A 14 -4.96 6.37 -3.48
N THR A 15 -6.28 6.66 -3.50
CA THR A 15 -7.05 7.07 -2.30
C THR A 15 -7.37 5.84 -1.41
N PHE A 16 -8.08 4.85 -2.00
CA PHE A 16 -8.58 3.62 -1.31
C PHE A 16 -9.66 3.91 -0.22
N THR A 17 -10.53 2.92 0.05
CA THR A 17 -11.60 3.03 1.07
C THR A 17 -11.22 2.29 2.38
N SER A 18 -12.14 2.29 3.36
CA SER A 18 -11.95 1.60 4.67
C SER A 18 -11.78 0.08 4.49
N TYR A 19 -12.73 -0.55 3.76
CA TYR A 19 -12.70 -2.01 3.44
C TYR A 19 -11.44 -2.38 2.63
N GLN A 20 -11.04 -1.50 1.69
CA GLN A 20 -9.87 -1.73 0.82
C GLN A 20 -8.55 -1.83 1.63
N LEU A 21 -8.30 -0.86 2.53
CA LEU A 21 -7.08 -0.87 3.38
C LEU A 21 -7.13 -1.98 4.46
N GLU A 22 -8.36 -2.34 4.89
CA GLU A 22 -8.61 -3.45 5.83
C GLU A 22 -8.11 -4.79 5.22
N GLU A 23 -8.43 -4.99 3.93
CA GLU A 23 -7.99 -6.18 3.16
C GLU A 23 -6.50 -6.12 2.76
N LEU A 24 -6.06 -4.97 2.20
CA LEU A 24 -4.65 -4.77 1.72
C LEU A 24 -3.62 -5.06 2.84
N GLU A 25 -3.82 -4.43 4.03
CA GLU A 25 -2.97 -4.68 5.22
C GLU A 25 -3.07 -6.14 5.71
N LYS A 26 -4.29 -6.70 5.73
CA LYS A 26 -4.54 -8.10 6.18
C LYS A 26 -3.73 -9.12 5.34
N VAL A 27 -3.65 -8.87 4.01
CA VAL A 27 -2.86 -9.69 3.07
C VAL A 27 -1.33 -9.45 3.26
N PHE A 28 -0.95 -8.18 3.48
CA PHE A 28 0.47 -7.77 3.63
C PHE A 28 1.13 -8.37 4.90
N GLN A 29 0.39 -8.38 6.02
CA GLN A 29 0.93 -8.85 7.32
C GLN A 29 1.01 -10.41 7.40
N LYS A 30 0.39 -11.11 6.44
CA LYS A 30 0.49 -12.59 6.30
C LYS A 30 1.56 -12.95 5.23
N THR A 31 1.51 -12.26 4.09
CA THR A 31 2.51 -12.35 3.00
C THR A 31 2.83 -10.95 2.43
N HIS A 32 4.10 -10.54 2.54
CA HIS A 32 4.56 -9.21 2.07
C HIS A 32 4.64 -9.14 0.54
N TYR A 33 4.62 -10.31 -0.13
CA TYR A 33 4.67 -10.44 -1.60
C TYR A 33 3.57 -11.44 -2.11
N PRO A 34 2.26 -11.00 -2.20
CA PRO A 34 1.16 -11.87 -2.71
C PRO A 34 1.21 -12.10 -4.26
N ASP A 35 1.01 -13.37 -4.67
CA ASP A 35 1.02 -13.79 -6.10
C ASP A 35 -0.33 -13.53 -6.81
N VAL A 36 -0.37 -13.86 -8.12
CA VAL A 36 -1.51 -13.53 -9.04
C VAL A 36 -2.90 -13.97 -8.51
N TYR A 37 -2.99 -15.18 -7.92
CA TYR A 37 -4.28 -15.74 -7.42
C TYR A 37 -4.77 -14.98 -6.17
N ALA A 38 -3.83 -14.61 -5.30
CA ALA A 38 -4.10 -13.75 -4.13
C ALA A 38 -4.54 -12.33 -4.57
N ARG A 39 -4.00 -11.86 -5.71
CA ARG A 39 -4.37 -10.56 -6.31
C ARG A 39 -5.77 -10.62 -6.93
N GLU A 40 -6.18 -11.80 -7.45
CA GLU A 40 -7.55 -12.01 -7.98
C GLU A 40 -8.59 -11.78 -6.87
N GLN A 41 -8.47 -12.56 -5.78
CA GLN A 41 -9.37 -12.47 -4.61
C GLN A 41 -9.38 -11.06 -3.98
N LEU A 42 -8.18 -10.49 -3.79
CA LEU A 42 -8.00 -9.14 -3.21
C LEU A 42 -8.70 -8.05 -4.06
N ALA A 43 -8.36 -7.98 -5.35
CA ALA A 43 -8.88 -6.94 -6.29
C ALA A 43 -10.41 -7.04 -6.53
N MET A 44 -10.96 -8.27 -6.53
CA MET A 44 -12.42 -8.50 -6.74
C MET A 44 -13.26 -7.99 -5.54
N ARG A 45 -12.81 -8.27 -4.31
CA ARG A 45 -13.48 -7.78 -3.07
C ARG A 45 -13.39 -6.25 -2.94
N THR A 46 -12.18 -5.72 -3.19
CA THR A 46 -11.84 -4.29 -2.98
C THR A 46 -12.20 -3.40 -4.20
N ASP A 47 -12.63 -4.03 -5.32
CA ASP A 47 -12.95 -3.35 -6.61
C ASP A 47 -11.72 -2.61 -7.22
N LEU A 48 -10.50 -3.13 -6.93
CA LEU A 48 -9.23 -2.57 -7.43
C LEU A 48 -8.75 -3.28 -8.72
N THR A 49 -7.75 -2.68 -9.37
CA THR A 49 -7.03 -3.27 -10.52
C THR A 49 -5.59 -3.65 -10.09
N GLU A 50 -5.05 -4.74 -10.68
CA GLU A 50 -3.69 -5.27 -10.37
C GLU A 50 -2.60 -4.17 -10.24
N ALA A 51 -2.60 -3.20 -11.18
CA ALA A 51 -1.60 -2.11 -11.20
C ALA A 51 -1.74 -1.16 -9.98
N ARG A 52 -2.99 -0.85 -9.57
CA ARG A 52 -3.27 0.05 -8.42
C ARG A 52 -2.96 -0.66 -7.08
N VAL A 53 -3.23 -1.98 -7.03
CA VAL A 53 -2.83 -2.87 -5.91
C VAL A 53 -1.29 -2.88 -5.77
N GLN A 54 -0.60 -2.98 -6.92
CA GLN A 54 0.87 -2.94 -7.00
C GLN A 54 1.47 -1.67 -6.37
N VAL A 55 0.95 -0.48 -6.74
CA VAL A 55 1.47 0.83 -6.23
C VAL A 55 1.54 0.86 -4.67
N TRP A 56 0.45 0.39 -4.04
CA TRP A 56 0.37 0.28 -2.57
C TRP A 56 1.48 -0.63 -2.00
N PHE A 57 1.64 -1.82 -2.62
CA PHE A 57 2.69 -2.81 -2.26
C PHE A 57 4.13 -2.33 -2.65
N GLN A 58 4.26 -1.40 -3.61
CA GLN A 58 5.59 -0.86 -3.98
C GLN A 58 6.18 -0.03 -2.82
N ASN A 59 5.37 0.89 -2.27
CA ASN A 59 5.75 1.71 -1.09
C ASN A 59 5.89 0.83 0.18
N ARG A 60 5.01 -0.17 0.29
CA ARG A 60 4.93 -1.06 1.47
C ARG A 60 6.21 -1.92 1.63
N ARG A 61 6.67 -2.52 0.52
CA ARG A 61 7.88 -3.38 0.50
C ARG A 61 9.18 -2.55 0.45
N ALA A 62 9.09 -1.30 -0.07
CA ALA A 62 10.22 -0.34 -0.03
C ALA A 62 10.53 0.07 1.43
N LYS A 63 9.46 0.32 2.21
CA LYS A 63 9.55 0.62 3.67
C LYS A 63 9.90 -0.63 4.49
N TRP A 64 9.47 -1.82 4.01
CA TRP A 64 9.84 -3.13 4.61
C TRP A 64 11.38 -3.35 4.54
N ARG A 65 11.99 -2.89 3.42
CA ARG A 65 13.46 -2.87 3.25
C ARG A 65 14.07 -1.54 3.81
N LYS A 66 15.41 -1.50 3.96
CA LYS A 66 16.12 -0.38 4.62
C LYS A 66 16.41 0.84 3.70
N ARG A 67 16.28 0.66 2.36
CA ARG A 67 16.61 1.72 1.38
C ARG A 67 15.43 2.05 0.44
N GLU A 68 15.18 3.35 0.27
CA GLU A 68 14.24 3.90 -0.74
C GLU A 68 14.99 4.06 -2.09
N ARG A 69 16.17 4.69 -2.01
CA ARG A 69 17.14 4.77 -3.12
C ARG A 69 18.21 3.67 -2.91
N PHE A 70 18.39 2.78 -3.89
CA PHE A 70 19.32 1.60 -3.77
C PHE A 70 20.79 2.04 -3.48
N GLY A 71 21.29 3.02 -4.24
CA GLY A 71 22.66 3.50 -4.06
C GLY A 71 23.08 4.47 -5.16
N GLN A 72 22.70 5.76 -5.00
CA GLN A 72 22.95 6.82 -6.00
C GLN A 72 23.16 8.21 -5.33
N MET A 73 23.84 9.11 -6.06
CA MET A 73 24.05 10.52 -5.64
C MET A 73 23.99 11.47 -6.86
N GLN A 74 23.31 12.61 -6.70
CA GLN A 74 23.24 13.68 -7.72
C GLN A 74 23.16 15.06 -7.01
N GLN A 75 23.86 15.16 -5.85
CA GLN A 75 23.94 16.36 -4.98
C GLN A 75 22.52 16.83 -4.46
N SER A 1 -20.59 3.37 -16.13
CA SER A 1 -20.91 3.54 -14.69
C SER A 1 -21.01 2.18 -13.97
N HIS A 2 -20.78 2.16 -12.64
CA HIS A 2 -20.81 0.92 -11.82
C HIS A 2 -21.20 1.24 -10.35
N MET A 3 -21.97 0.32 -9.72
CA MET A 3 -22.39 0.45 -8.31
C MET A 3 -21.22 0.11 -7.35
N SER A 4 -20.79 1.11 -6.55
CA SER A 4 -19.63 1.00 -5.63
C SER A 4 -19.55 2.24 -4.70
N ASN A 5 -18.63 2.21 -3.70
CA ASN A 5 -18.37 3.37 -2.81
C ASN A 5 -17.55 4.44 -3.57
N LYS A 6 -18.26 5.44 -4.13
CA LYS A 6 -17.67 6.47 -5.02
C LYS A 6 -17.94 7.92 -4.51
N GLY A 7 -17.43 8.20 -3.30
CA GLY A 7 -17.54 9.54 -2.70
C GLY A 7 -16.38 10.48 -3.09
N LYS A 8 -16.28 10.76 -4.41
CA LYS A 8 -15.17 11.56 -4.99
C LYS A 8 -15.46 13.08 -4.89
N LYS A 9 -14.84 13.74 -3.88
CA LYS A 9 -14.95 15.21 -3.69
C LYS A 9 -13.56 15.83 -3.32
N ARG A 10 -12.93 16.50 -4.32
CA ARG A 10 -11.64 17.23 -4.18
C ARG A 10 -10.43 16.32 -3.81
N ARG A 11 -9.39 16.33 -4.66
CA ARG A 11 -8.20 15.48 -4.51
C ARG A 11 -7.20 16.04 -3.46
N ASN A 12 -7.23 15.47 -2.23
CA ASN A 12 -6.15 15.67 -1.24
C ASN A 12 -5.27 14.39 -1.21
N ARG A 13 -5.75 13.34 -0.50
CA ARG A 13 -5.15 11.99 -0.50
C ARG A 13 -6.28 10.93 -0.62
N THR A 14 -7.17 11.10 -1.62
CA THR A 14 -8.33 10.22 -1.84
C THR A 14 -7.99 9.08 -2.86
N THR A 15 -7.28 8.04 -2.34
CA THR A 15 -6.83 6.87 -3.14
C THR A 15 -7.49 5.57 -2.63
N PHE A 16 -7.25 5.21 -1.36
CA PHE A 16 -7.77 3.95 -0.73
C PHE A 16 -8.61 4.25 0.53
N THR A 17 -9.83 3.68 0.62
CA THR A 17 -10.73 3.85 1.80
C THR A 17 -10.23 3.03 3.02
N SER A 18 -10.87 3.22 4.20
CA SER A 18 -10.50 2.52 5.46
C SER A 18 -10.64 0.98 5.32
N TYR A 19 -11.82 0.51 4.87
CA TYR A 19 -12.09 -0.91 4.56
C TYR A 19 -11.06 -1.48 3.55
N GLN A 20 -10.83 -0.70 2.48
CA GLN A 20 -9.94 -1.07 1.36
C GLN A 20 -8.51 -1.35 1.86
N LEU A 21 -7.99 -0.47 2.74
CA LEU A 21 -6.66 -0.63 3.38
C LEU A 21 -6.58 -1.86 4.31
N GLU A 22 -7.71 -2.23 4.97
CA GLU A 22 -7.75 -3.43 5.88
C GLU A 22 -7.58 -4.74 5.09
N GLU A 23 -8.20 -4.82 3.90
CA GLU A 23 -8.11 -6.02 3.03
C GLU A 23 -6.71 -6.15 2.40
N LEU A 24 -6.17 -5.00 1.94
CA LEU A 24 -4.79 -4.93 1.37
C LEU A 24 -3.73 -5.37 2.42
N GLU A 25 -3.86 -4.84 3.65
CA GLU A 25 -3.02 -5.21 4.82
C GLU A 25 -3.20 -6.70 5.23
N LYS A 26 -4.43 -7.22 5.10
CA LYS A 26 -4.78 -8.64 5.43
C LYS A 26 -3.87 -9.63 4.65
N VAL A 27 -3.67 -9.35 3.35
CA VAL A 27 -2.80 -10.16 2.47
C VAL A 27 -1.29 -9.85 2.70
N PHE A 28 -0.97 -8.58 3.08
CA PHE A 28 0.43 -8.14 3.37
C PHE A 28 1.00 -8.82 4.64
N GLN A 29 0.14 -9.01 5.64
CA GLN A 29 0.54 -9.61 6.94
C GLN A 29 0.67 -11.15 6.87
N LYS A 30 0.11 -11.75 5.79
CA LYS A 30 0.36 -13.17 5.43
C LYS A 30 1.65 -13.29 4.58
N THR A 31 1.76 -12.43 3.55
CA THR A 31 2.92 -12.40 2.63
C THR A 31 3.13 -10.98 2.06
N HIS A 32 4.39 -10.52 2.10
CA HIS A 32 4.80 -9.21 1.56
C HIS A 32 4.89 -9.23 0.01
N TYR A 33 4.86 -10.46 -0.54
CA TYR A 33 4.88 -10.73 -1.99
C TYR A 33 3.61 -11.54 -2.40
N PRO A 34 2.50 -10.86 -2.80
CA PRO A 34 1.21 -11.54 -3.14
C PRO A 34 1.30 -12.38 -4.44
N ASP A 35 0.71 -13.58 -4.40
CA ASP A 35 0.57 -14.48 -5.58
C ASP A 35 -0.34 -13.84 -6.66
N VAL A 36 -0.22 -14.29 -7.93
CA VAL A 36 -1.05 -13.73 -9.05
C VAL A 36 -2.57 -13.88 -8.76
N TYR A 37 -2.95 -15.06 -8.24
CA TYR A 37 -4.33 -15.39 -7.86
C TYR A 37 -4.78 -14.53 -6.65
N ALA A 38 -3.85 -14.35 -5.68
CA ALA A 38 -4.08 -13.52 -4.47
C ALA A 38 -4.34 -12.03 -4.82
N ARG A 39 -3.66 -11.53 -5.88
CA ARG A 39 -3.81 -10.13 -6.37
C ARG A 39 -5.20 -9.92 -6.99
N GLU A 40 -5.67 -10.92 -7.74
CA GLU A 40 -7.00 -10.92 -8.40
C GLU A 40 -8.15 -10.94 -7.37
N GLN A 41 -8.06 -11.87 -6.40
CA GLN A 41 -9.08 -12.02 -5.32
C GLN A 41 -9.10 -10.79 -4.38
N LEU A 42 -7.92 -10.18 -4.17
CA LEU A 42 -7.79 -8.94 -3.37
C LEU A 42 -8.39 -7.73 -4.12
N ALA A 43 -8.19 -7.70 -5.45
CA ALA A 43 -8.83 -6.67 -6.33
C ALA A 43 -10.38 -6.75 -6.26
N MET A 44 -10.90 -7.98 -6.07
CA MET A 44 -12.35 -8.23 -5.85
C MET A 44 -12.81 -7.72 -4.47
N ARG A 45 -11.93 -7.84 -3.45
CA ARG A 45 -12.21 -7.34 -2.07
C ARG A 45 -12.28 -5.79 -2.03
N THR A 46 -11.42 -5.14 -2.83
CA THR A 46 -11.13 -3.68 -2.72
C THR A 46 -11.60 -2.83 -3.92
N ASP A 47 -12.29 -3.47 -4.90
CA ASP A 47 -12.77 -2.80 -6.16
C ASP A 47 -11.59 -2.29 -7.06
N LEU A 48 -10.35 -2.77 -6.78
CA LEU A 48 -9.14 -2.36 -7.52
C LEU A 48 -8.91 -3.22 -8.78
N THR A 49 -7.85 -2.86 -9.50
CA THR A 49 -7.28 -3.66 -10.60
C THR A 49 -5.92 -4.25 -10.13
N GLU A 50 -5.48 -5.37 -10.76
CA GLU A 50 -4.20 -6.06 -10.41
C GLU A 50 -2.99 -5.08 -10.35
N ALA A 51 -2.98 -4.10 -11.26
CA ALA A 51 -1.97 -3.00 -11.26
C ALA A 51 -1.93 -2.26 -9.91
N ARG A 52 -3.09 -1.74 -9.45
CA ARG A 52 -3.20 -0.94 -8.20
C ARG A 52 -2.96 -1.78 -6.93
N VAL A 53 -3.19 -3.11 -7.01
CA VAL A 53 -2.82 -4.06 -5.94
C VAL A 53 -1.28 -4.15 -5.81
N GLN A 54 -0.60 -4.44 -6.94
CA GLN A 54 0.88 -4.54 -7.01
C GLN A 54 1.57 -3.24 -6.54
N VAL A 55 1.14 -2.09 -7.10
CA VAL A 55 1.66 -0.74 -6.77
C VAL A 55 1.53 -0.44 -5.25
N TRP A 56 0.40 -0.86 -4.64
CA TRP A 56 0.21 -0.72 -3.17
C TRP A 56 1.34 -1.43 -2.41
N PHE A 57 1.54 -2.74 -2.72
CA PHE A 57 2.57 -3.60 -2.06
C PHE A 57 4.02 -3.09 -2.29
N GLN A 58 4.30 -2.49 -3.47
CA GLN A 58 5.66 -1.95 -3.79
C GLN A 58 6.03 -0.78 -2.85
N ASN A 59 5.13 0.22 -2.75
CA ASN A 59 5.32 1.40 -1.86
C ASN A 59 5.12 1.00 -0.37
N ARG A 60 4.34 -0.06 -0.12
CA ARG A 60 4.09 -0.58 1.24
C ARG A 60 5.35 -1.25 1.83
N ARG A 61 6.12 -1.96 0.97
CA ARG A 61 7.42 -2.56 1.35
C ARG A 61 8.49 -1.46 1.53
N ALA A 62 8.45 -0.42 0.68
CA ALA A 62 9.35 0.76 0.79
C ALA A 62 9.10 1.55 2.10
N LYS A 63 7.84 1.50 2.59
CA LYS A 63 7.43 2.11 3.87
C LYS A 63 7.81 1.21 5.08
N TRP A 64 7.45 -0.09 4.97
CA TRP A 64 7.58 -1.08 6.06
C TRP A 64 9.06 -1.46 6.32
N ARG A 65 9.77 -1.88 5.27
CA ARG A 65 11.20 -2.26 5.36
C ARG A 65 12.07 -0.98 5.52
N LYS A 66 12.26 -0.54 6.78
CA LYS A 66 12.93 0.73 7.10
C LYS A 66 13.75 0.61 8.40
N ARG A 67 15.08 0.72 8.27
CA ARG A 67 16.05 0.72 9.41
C ARG A 67 16.30 2.18 9.93
N GLU A 68 16.02 3.18 9.05
CA GLU A 68 16.48 4.59 9.15
C GLU A 68 17.93 4.74 8.62
N ARG A 69 18.19 5.89 7.99
CA ARG A 69 19.50 6.21 7.37
C ARG A 69 20.29 7.25 8.19
N PHE A 70 21.59 7.39 7.84
CA PHE A 70 22.41 8.54 8.28
C PHE A 70 22.05 9.79 7.44
N GLY A 71 22.32 10.99 7.98
CA GLY A 71 22.07 12.25 7.26
C GLY A 71 23.25 12.63 6.34
N GLN A 72 23.90 13.76 6.67
CA GLN A 72 25.09 14.28 5.93
C GLN A 72 25.79 15.38 6.77
N MET A 73 24.99 16.39 7.19
CA MET A 73 25.49 17.51 8.02
C MET A 73 24.34 18.12 8.85
N GLN A 74 23.19 18.38 8.17
CA GLN A 74 22.00 19.03 8.77
C GLN A 74 22.35 20.40 9.39
N GLN A 75 22.84 21.29 8.52
CA GLN A 75 23.32 22.65 8.90
C GLN A 75 22.15 23.70 8.87
N SER A 1 29.85 16.92 3.11
CA SER A 1 28.66 17.81 2.98
C SER A 1 27.69 17.27 1.90
N HIS A 2 26.94 16.22 2.25
CA HIS A 2 25.92 15.61 1.36
C HIS A 2 24.61 16.44 1.39
N MET A 3 24.07 16.77 0.21
CA MET A 3 22.91 17.69 0.07
C MET A 3 22.14 17.44 -1.25
N SER A 4 21.26 18.40 -1.63
CA SER A 4 20.49 18.42 -2.93
C SER A 4 19.33 17.40 -2.98
N ASN A 5 19.08 16.69 -1.86
CA ASN A 5 18.02 15.66 -1.77
C ASN A 5 16.63 16.31 -1.57
N LYS A 6 15.85 16.39 -2.66
CA LYS A 6 14.44 16.85 -2.63
C LYS A 6 13.54 15.85 -3.38
N GLY A 7 12.97 14.89 -2.61
CA GLY A 7 12.02 13.91 -3.16
C GLY A 7 10.62 14.47 -3.40
N LYS A 8 9.64 13.58 -3.61
CA LYS A 8 8.24 13.98 -3.84
C LYS A 8 7.52 14.23 -2.49
N LYS A 9 7.06 15.49 -2.28
CA LYS A 9 6.24 15.88 -1.11
C LYS A 9 4.72 15.60 -1.36
N ARG A 10 4.45 14.56 -2.17
CA ARG A 10 3.11 14.21 -2.64
C ARG A 10 2.33 13.46 -1.54
N ARG A 11 1.44 14.19 -0.83
CA ARG A 11 0.54 13.58 0.18
C ARG A 11 -0.58 12.78 -0.52
N ASN A 12 -0.23 11.56 -0.97
CA ASN A 12 -1.15 10.69 -1.71
C ASN A 12 -2.12 9.97 -0.73
N ARG A 13 -3.29 10.58 -0.53
CA ARG A 13 -4.37 10.03 0.29
C ARG A 13 -5.73 10.46 -0.32
N THR A 14 -6.04 9.86 -1.48
CA THR A 14 -7.27 10.16 -2.26
C THR A 14 -7.66 8.96 -3.17
N THR A 15 -6.98 7.81 -2.97
CA THR A 15 -7.09 6.62 -3.84
C THR A 15 -7.79 5.44 -3.10
N PHE A 16 -7.13 4.90 -2.06
CA PHE A 16 -7.61 3.72 -1.33
C PHE A 16 -8.54 4.11 -0.16
N THR A 17 -9.71 3.45 -0.04
CA THR A 17 -10.63 3.64 1.11
C THR A 17 -10.07 2.94 2.37
N SER A 18 -10.67 3.22 3.55
CA SER A 18 -10.28 2.57 4.82
C SER A 18 -10.55 1.05 4.77
N TYR A 19 -11.71 0.67 4.20
CA TYR A 19 -12.07 -0.75 3.94
C TYR A 19 -11.02 -1.46 3.05
N GLN A 20 -10.60 -0.78 1.98
CA GLN A 20 -9.57 -1.29 1.05
C GLN A 20 -8.24 -1.55 1.79
N LEU A 21 -7.80 -0.59 2.62
CA LEU A 21 -6.56 -0.73 3.43
C LEU A 21 -6.64 -1.91 4.42
N GLU A 22 -7.85 -2.24 4.93
CA GLU A 22 -8.07 -3.40 5.83
C GLU A 22 -7.67 -4.72 5.13
N GLU A 23 -8.18 -4.95 3.92
CA GLU A 23 -7.90 -6.16 3.12
C GLU A 23 -6.47 -6.15 2.50
N LEU A 24 -5.98 -4.96 2.09
CA LEU A 24 -4.61 -4.80 1.53
C LEU A 24 -3.54 -5.19 2.58
N GLU A 25 -3.65 -4.63 3.81
CA GLU A 25 -2.82 -5.02 4.97
C GLU A 25 -2.99 -6.51 5.32
N LYS A 26 -4.25 -6.97 5.36
CA LYS A 26 -4.60 -8.38 5.69
C LYS A 26 -3.89 -9.41 4.77
N VAL A 27 -3.80 -9.10 3.46
CA VAL A 27 -3.02 -9.90 2.48
C VAL A 27 -1.50 -9.75 2.72
N PHE A 28 -1.05 -8.52 3.04
CA PHE A 28 0.39 -8.22 3.31
C PHE A 28 0.94 -8.98 4.54
N GLN A 29 0.12 -9.11 5.60
CA GLN A 29 0.54 -9.75 6.87
C GLN A 29 0.60 -11.29 6.74
N LYS A 30 -0.26 -11.86 5.88
CA LYS A 30 -0.19 -13.29 5.50
C LYS A 30 1.04 -13.54 4.60
N THR A 31 1.16 -12.70 3.55
CA THR A 31 2.21 -12.80 2.52
C THR A 31 2.62 -11.38 2.04
N HIS A 32 3.85 -10.96 2.41
CA HIS A 32 4.39 -9.62 2.04
C HIS A 32 4.49 -9.44 0.51
N TYR A 33 4.66 -10.56 -0.19
CA TYR A 33 4.75 -10.60 -1.66
C TYR A 33 3.57 -11.45 -2.22
N PRO A 34 2.37 -10.83 -2.51
CA PRO A 34 1.21 -11.57 -3.07
C PRO A 34 1.44 -12.04 -4.53
N ASP A 35 1.09 -13.32 -4.79
CA ASP A 35 1.13 -13.92 -6.14
C ASP A 35 -0.10 -13.49 -6.99
N VAL A 36 -0.23 -14.05 -8.21
CA VAL A 36 -1.36 -13.74 -9.14
C VAL A 36 -2.73 -14.07 -8.50
N TYR A 37 -2.83 -15.23 -7.82
CA TYR A 37 -4.08 -15.74 -7.21
C TYR A 37 -4.44 -14.94 -5.95
N ALA A 38 -3.42 -14.55 -5.17
CA ALA A 38 -3.58 -13.64 -4.02
C ALA A 38 -4.14 -12.25 -4.47
N ARG A 39 -3.74 -11.81 -5.67
CA ARG A 39 -4.26 -10.58 -6.31
C ARG A 39 -5.68 -10.76 -6.87
N GLU A 40 -6.03 -11.99 -7.35
CA GLU A 40 -7.40 -12.28 -7.87
C GLU A 40 -8.46 -12.01 -6.77
N GLN A 41 -8.23 -12.65 -5.61
CA GLN A 41 -9.14 -12.57 -4.44
C GLN A 41 -9.20 -11.12 -3.88
N LEU A 42 -8.02 -10.50 -3.74
CA LEU A 42 -7.87 -9.13 -3.18
C LEU A 42 -8.48 -8.03 -4.09
N ALA A 43 -8.27 -8.14 -5.40
CA ALA A 43 -8.77 -7.14 -6.39
C ALA A 43 -10.32 -7.18 -6.52
N MET A 44 -10.91 -8.38 -6.38
CA MET A 44 -12.38 -8.55 -6.36
C MET A 44 -12.97 -8.04 -5.01
N ARG A 45 -12.24 -8.31 -3.91
CA ARG A 45 -12.58 -7.88 -2.53
C ARG A 45 -12.70 -6.33 -2.45
N THR A 46 -11.63 -5.65 -2.86
CA THR A 46 -11.46 -4.18 -2.74
C THR A 46 -12.00 -3.40 -3.96
N ASP A 47 -12.40 -4.13 -5.02
CA ASP A 47 -12.90 -3.56 -6.31
C ASP A 47 -11.80 -2.79 -7.09
N LEU A 48 -10.52 -3.06 -6.76
CA LEU A 48 -9.36 -2.36 -7.35
C LEU A 48 -8.80 -3.07 -8.59
N THR A 49 -8.18 -2.27 -9.48
CA THR A 49 -7.41 -2.76 -10.65
C THR A 49 -6.13 -3.53 -10.18
N GLU A 50 -5.66 -4.50 -10.98
CA GLU A 50 -4.39 -5.24 -10.70
C GLU A 50 -3.21 -4.26 -10.49
N ALA A 51 -3.08 -3.30 -11.43
CA ALA A 51 -2.05 -2.22 -11.39
C ALA A 51 -2.15 -1.36 -10.10
N ARG A 52 -3.39 -1.14 -9.63
CA ARG A 52 -3.67 -0.37 -8.39
C ARG A 52 -3.11 -1.11 -7.14
N VAL A 53 -3.36 -2.43 -7.09
CA VAL A 53 -2.86 -3.34 -6.04
C VAL A 53 -1.30 -3.39 -6.03
N GLN A 54 -0.69 -3.42 -7.25
CA GLN A 54 0.78 -3.41 -7.41
C GLN A 54 1.43 -2.20 -6.70
N VAL A 55 0.94 -0.99 -7.05
CA VAL A 55 1.42 0.31 -6.51
C VAL A 55 1.48 0.30 -4.95
N TRP A 56 0.39 -0.17 -4.31
CA TRP A 56 0.28 -0.19 -2.84
C TRP A 56 1.43 -1.02 -2.20
N PHE A 57 1.60 -2.27 -2.65
CA PHE A 57 2.62 -3.19 -2.12
C PHE A 57 4.07 -2.71 -2.40
N GLN A 58 4.29 -2.01 -3.53
CA GLN A 58 5.63 -1.45 -3.86
C GLN A 58 6.07 -0.38 -2.81
N ASN A 59 5.14 0.54 -2.48
CA ASN A 59 5.38 1.59 -1.45
C ASN A 59 5.38 0.99 -0.01
N ARG A 60 4.58 -0.07 0.20
CA ARG A 60 4.40 -0.71 1.53
C ARG A 60 5.70 -1.44 2.00
N ARG A 61 6.32 -2.20 1.08
CA ARG A 61 7.62 -2.90 1.33
C ARG A 61 8.78 -1.89 1.45
N ALA A 62 8.72 -0.82 0.62
CA ALA A 62 9.70 0.27 0.63
C ALA A 62 9.74 1.00 1.99
N LYS A 63 8.56 1.19 2.61
CA LYS A 63 8.44 1.79 3.97
C LYS A 63 8.73 0.73 5.06
N TRP A 64 8.37 -0.56 4.80
CA TRP A 64 8.58 -1.67 5.77
C TRP A 64 10.09 -1.84 6.09
N ARG A 65 10.94 -1.67 5.07
CA ARG A 65 12.41 -1.66 5.22
C ARG A 65 12.96 -0.22 5.41
N LYS A 66 12.13 0.79 5.03
CA LYS A 66 12.43 2.27 5.08
C LYS A 66 13.89 2.62 4.65
N ARG A 67 14.22 2.18 3.44
CA ARG A 67 15.58 2.30 2.84
C ARG A 67 15.67 3.48 1.85
N GLU A 68 16.72 4.32 1.98
CA GLU A 68 17.06 5.36 0.98
C GLU A 68 17.49 4.70 -0.35
N ARG A 69 16.91 5.18 -1.46
CA ARG A 69 17.11 4.58 -2.80
C ARG A 69 16.87 5.64 -3.89
N PHE A 70 17.94 6.36 -4.27
CA PHE A 70 17.90 7.40 -5.33
C PHE A 70 17.56 6.81 -6.72
N GLY A 71 16.72 7.52 -7.49
CA GLY A 71 16.26 7.06 -8.81
C GLY A 71 17.13 7.54 -9.98
N GLN A 72 17.22 6.72 -11.04
CA GLN A 72 17.99 7.01 -12.27
C GLN A 72 17.04 7.36 -13.47
N MET A 73 15.88 7.97 -13.16
CA MET A 73 14.79 8.21 -14.14
C MET A 73 15.22 9.17 -15.29
N GLN A 74 15.65 8.57 -16.42
CA GLN A 74 16.08 9.28 -17.65
C GLN A 74 14.89 9.40 -18.64
N GLN A 75 14.63 10.62 -19.15
CA GLN A 75 13.51 10.90 -20.09
C GLN A 75 13.97 11.76 -21.30
N SER A 1 5.23 12.90 -7.93
CA SER A 1 5.11 13.76 -9.14
C SER A 1 5.28 12.91 -10.43
N HIS A 2 4.48 13.20 -11.48
CA HIS A 2 4.46 12.40 -12.74
C HIS A 2 5.00 13.21 -13.95
N MET A 3 4.55 14.49 -14.06
CA MET A 3 4.93 15.40 -15.18
C MET A 3 4.74 16.90 -14.82
N SER A 4 4.87 17.25 -13.52
CA SER A 4 4.83 18.67 -13.07
C SER A 4 6.17 19.38 -13.36
N ASN A 5 6.33 19.82 -14.62
CA ASN A 5 7.60 20.36 -15.16
C ASN A 5 7.91 21.79 -14.64
N LYS A 6 6.86 22.57 -14.35
CA LYS A 6 7.01 23.96 -13.81
C LYS A 6 7.25 23.98 -12.28
N GLY A 7 7.29 22.79 -11.64
CA GLY A 7 7.67 22.66 -10.23
C GLY A 7 6.62 23.14 -9.23
N LYS A 8 5.34 22.78 -9.46
CA LYS A 8 4.24 22.96 -8.48
C LYS A 8 3.84 21.62 -7.86
N LYS A 9 3.93 21.54 -6.52
CA LYS A 9 3.65 20.32 -5.73
C LYS A 9 2.18 19.86 -5.86
N ARG A 10 1.25 20.86 -5.88
CA ARG A 10 -0.23 20.64 -5.90
C ARG A 10 -0.76 19.89 -4.65
N ARG A 11 -2.08 19.75 -4.56
CA ARG A 11 -2.75 18.93 -3.52
C ARG A 11 -2.61 17.43 -3.88
N ASN A 12 -2.15 16.60 -2.92
CA ASN A 12 -1.97 15.15 -3.14
C ASN A 12 -3.34 14.42 -3.34
N ARG A 13 -3.34 13.44 -4.25
CA ARG A 13 -4.58 12.77 -4.74
C ARG A 13 -4.92 11.56 -3.83
N THR A 14 -6.20 11.46 -3.40
CA THR A 14 -6.71 10.33 -2.60
C THR A 14 -6.76 9.03 -3.45
N THR A 15 -5.98 8.01 -3.05
CA THR A 15 -5.86 6.74 -3.81
C THR A 15 -6.87 5.68 -3.27
N PHE A 16 -6.67 5.18 -2.04
CA PHE A 16 -7.46 4.06 -1.47
C PHE A 16 -8.41 4.52 -0.33
N THR A 17 -9.42 3.67 -0.03
CA THR A 17 -10.39 3.89 1.09
C THR A 17 -9.98 3.06 2.33
N SER A 18 -10.57 3.37 3.50
CA SER A 18 -10.31 2.65 4.77
C SER A 18 -10.72 1.15 4.68
N TYR A 19 -11.82 0.89 3.93
CA TYR A 19 -12.27 -0.48 3.60
C TYR A 19 -11.18 -1.28 2.84
N GLN A 20 -10.63 -0.64 1.79
CA GLN A 20 -9.61 -1.25 0.93
C GLN A 20 -8.31 -1.54 1.72
N LEU A 21 -7.88 -0.57 2.54
CA LEU A 21 -6.67 -0.71 3.41
C LEU A 21 -6.83 -1.84 4.47
N GLU A 22 -8.08 -2.08 4.91
CA GLU A 22 -8.43 -3.16 5.88
C GLU A 22 -8.05 -4.56 5.31
N GLU A 23 -8.37 -4.77 4.02
CA GLU A 23 -8.10 -6.03 3.29
C GLU A 23 -6.61 -6.11 2.86
N LEU A 24 -6.10 -5.00 2.26
CA LEU A 24 -4.71 -4.87 1.75
C LEU A 24 -3.65 -5.22 2.83
N GLU A 25 -3.81 -4.64 4.04
CA GLU A 25 -2.89 -4.87 5.19
C GLU A 25 -2.86 -6.35 5.64
N LYS A 26 -4.04 -6.98 5.78
CA LYS A 26 -4.15 -8.42 6.17
C LYS A 26 -3.43 -9.35 5.18
N VAL A 27 -3.62 -9.10 3.88
CA VAL A 27 -2.92 -9.83 2.79
C VAL A 27 -1.40 -9.56 2.83
N PHE A 28 -1.00 -8.32 3.15
CA PHE A 28 0.43 -7.89 3.21
C PHE A 28 1.22 -8.62 4.31
N GLN A 29 0.65 -8.67 5.53
CA GLN A 29 1.34 -9.25 6.72
C GLN A 29 1.58 -10.77 6.56
N LYS A 30 0.72 -11.42 5.73
CA LYS A 30 0.84 -12.86 5.41
C LYS A 30 1.74 -13.10 4.16
N THR A 31 1.60 -12.23 3.14
CA THR A 31 2.41 -12.26 1.91
C THR A 31 2.65 -10.84 1.37
N HIS A 32 3.92 -10.48 1.16
CA HIS A 32 4.34 -9.14 0.68
C HIS A 32 4.31 -9.06 -0.87
N TYR A 33 3.90 -10.18 -1.50
CA TYR A 33 3.79 -10.33 -2.96
C TYR A 33 2.70 -11.39 -3.30
N PRO A 34 1.42 -10.98 -3.58
CA PRO A 34 0.32 -11.94 -3.88
C PRO A 34 0.47 -12.64 -5.26
N ASP A 35 0.24 -13.97 -5.29
CA ASP A 35 0.25 -14.80 -6.54
C ASP A 35 -0.91 -14.41 -7.48
N VAL A 36 -0.99 -15.04 -8.68
CA VAL A 36 -2.01 -14.68 -9.72
C VAL A 36 -3.47 -14.80 -9.18
N TYR A 37 -3.75 -15.89 -8.44
CA TYR A 37 -5.10 -16.13 -7.87
C TYR A 37 -5.29 -15.35 -6.54
N ALA A 38 -4.19 -15.12 -5.80
CA ALA A 38 -4.20 -14.25 -4.58
C ALA A 38 -4.50 -12.78 -4.93
N ARG A 39 -4.11 -12.35 -6.16
CA ARG A 39 -4.46 -11.04 -6.73
C ARG A 39 -5.96 -11.01 -7.11
N GLU A 40 -6.48 -12.15 -7.60
CA GLU A 40 -7.95 -12.30 -7.87
C GLU A 40 -8.78 -12.13 -6.59
N GLN A 41 -8.35 -12.79 -5.49
CA GLN A 41 -9.00 -12.67 -4.17
C GLN A 41 -9.03 -11.21 -3.68
N LEU A 42 -7.84 -10.60 -3.59
CA LEU A 42 -7.65 -9.23 -3.08
C LEU A 42 -8.34 -8.15 -3.97
N ALA A 43 -8.25 -8.30 -5.30
CA ALA A 43 -8.91 -7.38 -6.27
C ALA A 43 -10.45 -7.47 -6.21
N MET A 44 -10.98 -8.66 -5.83
CA MET A 44 -12.45 -8.85 -5.60
C MET A 44 -12.85 -8.47 -4.14
N ARG A 45 -11.86 -8.33 -3.24
CA ARG A 45 -12.06 -7.88 -1.84
C ARG A 45 -11.94 -6.35 -1.67
N THR A 46 -11.25 -5.67 -2.60
CA THR A 46 -11.00 -4.20 -2.56
C THR A 46 -11.57 -3.46 -3.80
N ASP A 47 -11.79 -4.21 -4.90
CA ASP A 47 -12.22 -3.66 -6.21
C ASP A 47 -11.15 -2.70 -6.81
N LEU A 48 -9.93 -3.23 -7.03
CA LEU A 48 -8.78 -2.46 -7.58
C LEU A 48 -8.22 -3.11 -8.86
N THR A 49 -7.53 -2.31 -9.71
CA THR A 49 -6.69 -2.83 -10.82
C THR A 49 -5.45 -3.57 -10.25
N GLU A 50 -5.00 -4.67 -10.90
CA GLU A 50 -3.85 -5.48 -10.44
C GLU A 50 -2.56 -4.64 -10.30
N ALA A 51 -2.34 -3.70 -11.27
CA ALA A 51 -1.20 -2.75 -11.23
C ALA A 51 -1.27 -1.81 -10.02
N ARG A 52 -2.50 -1.32 -9.73
CA ARG A 52 -2.80 -0.40 -8.60
C ARG A 52 -2.61 -1.10 -7.22
N VAL A 53 -2.94 -2.41 -7.17
CA VAL A 53 -2.66 -3.28 -6.00
C VAL A 53 -1.13 -3.34 -5.73
N GLN A 54 -0.37 -3.59 -6.80
CA GLN A 54 1.11 -3.66 -6.75
C GLN A 54 1.75 -2.30 -6.32
N VAL A 55 1.15 -1.16 -6.74
CA VAL A 55 1.59 0.20 -6.29
C VAL A 55 1.56 0.32 -4.74
N TRP A 56 0.43 -0.14 -4.14
CA TRP A 56 0.26 -0.15 -2.68
C TRP A 56 1.39 -0.97 -2.01
N PHE A 57 1.59 -2.21 -2.50
CA PHE A 57 2.62 -3.13 -1.96
C PHE A 57 4.06 -2.57 -2.10
N GLN A 58 4.36 -1.83 -3.19
CA GLN A 58 5.70 -1.22 -3.39
C GLN A 58 5.99 -0.13 -2.33
N ASN A 59 5.03 0.81 -2.16
CA ASN A 59 5.12 1.89 -1.15
C ASN A 59 5.10 1.33 0.29
N ARG A 60 4.33 0.25 0.48
CA ARG A 60 4.14 -0.39 1.81
C ARG A 60 5.39 -1.17 2.25
N ARG A 61 6.04 -1.89 1.30
CA ARG A 61 7.34 -2.60 1.54
C ARG A 61 8.49 -1.59 1.77
N ALA A 62 8.41 -0.43 1.08
CA ALA A 62 9.40 0.67 1.19
C ALA A 62 9.42 1.26 2.63
N LYS A 63 8.22 1.53 3.18
CA LYS A 63 8.07 2.12 4.54
C LYS A 63 8.19 1.01 5.62
N TRP A 64 7.89 -0.25 5.26
CA TRP A 64 7.99 -1.43 6.17
C TRP A 64 9.44 -1.63 6.66
N ARG A 65 10.40 -1.28 5.78
CA ARG A 65 11.83 -1.29 6.10
C ARG A 65 12.19 -0.20 7.14
N LYS A 66 12.77 -0.64 8.28
CA LYS A 66 13.18 0.22 9.41
C LYS A 66 11.97 0.93 10.09
N ARG A 67 12.26 1.98 10.91
CA ARG A 67 11.34 2.53 11.96
C ARG A 67 11.27 1.52 13.14
N GLU A 68 10.83 0.27 12.81
CA GLU A 68 11.00 -0.98 13.63
C GLU A 68 10.54 -0.87 15.11
N ARG A 69 10.76 -1.96 15.89
CA ARG A 69 10.45 -2.03 17.34
C ARG A 69 8.90 -1.99 17.63
N PHE A 70 8.49 -2.61 18.76
CA PHE A 70 7.10 -2.68 19.27
C PHE A 70 6.21 -3.66 18.46
N GLY A 71 6.10 -3.47 17.13
CA GLY A 71 5.36 -4.38 16.24
C GLY A 71 6.06 -5.73 16.06
N GLN A 72 6.02 -6.56 17.12
CA GLN A 72 6.75 -7.85 17.19
C GLN A 72 5.91 -9.00 16.61
N MET A 73 6.55 -9.85 15.79
CA MET A 73 5.92 -11.03 15.16
C MET A 73 7.03 -12.08 14.81
N GLN A 74 6.74 -13.37 15.08
CA GLN A 74 7.68 -14.48 14.82
C GLN A 74 7.61 -14.84 13.31
N GLN A 75 8.48 -14.20 12.50
CA GLN A 75 8.59 -14.47 11.05
C GLN A 75 9.60 -15.63 10.79
N SER A 1 -5.70 -4.62 17.75
CA SER A 1 -7.01 -3.89 17.66
C SER A 1 -7.20 -2.97 18.88
N HIS A 2 -7.30 -1.64 18.62
CA HIS A 2 -7.42 -0.62 19.69
C HIS A 2 -8.22 0.60 19.17
N MET A 3 -9.16 1.10 19.98
CA MET A 3 -9.95 2.30 19.66
C MET A 3 -9.06 3.57 19.68
N SER A 4 -9.09 4.33 18.55
CA SER A 4 -8.40 5.65 18.39
C SER A 4 -6.84 5.54 18.39
N ASN A 5 -6.23 5.71 17.21
CA ASN A 5 -4.77 5.92 17.06
C ASN A 5 -4.51 7.30 16.39
N LYS A 6 -3.88 8.23 17.11
CA LYS A 6 -3.50 9.54 16.55
C LYS A 6 -2.15 9.42 15.79
N GLY A 7 -2.25 9.17 14.48
CA GLY A 7 -1.07 9.01 13.61
C GLY A 7 -1.36 9.46 12.18
N LYS A 8 -2.52 8.99 11.64
CA LYS A 8 -3.05 9.38 10.31
C LYS A 8 -2.06 9.01 9.17
N LYS A 9 -2.09 7.74 8.77
CA LYS A 9 -1.29 7.22 7.63
C LYS A 9 -2.12 7.14 6.33
N ARG A 10 -3.22 7.91 6.27
CA ARG A 10 -4.08 8.05 5.07
C ARG A 10 -3.43 9.04 4.05
N ARG A 11 -2.60 9.97 4.57
CA ARG A 11 -1.83 10.96 3.76
C ARG A 11 -2.74 11.88 2.88
N ASN A 12 -2.96 11.49 1.60
CA ASN A 12 -3.75 12.26 0.60
C ASN A 12 -3.65 11.55 -0.79
N ARG A 13 -4.51 11.93 -1.76
CA ARG A 13 -4.57 11.34 -3.14
C ARG A 13 -4.93 9.82 -3.15
N THR A 14 -5.21 9.23 -1.98
CA THR A 14 -5.49 7.79 -1.87
C THR A 14 -6.90 7.46 -2.36
N THR A 15 -6.98 6.77 -3.51
CA THR A 15 -8.25 6.27 -4.10
C THR A 15 -8.66 4.93 -3.47
N PHE A 16 -8.50 4.85 -2.14
CA PHE A 16 -8.70 3.63 -1.34
C PHE A 16 -9.62 3.94 -0.13
N THR A 17 -10.69 3.14 0.05
CA THR A 17 -11.58 3.26 1.21
C THR A 17 -10.95 2.58 2.46
N SER A 18 -11.61 2.73 3.62
CA SER A 18 -11.16 2.08 4.88
C SER A 18 -11.18 0.53 4.77
N TYR A 19 -12.20 -0.01 4.09
CA TYR A 19 -12.29 -1.47 3.78
C TYR A 19 -11.17 -1.92 2.82
N GLN A 20 -10.95 -1.16 1.72
CA GLN A 20 -9.93 -1.50 0.69
C GLN A 20 -8.50 -1.53 1.30
N LEU A 21 -8.13 -0.46 2.04
CA LEU A 21 -6.82 -0.39 2.76
C LEU A 21 -6.65 -1.53 3.78
N GLU A 22 -7.74 -1.90 4.48
CA GLU A 22 -7.73 -3.00 5.45
C GLU A 22 -7.39 -4.34 4.75
N GLU A 23 -8.11 -4.65 3.67
CA GLU A 23 -7.93 -5.89 2.87
C GLU A 23 -6.49 -6.00 2.28
N LEU A 24 -5.99 -4.87 1.73
CA LEU A 24 -4.59 -4.76 1.22
C LEU A 24 -3.57 -5.09 2.34
N GLU A 25 -3.80 -4.50 3.53
CA GLU A 25 -3.00 -4.76 4.75
C GLU A 25 -3.04 -6.26 5.17
N LYS A 26 -4.25 -6.85 5.17
CA LYS A 26 -4.49 -8.27 5.60
C LYS A 26 -3.61 -9.26 4.80
N VAL A 27 -3.60 -9.08 3.46
CA VAL A 27 -2.77 -9.90 2.55
C VAL A 27 -1.27 -9.64 2.79
N PHE A 28 -0.89 -8.37 3.11
CA PHE A 28 0.52 -8.00 3.38
C PHE A 28 1.04 -8.63 4.72
N GLN A 29 0.17 -8.69 5.75
CA GLN A 29 0.56 -9.20 7.09
C GLN A 29 0.91 -10.71 7.00
N LYS A 30 0.05 -11.46 6.29
CA LYS A 30 0.18 -12.93 6.15
C LYS A 30 1.27 -13.32 5.12
N THR A 31 1.31 -12.60 3.97
CA THR A 31 2.42 -12.72 2.99
C THR A 31 2.90 -11.32 2.54
N HIS A 32 4.20 -11.03 2.78
CA HIS A 32 4.82 -9.72 2.43
C HIS A 32 5.16 -9.64 0.92
N TYR A 33 4.78 -10.68 0.15
CA TYR A 33 4.98 -10.77 -1.31
C TYR A 33 3.75 -11.48 -1.97
N PRO A 34 2.68 -10.72 -2.35
CA PRO A 34 1.45 -11.32 -2.94
C PRO A 34 1.63 -11.74 -4.44
N ASP A 35 1.27 -13.00 -4.75
CA ASP A 35 1.31 -13.53 -6.13
C ASP A 35 0.09 -13.06 -6.96
N VAL A 36 -0.06 -13.62 -8.18
CA VAL A 36 -1.22 -13.33 -9.06
C VAL A 36 -2.57 -13.61 -8.35
N TYR A 37 -2.73 -14.84 -7.82
CA TYR A 37 -4.00 -15.33 -7.25
C TYR A 37 -4.34 -14.62 -5.93
N ALA A 38 -3.29 -14.23 -5.18
CA ALA A 38 -3.45 -13.40 -3.97
C ALA A 38 -4.10 -12.03 -4.30
N ARG A 39 -3.68 -11.44 -5.43
CA ARG A 39 -4.23 -10.16 -5.93
C ARG A 39 -5.54 -10.37 -6.74
N GLU A 40 -5.80 -11.60 -7.24
CA GLU A 40 -7.09 -11.93 -7.93
C GLU A 40 -8.26 -11.84 -6.95
N GLN A 41 -8.16 -12.62 -5.84
CA GLN A 41 -9.19 -12.68 -4.78
C GLN A 41 -9.39 -11.29 -4.13
N LEU A 42 -8.25 -10.61 -3.91
CA LEU A 42 -8.18 -9.28 -3.27
C LEU A 42 -8.87 -8.19 -4.12
N ALA A 43 -8.49 -8.10 -5.42
CA ALA A 43 -9.03 -7.08 -6.35
C ALA A 43 -10.55 -7.23 -6.60
N MET A 44 -11.05 -8.49 -6.48
CA MET A 44 -12.50 -8.77 -6.56
C MET A 44 -13.27 -8.19 -5.34
N ARG A 45 -12.76 -8.44 -4.11
CA ARG A 45 -13.42 -7.97 -2.86
C ARG A 45 -13.34 -6.43 -2.73
N THR A 46 -12.17 -5.87 -3.07
CA THR A 46 -11.90 -4.41 -2.97
C THR A 46 -12.48 -3.60 -4.15
N ASP A 47 -12.68 -4.28 -5.31
CA ASP A 47 -13.09 -3.66 -6.60
C ASP A 47 -11.97 -2.75 -7.20
N LEU A 48 -10.71 -2.97 -6.77
CA LEU A 48 -9.53 -2.19 -7.25
C LEU A 48 -8.90 -2.80 -8.51
N THR A 49 -8.18 -1.95 -9.28
CA THR A 49 -7.37 -2.37 -10.44
C THR A 49 -6.05 -3.02 -9.95
N GLU A 50 -5.53 -3.99 -10.73
CA GLU A 50 -4.27 -4.73 -10.40
C GLU A 50 -3.09 -3.77 -10.12
N ALA A 51 -3.06 -2.64 -10.86
CA ALA A 51 -2.04 -1.58 -10.67
C ALA A 51 -2.15 -0.91 -9.28
N ARG A 52 -3.38 -0.54 -8.85
CA ARG A 52 -3.63 0.08 -7.53
C ARG A 52 -3.28 -0.88 -6.36
N VAL A 53 -3.54 -2.17 -6.57
CA VAL A 53 -3.18 -3.25 -5.63
C VAL A 53 -1.63 -3.41 -5.56
N GLN A 54 -1.00 -3.60 -6.73
CA GLN A 54 0.43 -3.97 -6.85
C GLN A 54 1.38 -2.83 -6.40
N VAL A 55 1.12 -1.58 -6.86
CA VAL A 55 1.91 -0.39 -6.47
C VAL A 55 1.85 -0.14 -4.94
N TRP A 56 0.65 -0.38 -4.35
CA TRP A 56 0.44 -0.26 -2.89
C TRP A 56 1.41 -1.19 -2.12
N PHE A 57 1.47 -2.48 -2.53
CA PHE A 57 2.36 -3.48 -1.89
C PHE A 57 3.86 -3.17 -2.09
N GLN A 58 4.25 -2.73 -3.30
CA GLN A 58 5.67 -2.42 -3.61
C GLN A 58 6.15 -1.15 -2.86
N ASN A 59 5.23 -0.20 -2.67
CA ASN A 59 5.45 1.01 -1.82
C ASN A 59 5.56 0.60 -0.33
N ARG A 60 4.70 -0.36 0.08
CA ARG A 60 4.65 -0.89 1.45
C ARG A 60 5.96 -1.63 1.82
N ARG A 61 6.50 -2.40 0.83
CA ARG A 61 7.77 -3.17 0.98
C ARG A 61 9.00 -2.22 0.98
N ALA A 62 8.96 -1.19 0.11
CA ALA A 62 10.04 -0.17 0.04
C ALA A 62 10.21 0.58 1.37
N LYS A 63 9.08 0.85 2.05
CA LYS A 63 9.05 1.44 3.40
C LYS A 63 9.45 0.39 4.48
N TRP A 64 8.93 -0.85 4.31
CA TRP A 64 9.11 -1.98 5.27
C TRP A 64 10.61 -2.30 5.51
N ARG A 65 11.40 -2.32 4.43
CA ARG A 65 12.86 -2.54 4.49
C ARG A 65 13.58 -1.32 5.10
N LYS A 66 13.66 -0.23 4.32
CA LYS A 66 14.25 1.05 4.77
C LYS A 66 13.94 2.16 3.73
N ARG A 67 13.17 3.17 4.13
CA ARG A 67 12.75 4.28 3.26
C ARG A 67 13.58 5.56 3.55
N GLU A 68 13.67 5.95 4.85
CA GLU A 68 14.46 7.14 5.27
C GLU A 68 15.98 6.83 5.28
N ARG A 69 16.75 7.72 4.61
CA ARG A 69 18.23 7.60 4.52
C ARG A 69 18.89 8.95 4.92
N PHE A 70 19.98 8.85 5.70
CA PHE A 70 20.82 10.01 6.08
C PHE A 70 22.31 9.60 6.19
N GLY A 71 23.17 10.55 6.63
CA GLY A 71 24.62 10.30 6.73
C GLY A 71 25.44 11.07 5.69
N GLN A 72 25.02 12.32 5.43
CA GLN A 72 25.69 13.23 4.48
C GLN A 72 26.58 14.22 5.27
N MET A 73 27.91 13.96 5.32
CA MET A 73 28.87 14.77 6.11
C MET A 73 30.29 14.86 5.48
N GLN A 74 30.75 13.75 4.83
CA GLN A 74 32.12 13.61 4.26
C GLN A 74 33.20 13.65 5.38
N GLN A 75 33.98 12.55 5.52
CA GLN A 75 34.92 12.33 6.66
C GLN A 75 35.95 13.50 6.87
N SER A 1 -6.12 13.77 15.86
CA SER A 1 -5.49 14.36 14.66
C SER A 1 -4.64 15.60 15.04
N HIS A 2 -3.30 15.48 14.91
CA HIS A 2 -2.36 16.60 15.15
C HIS A 2 -0.97 16.28 14.53
N MET A 3 -0.67 16.90 13.37
CA MET A 3 0.67 16.85 12.74
C MET A 3 1.58 17.97 13.29
N SER A 4 2.90 17.82 13.11
CA SER A 4 3.89 18.86 13.48
C SER A 4 3.86 20.02 12.46
N ASN A 5 4.15 21.26 12.94
CA ASN A 5 4.04 22.50 12.11
C ASN A 5 5.25 22.67 11.11
N LYS A 6 6.07 21.61 10.95
CA LYS A 6 7.14 21.54 9.91
C LYS A 6 6.61 20.89 8.61
N GLY A 7 5.28 20.65 8.54
CA GLY A 7 4.64 20.04 7.35
C GLY A 7 4.72 20.93 6.09
N LYS A 8 5.40 20.43 5.04
CA LYS A 8 5.52 21.12 3.73
C LYS A 8 4.31 20.81 2.82
N LYS A 9 4.36 21.30 1.56
CA LYS A 9 3.45 20.84 0.49
C LYS A 9 4.06 19.54 -0.12
N ARG A 10 4.14 18.48 0.71
CA ARG A 10 4.76 17.19 0.34
C ARG A 10 3.67 16.13 -0.03
N ARG A 11 2.45 16.63 -0.35
CA ARG A 11 1.28 15.82 -0.82
C ARG A 11 0.65 14.96 0.31
N ASN A 12 -0.69 15.05 0.45
CA ASN A 12 -1.47 14.24 1.42
C ASN A 12 -1.67 12.78 0.90
N ARG A 13 -2.03 11.86 1.82
CA ARG A 13 -2.27 10.45 1.49
C ARG A 13 -3.77 10.23 1.17
N THR A 14 -4.16 10.51 -0.09
CA THR A 14 -5.56 10.31 -0.59
C THR A 14 -5.68 8.92 -1.28
N THR A 15 -4.95 7.94 -0.72
CA THR A 15 -4.83 6.60 -1.29
C THR A 15 -5.92 5.65 -0.74
N PHE A 16 -6.82 5.21 -1.63
CA PHE A 16 -7.86 4.18 -1.34
C PHE A 16 -8.87 4.62 -0.24
N THR A 17 -9.70 3.68 0.23
CA THR A 17 -10.73 3.95 1.27
C THR A 17 -10.78 2.80 2.32
N SER A 18 -11.65 2.93 3.34
CA SER A 18 -11.71 2.07 4.57
C SER A 18 -11.50 0.55 4.33
N TYR A 19 -12.44 -0.09 3.60
CA TYR A 19 -12.42 -1.56 3.34
C TYR A 19 -11.16 -1.98 2.54
N GLN A 20 -10.81 -1.16 1.52
CA GLN A 20 -9.64 -1.41 0.64
C GLN A 20 -8.33 -1.47 1.46
N LEU A 21 -8.10 -0.42 2.27
CA LEU A 21 -6.89 -0.30 3.11
C LEU A 21 -6.75 -1.49 4.10
N GLU A 22 -7.86 -1.88 4.74
CA GLU A 22 -7.88 -3.03 5.69
C GLU A 22 -7.51 -4.37 5.00
N GLU A 23 -8.15 -4.66 3.85
CA GLU A 23 -7.89 -5.89 3.08
C GLU A 23 -6.42 -5.98 2.62
N LEU A 24 -5.92 -4.89 2.00
CA LEU A 24 -4.51 -4.77 1.55
C LEU A 24 -3.52 -4.94 2.74
N GLU A 25 -3.88 -4.35 3.90
CA GLU A 25 -3.08 -4.35 5.14
C GLU A 25 -2.84 -5.79 5.66
N LYS A 26 -3.94 -6.52 5.88
CA LYS A 26 -3.91 -7.92 6.40
C LYS A 26 -3.18 -8.88 5.43
N VAL A 27 -3.40 -8.72 4.09
CA VAL A 27 -2.73 -9.56 3.06
C VAL A 27 -1.20 -9.27 2.99
N PHE A 28 -0.78 -8.03 3.29
CA PHE A 28 0.66 -7.66 3.38
C PHE A 28 1.34 -8.35 4.59
N GLN A 29 0.57 -8.52 5.69
CA GLN A 29 1.04 -9.23 6.91
C GLN A 29 1.08 -10.77 6.69
N LYS A 30 0.16 -11.28 5.85
CA LYS A 30 0.15 -12.71 5.42
C LYS A 30 1.37 -13.01 4.54
N THR A 31 1.48 -12.25 3.44
CA THR A 31 2.55 -12.40 2.44
C THR A 31 3.00 -11.03 1.88
N HIS A 32 4.32 -10.81 1.80
CA HIS A 32 4.92 -9.60 1.20
C HIS A 32 5.01 -9.74 -0.35
N TYR A 33 4.81 -10.99 -0.85
CA TYR A 33 4.72 -11.30 -2.30
C TYR A 33 3.40 -12.07 -2.60
N PRO A 34 2.25 -11.35 -2.82
CA PRO A 34 0.97 -12.01 -3.19
C PRO A 34 1.01 -12.61 -4.63
N ASP A 35 0.68 -13.90 -4.75
CA ASP A 35 0.60 -14.61 -6.06
C ASP A 35 -0.49 -14.02 -6.97
N VAL A 36 -0.44 -14.36 -8.28
CA VAL A 36 -1.44 -13.89 -9.29
C VAL A 36 -2.91 -14.11 -8.82
N TYR A 37 -3.19 -15.33 -8.31
CA TYR A 37 -4.52 -15.73 -7.83
C TYR A 37 -4.95 -14.89 -6.60
N ALA A 38 -3.99 -14.65 -5.68
CA ALA A 38 -4.20 -13.81 -4.47
C ALA A 38 -4.50 -12.33 -4.84
N ARG A 39 -3.83 -11.82 -5.90
CA ARG A 39 -4.04 -10.44 -6.40
C ARG A 39 -5.45 -10.26 -7.01
N GLU A 40 -5.93 -11.32 -7.70
CA GLU A 40 -7.27 -11.33 -8.35
C GLU A 40 -8.40 -11.34 -7.30
N GLN A 41 -8.33 -12.28 -6.33
CA GLN A 41 -9.29 -12.40 -5.21
C GLN A 41 -9.36 -11.09 -4.38
N LEU A 42 -8.18 -10.53 -4.05
CA LEU A 42 -8.04 -9.26 -3.31
C LEU A 42 -8.64 -8.07 -4.11
N ALA A 43 -8.40 -8.06 -5.44
CA ALA A 43 -8.92 -7.02 -6.36
C ALA A 43 -10.46 -7.06 -6.43
N MET A 44 -11.04 -8.27 -6.46
CA MET A 44 -12.51 -8.46 -6.51
C MET A 44 -13.19 -8.10 -5.17
N ARG A 45 -12.47 -8.33 -4.04
CA ARG A 45 -12.92 -7.88 -2.70
C ARG A 45 -13.02 -6.33 -2.66
N THR A 46 -11.93 -5.68 -3.06
CA THR A 46 -11.73 -4.22 -2.91
C THR A 46 -12.24 -3.40 -4.13
N ASP A 47 -12.72 -4.11 -5.19
CA ASP A 47 -13.15 -3.51 -6.49
C ASP A 47 -12.00 -2.72 -7.17
N LEU A 48 -10.76 -3.19 -6.99
CA LEU A 48 -9.53 -2.60 -7.58
C LEU A 48 -9.00 -3.42 -8.77
N THR A 49 -7.94 -2.90 -9.39
CA THR A 49 -7.13 -3.62 -10.41
C THR A 49 -5.78 -4.06 -9.80
N GLU A 50 -5.11 -5.03 -10.45
CA GLU A 50 -3.78 -5.53 -10.02
C GLU A 50 -2.74 -4.38 -9.94
N ALA A 51 -2.88 -3.39 -10.85
CA ALA A 51 -2.02 -2.18 -10.88
C ALA A 51 -2.01 -1.45 -9.51
N ARG A 52 -3.21 -1.04 -9.05
CA ARG A 52 -3.39 -0.33 -7.75
C ARG A 52 -2.97 -1.19 -6.53
N VAL A 53 -3.28 -2.51 -6.58
CA VAL A 53 -2.90 -3.48 -5.52
C VAL A 53 -1.35 -3.55 -5.35
N GLN A 54 -0.63 -3.69 -6.50
CA GLN A 54 0.86 -3.78 -6.51
C GLN A 54 1.51 -2.48 -6.02
N VAL A 55 0.96 -1.30 -6.42
CA VAL A 55 1.48 0.03 -5.97
C VAL A 55 1.49 0.14 -4.42
N TRP A 56 0.39 -0.31 -3.79
CA TRP A 56 0.22 -0.26 -2.32
C TRP A 56 1.27 -1.14 -1.60
N PHE A 57 1.38 -2.41 -2.06
CA PHE A 57 2.33 -3.40 -1.49
C PHE A 57 3.80 -2.98 -1.69
N GLN A 58 4.12 -2.42 -2.88
CA GLN A 58 5.48 -1.92 -3.21
C GLN A 58 5.85 -0.67 -2.38
N ASN A 59 4.84 0.16 -2.06
CA ASN A 59 5.02 1.38 -1.25
C ASN A 59 5.30 1.01 0.24
N ARG A 60 4.51 0.03 0.76
CA ARG A 60 4.73 -0.57 2.11
C ARG A 60 6.05 -1.38 2.17
N ARG A 61 6.44 -1.95 1.02
CA ARG A 61 7.69 -2.72 0.89
C ARG A 61 8.89 -1.72 0.93
N ALA A 62 8.70 -0.52 0.36
CA ALA A 62 9.67 0.60 0.43
C ALA A 62 9.76 1.19 1.87
N LYS A 63 8.65 1.13 2.61
CA LYS A 63 8.59 1.46 4.06
C LYS A 63 9.50 0.49 4.86
N TRP A 64 9.30 -0.82 4.63
CA TRP A 64 10.10 -1.91 5.25
C TRP A 64 11.58 -1.81 4.79
N ARG A 65 11.77 -1.39 3.52
CA ARG A 65 13.09 -1.20 2.89
C ARG A 65 13.56 0.28 2.98
N LYS A 66 13.53 0.84 4.22
CA LYS A 66 14.18 2.14 4.57
C LYS A 66 13.43 3.37 3.96
N ARG A 67 12.92 4.25 4.84
CA ARG A 67 12.23 5.51 4.44
C ARG A 67 13.19 6.52 3.78
N GLU A 68 14.12 7.07 4.59
CA GLU A 68 15.08 8.10 4.14
C GLU A 68 16.23 7.42 3.37
N ARG A 69 16.37 7.73 2.07
CA ARG A 69 17.39 7.11 1.19
C ARG A 69 18.82 7.70 1.40
N PHE A 70 19.02 8.48 2.48
CA PHE A 70 20.33 9.09 2.82
C PHE A 70 21.33 8.01 3.32
N GLY A 71 22.61 8.16 2.92
CA GLY A 71 23.69 7.23 3.28
C GLY A 71 24.53 6.89 2.05
N GLN A 72 24.23 5.75 1.39
CA GLN A 72 24.86 5.38 0.10
C GLN A 72 24.51 6.42 -1.00
N MET A 73 23.25 6.89 -0.99
CA MET A 73 22.79 8.02 -1.82
C MET A 73 22.94 9.36 -1.03
N GLN A 74 23.65 10.34 -1.61
CA GLN A 74 23.86 11.68 -1.00
C GLN A 74 23.44 12.77 -2.03
N GLN A 75 22.16 13.18 -1.98
CA GLN A 75 21.57 14.15 -2.94
C GLN A 75 21.80 15.63 -2.50
N SER A 1 22.19 25.50 8.05
CA SER A 1 21.33 26.18 7.04
C SER A 1 21.20 25.34 5.73
N HIS A 2 22.36 24.90 5.18
CA HIS A 2 22.39 24.13 3.90
C HIS A 2 21.87 22.69 4.10
N MET A 3 20.56 22.52 3.96
CA MET A 3 19.88 21.20 4.02
C MET A 3 19.76 20.60 2.59
N SER A 4 20.45 19.46 2.37
CA SER A 4 20.48 18.76 1.06
C SER A 4 19.11 18.17 0.69
N ASN A 5 18.60 17.24 1.53
CA ASN A 5 17.27 16.62 1.34
C ASN A 5 16.19 17.47 2.06
N LYS A 6 15.51 18.34 1.31
CA LYS A 6 14.46 19.26 1.84
C LYS A 6 13.19 19.25 0.95
N GLY A 7 13.34 18.81 -0.32
CA GLY A 7 12.25 18.74 -1.29
C GLY A 7 11.39 17.48 -1.15
N LYS A 8 10.47 17.50 -0.16
CA LYS A 8 9.53 16.40 0.11
C LYS A 8 8.26 16.51 -0.76
N LYS A 9 7.51 15.41 -0.89
CA LYS A 9 6.31 15.32 -1.76
C LYS A 9 5.30 14.28 -1.20
N ARG A 10 4.38 14.74 -0.34
CA ARG A 10 3.30 13.91 0.25
C ARG A 10 1.98 14.72 0.37
N ARG A 11 1.02 14.41 -0.51
CA ARG A 11 -0.36 14.97 -0.43
C ARG A 11 -1.19 14.19 0.60
N ASN A 12 -1.11 12.82 0.52
CA ASN A 12 -1.79 11.89 1.46
C ASN A 12 -3.33 12.09 1.49
N ARG A 13 -3.91 12.41 0.31
CA ARG A 13 -5.38 12.66 0.15
C ARG A 13 -6.21 11.37 0.39
N THR A 14 -5.55 10.21 0.22
CA THR A 14 -6.10 8.86 0.50
C THR A 14 -7.20 8.47 -0.52
N THR A 15 -6.78 7.83 -1.62
CA THR A 15 -7.69 7.30 -2.68
C THR A 15 -8.25 5.91 -2.27
N PHE A 16 -7.41 5.12 -1.59
CA PHE A 16 -7.81 3.80 -1.04
C PHE A 16 -8.75 4.01 0.18
N THR A 17 -9.99 3.48 0.09
CA THR A 17 -11.00 3.63 1.17
C THR A 17 -10.62 2.80 2.42
N SER A 18 -11.32 3.05 3.55
CA SER A 18 -11.10 2.34 4.83
C SER A 18 -11.18 0.80 4.64
N TYR A 19 -12.21 0.35 3.89
CA TYR A 19 -12.43 -1.10 3.58
C TYR A 19 -11.27 -1.68 2.73
N GLN A 20 -10.87 -0.95 1.68
CA GLN A 20 -9.80 -1.40 0.74
C GLN A 20 -8.46 -1.59 1.49
N LEU A 21 -8.13 -0.62 2.37
CA LEU A 21 -6.95 -0.68 3.25
C LEU A 21 -6.96 -1.92 4.16
N GLU A 22 -8.13 -2.26 4.75
CA GLU A 22 -8.30 -3.48 5.59
C GLU A 22 -7.89 -4.76 4.84
N GLU A 23 -8.52 -4.98 3.67
CA GLU A 23 -8.33 -6.21 2.84
C GLU A 23 -6.86 -6.36 2.36
N LEU A 24 -6.27 -5.25 1.87
CA LEU A 24 -4.86 -5.18 1.41
C LEU A 24 -3.86 -5.51 2.55
N GLU A 25 -4.11 -4.89 3.74
CA GLU A 25 -3.29 -5.10 4.97
C GLU A 25 -3.30 -6.57 5.44
N LYS A 26 -4.49 -7.23 5.41
CA LYS A 26 -4.65 -8.66 5.82
C LYS A 26 -3.67 -9.58 5.07
N VAL A 27 -3.53 -9.31 3.76
CA VAL A 27 -2.62 -10.05 2.87
C VAL A 27 -1.14 -9.68 3.15
N PHE A 28 -0.86 -8.37 3.42
CA PHE A 28 0.52 -7.86 3.69
C PHE A 28 1.11 -8.45 5.00
N GLN A 29 0.25 -8.60 6.04
CA GLN A 29 0.66 -9.14 7.36
C GLN A 29 1.06 -10.64 7.26
N LYS A 30 0.34 -11.40 6.41
CA LYS A 30 0.61 -12.83 6.17
C LYS A 30 1.84 -13.03 5.23
N THR A 31 1.87 -12.23 4.15
CA THR A 31 2.92 -12.30 3.10
C THR A 31 3.14 -10.91 2.45
N HIS A 32 4.40 -10.48 2.38
CA HIS A 32 4.77 -9.19 1.74
C HIS A 32 4.79 -9.32 0.20
N TYR A 33 4.87 -10.57 -0.29
CA TYR A 33 4.85 -10.91 -1.74
C TYR A 33 3.65 -11.85 -2.04
N PRO A 34 2.44 -11.29 -2.36
CA PRO A 34 1.23 -12.10 -2.68
C PRO A 34 1.33 -12.85 -4.05
N ASP A 35 0.66 -14.02 -4.14
CA ASP A 35 0.52 -14.78 -5.41
C ASP A 35 -0.35 -14.01 -6.44
N VAL A 36 -0.26 -14.40 -7.73
CA VAL A 36 -1.14 -13.84 -8.78
C VAL A 36 -2.63 -14.09 -8.43
N TYR A 37 -2.94 -15.37 -8.09
CA TYR A 37 -4.31 -15.84 -7.75
C TYR A 37 -4.84 -15.14 -6.48
N ALA A 38 -3.92 -14.80 -5.55
CA ALA A 38 -4.24 -14.01 -4.34
C ALA A 38 -4.65 -12.56 -4.72
N ARG A 39 -3.85 -11.91 -5.58
CA ARG A 39 -4.12 -10.51 -6.03
C ARG A 39 -5.33 -10.40 -6.98
N GLU A 40 -5.69 -11.51 -7.67
CA GLU A 40 -6.89 -11.55 -8.54
C GLU A 40 -8.17 -11.39 -7.70
N GLN A 41 -8.33 -12.28 -6.71
CA GLN A 41 -9.49 -12.29 -5.78
C GLN A 41 -9.48 -11.05 -4.86
N LEU A 42 -8.27 -10.59 -4.47
CA LEU A 42 -8.07 -9.38 -3.63
C LEU A 42 -8.53 -8.11 -4.36
N ALA A 43 -8.19 -8.02 -5.66
CA ALA A 43 -8.61 -6.88 -6.53
C ALA A 43 -10.16 -6.81 -6.66
N MET A 44 -10.81 -7.99 -6.71
CA MET A 44 -12.29 -8.11 -6.72
C MET A 44 -12.91 -7.61 -5.39
N ARG A 45 -12.36 -8.11 -4.26
CA ARG A 45 -12.83 -7.78 -2.89
C ARG A 45 -12.72 -6.27 -2.59
N THR A 46 -11.57 -5.67 -2.94
CA THR A 46 -11.30 -4.23 -2.74
C THR A 46 -11.96 -3.35 -3.84
N ASP A 47 -12.33 -3.97 -4.98
CA ASP A 47 -12.89 -3.28 -6.17
C ASP A 47 -11.80 -2.39 -6.87
N LEU A 48 -10.52 -2.70 -6.58
CA LEU A 48 -9.34 -2.03 -7.18
C LEU A 48 -8.81 -2.83 -8.40
N THR A 49 -7.99 -2.16 -9.22
CA THR A 49 -7.30 -2.80 -10.36
C THR A 49 -6.02 -3.53 -9.88
N GLU A 50 -5.46 -4.44 -10.72
CA GLU A 50 -4.22 -5.19 -10.40
C GLU A 50 -3.04 -4.23 -10.13
N ALA A 51 -2.91 -3.19 -10.97
CA ALA A 51 -1.88 -2.14 -10.82
C ALA A 51 -2.05 -1.33 -9.52
N ARG A 52 -3.31 -1.07 -9.11
CA ARG A 52 -3.62 -0.30 -7.87
C ARG A 52 -3.16 -1.08 -6.61
N VAL A 53 -3.44 -2.41 -6.62
CA VAL A 53 -2.97 -3.36 -5.59
C VAL A 53 -1.41 -3.43 -5.56
N GLN A 54 -0.82 -3.58 -6.76
CA GLN A 54 0.66 -3.67 -6.96
C GLN A 54 1.40 -2.46 -6.38
N VAL A 55 0.95 -1.24 -6.74
CA VAL A 55 1.54 0.04 -6.28
C VAL A 55 1.45 0.19 -4.75
N TRP A 56 0.31 -0.24 -4.16
CA TRP A 56 0.10 -0.20 -2.69
C TRP A 56 1.15 -1.05 -1.94
N PHE A 57 1.31 -2.32 -2.39
CA PHE A 57 2.31 -3.26 -1.81
C PHE A 57 3.76 -2.79 -2.06
N GLN A 58 4.02 -2.07 -3.16
CA GLN A 58 5.36 -1.50 -3.44
C GLN A 58 5.67 -0.26 -2.55
N ASN A 59 4.63 0.55 -2.25
CA ASN A 59 4.74 1.67 -1.27
C ASN A 59 5.00 1.12 0.16
N ARG A 60 4.35 -0.01 0.46
CA ARG A 60 4.47 -0.72 1.74
C ARG A 60 5.83 -1.44 1.87
N ARG A 61 6.35 -1.98 0.74
CA ARG A 61 7.68 -2.66 0.71
C ARG A 61 8.84 -1.66 0.55
N ALA A 62 8.56 -0.41 0.13
CA ALA A 62 9.58 0.66 0.03
C ALA A 62 10.22 0.95 1.40
N LYS A 63 9.36 1.24 2.40
CA LYS A 63 9.79 1.49 3.79
C LYS A 63 10.23 0.17 4.49
N TRP A 64 9.60 -0.95 4.09
CA TRP A 64 9.96 -2.32 4.57
C TRP A 64 11.39 -2.72 4.11
N ARG A 65 11.83 -2.20 2.95
CA ARG A 65 13.20 -2.43 2.42
C ARG A 65 14.29 -1.60 3.15
N LYS A 66 13.86 -0.61 3.98
CA LYS A 66 14.75 0.15 4.92
C LYS A 66 15.65 1.21 4.23
N ARG A 67 16.44 0.82 3.20
CA ARG A 67 17.35 1.73 2.45
C ARG A 67 16.60 2.54 1.34
N GLU A 68 15.44 3.15 1.68
CA GLU A 68 14.63 3.93 0.71
C GLU A 68 15.26 5.33 0.50
N ARG A 69 16.31 5.37 -0.35
CA ARG A 69 17.06 6.59 -0.79
C ARG A 69 18.19 6.16 -1.73
N PHE A 70 19.07 5.24 -1.22
CA PHE A 70 20.20 4.61 -1.98
C PHE A 70 21.35 5.60 -2.33
N GLY A 71 21.05 6.62 -3.17
CA GLY A 71 22.03 7.62 -3.61
C GLY A 71 22.80 8.37 -2.50
N GLN A 72 24.00 8.84 -2.84
CA GLN A 72 24.98 9.44 -1.90
C GLN A 72 24.57 10.86 -1.44
N MET A 73 25.33 11.40 -0.45
CA MET A 73 25.10 12.75 0.11
C MET A 73 25.38 13.85 -0.97
N GLN A 74 24.32 14.29 -1.68
CA GLN A 74 24.44 15.34 -2.70
C GLN A 74 24.56 16.75 -2.05
N GLN A 75 25.76 17.38 -2.17
CA GLN A 75 26.06 18.68 -1.55
C GLN A 75 25.23 19.84 -2.18
N SER A 1 -12.33 21.16 18.56
CA SER A 1 -12.37 21.33 20.04
C SER A 1 -11.27 22.33 20.51
N HIS A 2 -11.01 22.39 21.83
CA HIS A 2 -9.92 23.23 22.41
C HIS A 2 -8.53 22.85 21.81
N MET A 3 -7.73 23.88 21.46
CA MET A 3 -6.45 23.75 20.70
C MET A 3 -6.70 23.24 19.23
N SER A 4 -5.61 23.18 18.42
CA SER A 4 -5.66 22.79 16.98
C SER A 4 -6.56 23.73 16.15
N ASN A 5 -5.99 24.84 15.66
CA ASN A 5 -6.73 25.90 14.94
C ASN A 5 -6.89 25.60 13.42
N LYS A 6 -7.72 26.43 12.74
CA LYS A 6 -7.94 26.34 11.28
C LYS A 6 -6.64 26.73 10.50
N GLY A 7 -5.94 25.72 9.99
CA GLY A 7 -4.71 25.92 9.21
C GLY A 7 -4.43 24.78 8.23
N LYS A 8 -3.69 25.09 7.14
CA LYS A 8 -3.35 24.12 6.06
C LYS A 8 -4.61 23.61 5.31
N LYS A 9 -4.40 22.71 4.33
CA LYS A 9 -5.52 22.10 3.55
C LYS A 9 -5.90 20.72 4.16
N ARG A 10 -5.14 19.66 3.76
CA ARG A 10 -5.26 18.28 4.34
C ARG A 10 -6.65 17.61 4.06
N ARG A 11 -6.74 16.27 4.25
CA ARG A 11 -8.03 15.50 4.24
C ARG A 11 -8.78 15.58 2.87
N ASN A 12 -8.02 15.69 1.78
CA ASN A 12 -8.56 15.84 0.41
C ASN A 12 -8.15 14.66 -0.52
N ARG A 13 -8.85 14.56 -1.69
CA ARG A 13 -8.60 13.52 -2.73
C ARG A 13 -8.93 12.08 -2.24
N THR A 14 -10.04 11.53 -2.76
CA THR A 14 -10.46 10.13 -2.48
C THR A 14 -9.57 9.15 -3.28
N THR A 15 -8.67 8.44 -2.56
CA THR A 15 -7.74 7.46 -3.17
C THR A 15 -8.07 6.02 -2.68
N PHE A 16 -7.70 5.70 -1.42
CA PHE A 16 -8.00 4.37 -0.82
C PHE A 16 -8.91 4.54 0.42
N THR A 17 -10.00 3.76 0.48
CA THR A 17 -10.95 3.80 1.62
C THR A 17 -10.41 3.00 2.83
N SER A 18 -11.07 3.15 3.99
CA SER A 18 -10.68 2.46 5.25
C SER A 18 -10.81 0.92 5.10
N TYR A 19 -11.88 0.45 4.42
CA TYR A 19 -12.08 -0.98 4.12
C TYR A 19 -10.96 -1.53 3.20
N GLN A 20 -10.60 -0.75 2.16
CA GLN A 20 -9.53 -1.14 1.21
C GLN A 20 -8.18 -1.30 1.94
N LEU A 21 -7.84 -0.32 2.79
CA LEU A 21 -6.59 -0.35 3.60
C LEU A 21 -6.56 -1.55 4.59
N GLU A 22 -7.76 -2.05 5.01
CA GLU A 22 -7.85 -3.30 5.79
C GLU A 22 -7.39 -4.49 4.92
N GLU A 23 -8.07 -4.71 3.79
CA GLU A 23 -7.86 -5.90 2.91
C GLU A 23 -6.42 -5.96 2.33
N LEU A 24 -5.92 -4.79 1.89
CA LEU A 24 -4.55 -4.61 1.36
C LEU A 24 -3.49 -5.04 2.41
N GLU A 25 -3.65 -4.56 3.67
CA GLU A 25 -2.78 -4.96 4.80
C GLU A 25 -2.98 -6.45 5.19
N LYS A 26 -4.22 -6.95 5.12
CA LYS A 26 -4.55 -8.35 5.50
C LYS A 26 -3.80 -9.37 4.61
N VAL A 27 -3.80 -9.11 3.28
CA VAL A 27 -3.05 -9.92 2.32
C VAL A 27 -1.52 -9.73 2.50
N PHE A 28 -1.09 -8.52 2.94
CA PHE A 28 0.33 -8.25 3.30
C PHE A 28 0.73 -9.01 4.59
N GLN A 29 -0.24 -9.29 5.49
CA GLN A 29 -0.02 -10.10 6.72
C GLN A 29 0.12 -11.60 6.36
N LYS A 30 -0.78 -12.08 5.48
CA LYS A 30 -0.80 -13.47 4.98
C LYS A 30 0.45 -13.78 4.12
N THR A 31 0.91 -12.77 3.36
CA THR A 31 2.10 -12.85 2.49
C THR A 31 2.61 -11.45 2.07
N HIS A 32 3.88 -11.13 2.40
CA HIS A 32 4.52 -9.85 2.00
C HIS A 32 4.71 -9.76 0.45
N TYR A 33 4.62 -10.93 -0.23
CA TYR A 33 4.66 -11.04 -1.70
C TYR A 33 3.40 -11.79 -2.22
N PRO A 34 2.28 -11.06 -2.54
CA PRO A 34 1.04 -11.67 -3.10
C PRO A 34 1.27 -12.46 -4.41
N ASP A 35 0.83 -13.73 -4.42
CA ASP A 35 0.87 -14.61 -5.61
C ASP A 35 -0.18 -14.16 -6.68
N VAL A 36 -0.10 -14.76 -7.88
CA VAL A 36 -1.04 -14.44 -9.00
C VAL A 36 -2.51 -14.60 -8.57
N TYR A 37 -2.80 -15.63 -7.74
CA TYR A 37 -4.16 -15.92 -7.23
C TYR A 37 -4.52 -15.00 -6.04
N ALA A 38 -3.52 -14.68 -5.21
CA ALA A 38 -3.69 -13.76 -4.04
C ALA A 38 -4.04 -12.32 -4.50
N ARG A 39 -3.52 -11.91 -5.68
CA ARG A 39 -3.81 -10.59 -6.29
C ARG A 39 -5.25 -10.57 -6.87
N GLU A 40 -5.73 -11.72 -7.38
CA GLU A 40 -7.12 -11.88 -7.89
C GLU A 40 -8.15 -11.79 -6.74
N GLN A 41 -7.84 -12.47 -5.62
CA GLN A 41 -8.65 -12.42 -4.38
C GLN A 41 -8.75 -10.98 -3.85
N LEU A 42 -7.60 -10.31 -3.73
CA LEU A 42 -7.51 -8.94 -3.23
C LEU A 42 -8.19 -7.92 -4.19
N ALA A 43 -8.07 -8.19 -5.51
CA ALA A 43 -8.70 -7.35 -6.56
C ALA A 43 -10.24 -7.29 -6.43
N MET A 44 -10.88 -8.44 -6.12
CA MET A 44 -12.35 -8.50 -5.93
C MET A 44 -12.79 -8.00 -4.52
N ARG A 45 -11.93 -8.17 -3.51
CA ARG A 45 -12.18 -7.66 -2.13
C ARG A 45 -12.27 -6.11 -2.11
N THR A 46 -11.26 -5.46 -2.71
CA THR A 46 -11.14 -3.97 -2.70
C THR A 46 -11.78 -3.29 -3.94
N ASP A 47 -12.00 -4.07 -5.03
CA ASP A 47 -12.47 -3.57 -6.36
C ASP A 47 -11.35 -2.73 -7.06
N LEU A 48 -10.09 -2.89 -6.60
CA LEU A 48 -8.91 -2.26 -7.22
C LEU A 48 -8.32 -3.19 -8.31
N THR A 49 -7.78 -2.60 -9.40
CA THR A 49 -7.07 -3.38 -10.45
C THR A 49 -5.75 -3.97 -9.90
N GLU A 50 -5.22 -5.01 -10.59
CA GLU A 50 -3.92 -5.62 -10.23
C GLU A 50 -2.79 -4.54 -10.24
N ALA A 51 -2.89 -3.59 -11.19
CA ALA A 51 -1.95 -2.46 -11.33
C ALA A 51 -2.08 -1.43 -10.16
N ARG A 52 -3.32 -1.26 -9.63
CA ARG A 52 -3.58 -0.33 -8.50
C ARG A 52 -3.09 -0.94 -7.16
N VAL A 53 -3.36 -2.24 -6.99
CA VAL A 53 -2.82 -3.08 -5.89
C VAL A 53 -1.27 -3.06 -5.90
N GLN A 54 -0.69 -3.11 -7.12
CA GLN A 54 0.78 -3.03 -7.33
C GLN A 54 1.37 -1.72 -6.74
N VAL A 55 0.74 -0.57 -7.07
CA VAL A 55 1.18 0.77 -6.59
C VAL A 55 1.29 0.82 -5.04
N TRP A 56 0.24 0.35 -4.36
CA TRP A 56 0.18 0.33 -2.88
C TRP A 56 1.32 -0.55 -2.31
N PHE A 57 1.46 -1.78 -2.84
CA PHE A 57 2.49 -2.76 -2.39
C PHE A 57 3.94 -2.34 -2.75
N GLN A 58 4.13 -1.51 -3.79
CA GLN A 58 5.47 -0.96 -4.12
C GLN A 58 5.92 0.06 -3.05
N ASN A 59 4.97 0.94 -2.64
CA ASN A 59 5.22 1.91 -1.55
C ASN A 59 5.15 1.25 -0.15
N ARG A 60 4.46 0.09 -0.05
CA ARG A 60 4.29 -0.62 1.25
C ARG A 60 5.54 -1.47 1.59
N ARG A 61 5.98 -2.30 0.63
CA ARG A 61 7.23 -3.09 0.77
C ARG A 61 8.46 -2.18 1.01
N ALA A 62 8.44 -0.97 0.39
CA ALA A 62 9.44 0.08 0.67
C ALA A 62 9.31 0.57 2.14
N LYS A 63 8.11 1.04 2.51
CA LYS A 63 7.78 1.55 3.88
C LYS A 63 8.12 0.52 5.02
N TRP A 64 8.01 -0.76 4.67
CA TRP A 64 8.27 -1.91 5.58
C TRP A 64 9.79 -2.22 5.69
N ARG A 65 10.50 -2.08 4.57
CA ARG A 65 11.96 -2.38 4.47
C ARG A 65 12.82 -1.17 4.93
N LYS A 66 12.70 -0.07 4.18
CA LYS A 66 13.42 1.20 4.43
C LYS A 66 12.55 2.38 3.97
N ARG A 67 12.28 3.35 4.87
CA ARG A 67 11.48 4.55 4.53
C ARG A 67 12.12 5.30 3.33
N GLU A 68 11.52 5.08 2.15
CA GLU A 68 12.06 5.56 0.84
C GLU A 68 12.21 7.10 0.82
N ARG A 69 13.38 7.58 0.33
CA ARG A 69 13.72 9.02 0.32
C ARG A 69 14.33 9.44 -1.05
N PHE A 70 13.50 10.10 -1.88
CA PHE A 70 13.98 10.74 -3.13
C PHE A 70 14.24 12.25 -2.89
N GLY A 71 15.03 12.87 -3.79
CA GLY A 71 15.41 14.28 -3.68
C GLY A 71 16.88 14.51 -4.02
N GLN A 72 17.77 14.20 -3.07
CA GLN A 72 19.24 14.26 -3.30
C GLN A 72 19.69 13.06 -4.18
N MET A 73 20.69 13.31 -5.04
CA MET A 73 21.15 12.40 -6.11
C MET A 73 20.03 12.08 -7.14
N GLN A 74 20.05 12.79 -8.28
CA GLN A 74 19.12 12.55 -9.40
C GLN A 74 19.89 11.91 -10.58
N GLN A 75 19.48 10.69 -10.96
CA GLN A 75 20.11 9.93 -12.08
C GLN A 75 19.76 10.54 -13.48
N SER A 1 -3.95 5.72 20.60
CA SER A 1 -5.00 4.84 21.20
C SER A 1 -6.40 5.47 21.07
N HIS A 2 -6.65 6.56 21.84
CA HIS A 2 -7.94 7.30 21.79
C HIS A 2 -7.65 8.83 21.84
N MET A 3 -7.73 9.49 20.68
CA MET A 3 -7.39 10.92 20.54
C MET A 3 -8.30 11.64 19.51
N SER A 4 -8.12 12.97 19.37
CA SER A 4 -8.79 13.77 18.33
C SER A 4 -8.18 13.49 16.94
N ASN A 5 -8.90 12.69 16.12
CA ASN A 5 -8.45 12.29 14.76
C ASN A 5 -8.83 13.39 13.72
N LYS A 6 -8.39 14.63 13.99
CA LYS A 6 -8.66 15.84 13.16
C LYS A 6 -7.39 16.73 13.06
N GLY A 7 -6.56 16.71 14.13
CA GLY A 7 -5.33 17.55 14.22
C GLY A 7 -4.11 17.02 13.43
N LYS A 8 -4.36 16.34 12.30
CA LYS A 8 -3.30 15.86 11.36
C LYS A 8 -3.33 16.68 10.06
N LYS A 9 -4.56 17.02 9.59
CA LYS A 9 -4.81 17.64 8.27
C LYS A 9 -4.30 16.75 7.12
N ARG A 10 -5.09 15.71 6.81
CA ARG A 10 -4.73 14.69 5.78
C ARG A 10 -5.14 15.16 4.36
N ARG A 11 -4.68 14.42 3.33
CA ARG A 11 -5.05 14.71 1.92
C ARG A 11 -6.59 14.58 1.70
N ASN A 12 -7.16 13.42 2.09
CA ASN A 12 -8.63 13.16 2.10
C ASN A 12 -9.33 13.37 0.72
N ARG A 13 -8.54 13.39 -0.38
CA ARG A 13 -9.06 13.64 -1.75
C ARG A 13 -9.59 12.35 -2.42
N THR A 14 -9.43 11.18 -1.71
CA THR A 14 -9.84 9.82 -2.19
C THR A 14 -8.81 9.20 -3.17
N THR A 15 -8.24 8.04 -2.77
CA THR A 15 -7.38 7.18 -3.62
C THR A 15 -7.59 5.70 -3.20
N PHE A 16 -7.36 5.43 -1.90
CA PHE A 16 -7.71 4.16 -1.23
C PHE A 16 -8.54 4.46 0.03
N THR A 17 -9.70 3.78 0.20
CA THR A 17 -10.54 3.91 1.42
C THR A 17 -9.95 3.09 2.59
N SER A 18 -10.48 3.30 3.81
CA SER A 18 -10.07 2.53 5.01
C SER A 18 -10.26 1.01 4.78
N TYR A 19 -11.48 0.64 4.32
CA TYR A 19 -11.83 -0.75 3.94
C TYR A 19 -10.80 -1.40 2.98
N GLN A 20 -10.47 -0.68 1.89
CA GLN A 20 -9.48 -1.14 0.87
C GLN A 20 -8.10 -1.37 1.52
N LEU A 21 -7.60 -0.35 2.24
CA LEU A 21 -6.28 -0.39 2.94
C LEU A 21 -6.15 -1.58 3.93
N GLU A 22 -7.26 -1.89 4.64
CA GLU A 22 -7.30 -2.97 5.66
C GLU A 22 -7.28 -4.38 5.01
N GLU A 23 -8.03 -4.55 3.90
CA GLU A 23 -8.02 -5.81 3.11
C GLU A 23 -6.66 -6.03 2.39
N LEU A 24 -6.07 -4.92 1.90
CA LEU A 24 -4.72 -4.94 1.27
C LEU A 24 -3.64 -5.38 2.29
N GLU A 25 -3.68 -4.78 3.50
CA GLU A 25 -2.75 -5.07 4.58
C GLU A 25 -2.95 -6.48 5.17
N LYS A 26 -4.21 -6.93 5.16
CA LYS A 26 -4.62 -8.32 5.53
C LYS A 26 -3.84 -9.38 4.69
N VAL A 27 -3.74 -9.14 3.36
CA VAL A 27 -2.95 -9.98 2.44
C VAL A 27 -1.42 -9.68 2.56
N PHE A 28 -1.07 -8.43 2.98
CA PHE A 28 0.34 -8.01 3.20
C PHE A 28 0.98 -8.71 4.44
N GLN A 29 0.14 -9.00 5.47
CA GLN A 29 0.58 -9.75 6.67
C GLN A 29 0.81 -11.25 6.34
N LYS A 30 0.06 -11.75 5.33
CA LYS A 30 0.20 -13.13 4.82
C LYS A 30 1.38 -13.26 3.82
N THR A 31 1.59 -12.20 3.02
CA THR A 31 2.69 -12.14 2.01
C THR A 31 2.97 -10.68 1.59
N HIS A 32 4.27 -10.31 1.54
CA HIS A 32 4.71 -8.94 1.19
C HIS A 32 4.77 -8.73 -0.34
N TYR A 33 4.60 -9.82 -1.11
CA TYR A 33 4.61 -9.84 -2.58
C TYR A 33 3.44 -10.73 -3.07
N PRO A 34 2.34 -10.14 -3.63
CA PRO A 34 1.09 -10.89 -3.89
C PRO A 34 1.22 -11.88 -5.09
N ASP A 35 0.89 -13.17 -4.83
CA ASP A 35 0.81 -14.21 -5.87
C ASP A 35 -0.26 -13.85 -6.92
N VAL A 36 -0.20 -14.47 -8.11
CA VAL A 36 -1.14 -14.16 -9.23
C VAL A 36 -2.63 -14.28 -8.80
N TYR A 37 -2.96 -15.33 -8.03
CA TYR A 37 -4.33 -15.58 -7.53
C TYR A 37 -4.64 -14.74 -6.27
N ALA A 38 -3.60 -14.43 -5.47
CA ALA A 38 -3.73 -13.53 -4.28
C ALA A 38 -4.23 -12.12 -4.67
N ARG A 39 -3.76 -11.64 -5.84
CA ARG A 39 -4.22 -10.35 -6.42
C ARG A 39 -5.71 -10.41 -6.78
N GLU A 40 -6.16 -11.56 -7.32
CA GLU A 40 -7.53 -11.75 -7.85
C GLU A 40 -8.60 -11.63 -6.73
N GLN A 41 -8.47 -12.47 -5.69
CA GLN A 41 -9.35 -12.46 -4.50
C GLN A 41 -9.35 -11.09 -3.78
N LEU A 42 -8.15 -10.48 -3.70
CA LEU A 42 -7.95 -9.15 -3.07
C LEU A 42 -8.64 -8.03 -3.90
N ALA A 43 -8.54 -8.12 -5.23
CA ALA A 43 -9.12 -7.11 -6.17
C ALA A 43 -10.66 -7.22 -6.22
N MET A 44 -11.18 -8.45 -6.06
CA MET A 44 -12.64 -8.73 -5.98
C MET A 44 -13.24 -8.24 -4.64
N ARG A 45 -12.40 -8.16 -3.59
CA ARG A 45 -12.80 -7.66 -2.26
C ARG A 45 -12.75 -6.11 -2.18
N THR A 46 -11.63 -5.54 -2.66
CA THR A 46 -11.35 -4.07 -2.55
C THR A 46 -11.91 -3.26 -3.75
N ASP A 47 -12.29 -3.97 -4.84
CA ASP A 47 -12.77 -3.37 -6.12
C ASP A 47 -11.60 -2.62 -6.87
N LEU A 48 -10.34 -2.86 -6.46
CA LEU A 48 -9.14 -2.22 -7.05
C LEU A 48 -8.62 -3.00 -8.28
N THR A 49 -7.89 -2.30 -9.14
CA THR A 49 -7.23 -2.89 -10.34
C THR A 49 -5.98 -3.72 -9.95
N GLU A 50 -5.73 -4.80 -10.72
CA GLU A 50 -4.53 -5.68 -10.60
C GLU A 50 -3.21 -4.88 -10.39
N ALA A 51 -3.02 -3.83 -11.22
CA ALA A 51 -1.86 -2.91 -11.11
C ALA A 51 -1.80 -2.23 -9.73
N ARG A 52 -2.93 -1.63 -9.29
CA ARG A 52 -3.01 -0.86 -8.02
C ARG A 52 -2.82 -1.77 -6.77
N VAL A 53 -3.10 -3.08 -6.90
CA VAL A 53 -2.79 -4.09 -5.86
C VAL A 53 -1.25 -4.21 -5.69
N GLN A 54 -0.55 -4.60 -6.77
CA GLN A 54 0.90 -4.87 -6.77
C GLN A 54 1.73 -3.60 -6.42
N VAL A 55 1.33 -2.46 -7.01
CA VAL A 55 1.93 -1.13 -6.76
C VAL A 55 1.82 -0.73 -5.27
N TRP A 56 0.67 -1.02 -4.64
CA TRP A 56 0.44 -0.73 -3.20
C TRP A 56 1.49 -1.47 -2.31
N PHE A 57 1.68 -2.78 -2.57
CA PHE A 57 2.68 -3.62 -1.86
C PHE A 57 4.13 -3.07 -2.04
N GLN A 58 4.43 -2.50 -3.22
CA GLN A 58 5.75 -1.87 -3.51
C GLN A 58 5.99 -0.63 -2.61
N ASN A 59 5.00 0.28 -2.55
CA ASN A 59 5.07 1.50 -1.69
C ASN A 59 4.89 1.16 -0.18
N ARG A 60 4.29 0.01 0.12
CA ARG A 60 4.07 -0.45 1.51
C ARG A 60 5.37 -1.08 2.10
N ARG A 61 6.15 -1.77 1.23
CA ARG A 61 7.50 -2.29 1.62
C ARG A 61 8.52 -1.14 1.86
N ALA A 62 8.24 0.03 1.25
CA ALA A 62 9.02 1.27 1.50
C ALA A 62 8.85 1.76 2.96
N LYS A 63 7.66 1.50 3.55
CA LYS A 63 7.38 1.74 4.99
C LYS A 63 7.87 0.56 5.87
N TRP A 64 7.62 -0.68 5.39
CA TRP A 64 7.91 -1.94 6.12
C TRP A 64 9.41 -2.08 6.51
N ARG A 65 10.30 -1.58 5.64
CA ARG A 65 11.75 -1.48 5.91
C ARG A 65 12.02 -0.46 7.06
N LYS A 66 12.46 -0.96 8.22
CA LYS A 66 12.74 -0.14 9.43
C LYS A 66 14.01 0.73 9.24
N ARG A 67 13.91 2.03 9.57
CA ARG A 67 15.06 2.96 9.58
C ARG A 67 14.95 3.97 10.75
N GLU A 68 15.84 3.78 11.76
CA GLU A 68 16.02 4.71 12.92
C GLU A 68 14.77 4.82 13.84
N ARG A 69 13.73 4.00 13.57
CA ARG A 69 12.37 4.11 14.20
C ARG A 69 11.77 5.52 13.99
N PHE A 70 12.14 6.14 12.83
CA PHE A 70 11.76 7.52 12.44
C PHE A 70 12.31 8.58 13.45
N GLY A 71 13.52 8.30 13.99
CA GLY A 71 14.23 9.25 14.87
C GLY A 71 13.95 9.01 16.36
N GLN A 72 13.80 10.13 17.13
CA GLN A 72 13.54 10.13 18.60
C GLN A 72 14.69 9.43 19.39
N MET A 73 15.92 9.92 19.17
CA MET A 73 17.15 9.37 19.80
C MET A 73 17.34 9.92 21.24
N GLN A 74 16.96 9.11 22.25
CA GLN A 74 17.07 9.48 23.68
C GLN A 74 18.00 8.49 24.44
N GLN A 75 17.51 7.26 24.71
CA GLN A 75 18.34 6.19 25.36
C GLN A 75 17.81 4.76 24.97
N SER A 1 10.97 5.87 22.93
CA SER A 1 9.58 6.38 23.04
C SER A 1 8.78 6.07 21.75
N HIS A 2 7.79 5.17 21.84
CA HIS A 2 7.01 4.66 20.67
C HIS A 2 5.84 5.60 20.24
N MET A 3 6.15 6.91 20.09
CA MET A 3 5.22 7.92 19.53
C MET A 3 5.77 8.47 18.19
N SER A 4 7.09 8.84 18.19
CA SER A 4 7.78 9.48 17.04
C SER A 4 7.11 10.82 16.63
N ASN A 5 6.55 11.52 17.65
CA ASN A 5 5.72 12.74 17.50
C ASN A 5 4.53 12.52 16.52
N LYS A 6 3.51 11.76 16.99
CA LYS A 6 2.22 11.54 16.29
C LYS A 6 2.37 10.96 14.84
N GLY A 7 2.63 11.85 13.86
CA GLY A 7 2.62 11.50 12.43
C GLY A 7 1.21 11.59 11.85
N LYS A 8 0.86 10.62 10.97
CA LYS A 8 -0.51 10.46 10.38
C LYS A 8 -0.96 11.72 9.58
N LYS A 9 0.02 12.50 9.08
CA LYS A 9 -0.22 13.67 8.22
C LYS A 9 -0.69 13.18 6.83
N ARG A 10 -1.99 12.89 6.71
CA ARG A 10 -2.58 12.24 5.52
C ARG A 10 -2.93 13.25 4.39
N ARG A 11 -2.03 14.23 4.15
CA ARG A 11 -2.15 15.14 3.01
C ARG A 11 -1.80 14.40 1.69
N ASN A 12 -2.84 13.80 1.10
CA ASN A 12 -2.78 13.09 -0.20
C ASN A 12 -4.17 13.11 -0.86
N ARG A 13 -4.24 12.73 -2.14
CA ARG A 13 -5.53 12.56 -2.83
C ARG A 13 -6.13 11.17 -2.51
N THR A 14 -7.47 11.04 -2.57
CA THR A 14 -8.15 9.76 -2.27
C THR A 14 -7.74 8.67 -3.29
N THR A 15 -6.74 7.85 -2.89
CA THR A 15 -6.20 6.74 -3.71
C THR A 15 -6.88 5.41 -3.34
N PHE A 16 -7.11 5.20 -2.03
CA PHE A 16 -7.81 4.00 -1.49
C PHE A 16 -8.76 4.40 -0.33
N THR A 17 -9.78 3.55 -0.05
CA THR A 17 -10.68 3.72 1.12
C THR A 17 -10.13 2.94 2.34
N SER A 18 -10.71 3.20 3.53
CA SER A 18 -10.34 2.48 4.78
C SER A 18 -10.59 0.96 4.66
N TYR A 19 -11.74 0.60 4.02
CA TYR A 19 -12.09 -0.80 3.69
C TYR A 19 -11.00 -1.48 2.83
N GLN A 20 -10.63 -0.82 1.71
CA GLN A 20 -9.60 -1.32 0.78
C GLN A 20 -8.25 -1.51 1.48
N LEU A 21 -7.84 -0.51 2.29
CA LEU A 21 -6.57 -0.54 3.06
C LEU A 21 -6.50 -1.73 4.04
N GLU A 22 -7.60 -1.98 4.79
CA GLU A 22 -7.69 -3.09 5.76
C GLU A 22 -7.62 -4.48 5.08
N GLU A 23 -8.17 -4.59 3.86
CA GLU A 23 -8.11 -5.84 3.07
C GLU A 23 -6.69 -6.11 2.51
N LEU A 24 -6.11 -5.06 1.86
CA LEU A 24 -4.72 -5.08 1.34
C LEU A 24 -3.71 -5.44 2.46
N GLU A 25 -3.93 -4.86 3.66
CA GLU A 25 -3.10 -5.05 4.85
C GLU A 25 -3.33 -6.44 5.50
N LYS A 26 -4.57 -6.95 5.43
CA LYS A 26 -4.93 -8.30 5.97
C LYS A 26 -4.16 -9.41 5.22
N VAL A 27 -3.94 -9.19 3.92
CA VAL A 27 -3.10 -10.05 3.07
C VAL A 27 -1.59 -9.75 3.29
N PHE A 28 -1.25 -8.47 3.54
CA PHE A 28 0.15 -8.01 3.80
C PHE A 28 0.76 -8.67 5.06
N GLN A 29 -0.07 -8.84 6.12
CA GLN A 29 0.35 -9.48 7.39
C GLN A 29 0.65 -10.99 7.21
N LYS A 30 0.02 -11.61 6.20
CA LYS A 30 0.25 -13.02 5.82
C LYS A 30 1.49 -13.11 4.88
N THR A 31 1.40 -12.47 3.71
CA THR A 31 2.48 -12.40 2.71
C THR A 31 2.66 -10.94 2.20
N HIS A 32 3.92 -10.49 2.13
CA HIS A 32 4.28 -9.14 1.63
C HIS A 32 4.39 -9.13 0.08
N TYR A 33 4.33 -10.33 -0.53
CA TYR A 33 4.40 -10.53 -1.98
C TYR A 33 3.31 -11.52 -2.48
N PRO A 34 2.01 -11.11 -2.54
CA PRO A 34 0.92 -11.99 -3.05
C PRO A 34 1.02 -12.22 -4.58
N ASP A 35 1.05 -13.50 -5.01
CA ASP A 35 1.15 -13.88 -6.45
C ASP A 35 -0.15 -13.57 -7.23
N VAL A 36 -0.11 -13.84 -8.56
CA VAL A 36 -1.21 -13.52 -9.52
C VAL A 36 -2.63 -13.88 -9.00
N TYR A 37 -2.78 -15.11 -8.49
CA TYR A 37 -4.07 -15.64 -7.99
C TYR A 37 -4.54 -14.91 -6.71
N ALA A 38 -3.57 -14.59 -5.84
CA ALA A 38 -3.81 -13.83 -4.58
C ALA A 38 -4.16 -12.33 -4.88
N ARG A 39 -3.59 -11.80 -5.99
CA ARG A 39 -3.91 -10.43 -6.48
C ARG A 39 -5.37 -10.36 -6.97
N GLU A 40 -5.83 -11.43 -7.67
CA GLU A 40 -7.22 -11.55 -8.18
C GLU A 40 -8.26 -11.49 -7.05
N GLN A 41 -8.12 -12.42 -6.08
CA GLN A 41 -9.05 -12.56 -4.92
C GLN A 41 -9.15 -11.25 -4.10
N LEU A 42 -7.99 -10.63 -3.86
CA LEU A 42 -7.86 -9.36 -3.10
C LEU A 42 -8.47 -8.17 -3.87
N ALA A 43 -8.21 -8.10 -5.20
CA ALA A 43 -8.71 -7.01 -6.07
C ALA A 43 -10.25 -7.06 -6.22
N MET A 44 -10.82 -8.28 -6.26
CA MET A 44 -12.30 -8.47 -6.29
C MET A 44 -12.97 -7.95 -5.00
N ARG A 45 -12.39 -8.31 -3.83
CA ARG A 45 -12.85 -7.82 -2.50
C ARG A 45 -12.84 -6.28 -2.41
N THR A 46 -11.72 -5.69 -2.81
CA THR A 46 -11.47 -4.22 -2.71
C THR A 46 -12.11 -3.43 -3.89
N ASP A 47 -12.55 -4.17 -4.94
CA ASP A 47 -13.07 -3.59 -6.21
C ASP A 47 -11.94 -2.81 -6.98
N LEU A 48 -10.67 -3.20 -6.74
CA LEU A 48 -9.49 -2.63 -7.41
C LEU A 48 -9.06 -3.47 -8.65
N THR A 49 -7.99 -3.01 -9.31
CA THR A 49 -7.32 -3.74 -10.42
C THR A 49 -5.85 -4.05 -10.03
N GLU A 50 -5.18 -4.93 -10.81
CA GLU A 50 -3.78 -5.38 -10.56
C GLU A 50 -2.82 -4.21 -10.24
N ALA A 51 -2.87 -3.13 -11.07
CA ALA A 51 -2.01 -1.93 -10.91
C ALA A 51 -2.17 -1.27 -9.52
N ARG A 52 -3.42 -1.11 -9.06
CA ARG A 52 -3.75 -0.50 -7.74
C ARG A 52 -3.15 -1.33 -6.57
N VAL A 53 -3.38 -2.65 -6.64
CA VAL A 53 -2.89 -3.61 -5.60
C VAL A 53 -1.33 -3.70 -5.61
N GLN A 54 -0.72 -3.65 -6.82
CA GLN A 54 0.75 -3.67 -7.00
C GLN A 54 1.41 -2.44 -6.33
N VAL A 55 0.97 -1.23 -6.75
CA VAL A 55 1.51 0.06 -6.25
C VAL A 55 1.45 0.15 -4.69
N TRP A 56 0.37 -0.40 -4.08
CA TRP A 56 0.22 -0.42 -2.61
C TRP A 56 1.36 -1.24 -1.94
N PHE A 57 1.52 -2.51 -2.37
CA PHE A 57 2.55 -3.43 -1.82
C PHE A 57 3.99 -2.94 -2.14
N GLN A 58 4.20 -2.32 -3.31
CA GLN A 58 5.51 -1.71 -3.69
C GLN A 58 5.88 -0.55 -2.74
N ASN A 59 4.88 0.30 -2.47
CA ASN A 59 4.99 1.47 -1.57
C ASN A 59 5.27 1.01 -0.10
N ARG A 60 4.54 -0.03 0.33
CA ARG A 60 4.63 -0.59 1.70
C ARG A 60 5.92 -1.39 1.93
N ARG A 61 6.50 -2.00 0.88
CA ARG A 61 7.79 -2.73 0.98
C ARG A 61 9.00 -1.77 0.90
N ALA A 62 8.80 -0.58 0.32
CA ALA A 62 9.78 0.54 0.40
C ALA A 62 9.85 1.07 1.86
N LYS A 63 8.66 1.25 2.47
CA LYS A 63 8.49 1.65 3.88
C LYS A 63 8.96 0.53 4.87
N TRP A 64 8.79 -0.74 4.43
CA TRP A 64 9.21 -1.96 5.16
C TRP A 64 10.75 -2.04 5.33
N ARG A 65 11.50 -1.33 4.47
CA ARG A 65 12.99 -1.25 4.55
C ARG A 65 13.49 -0.25 5.62
N LYS A 66 12.64 0.75 5.97
CA LYS A 66 12.95 1.85 6.94
C LYS A 66 14.29 2.58 6.61
N ARG A 67 14.20 3.73 5.95
CA ARG A 67 15.38 4.60 5.72
C ARG A 67 15.64 5.49 6.98
N GLU A 68 16.94 5.82 7.21
CA GLU A 68 17.43 6.56 8.41
C GLU A 68 17.31 5.70 9.71
N ARG A 69 17.72 4.42 9.60
CA ARG A 69 17.85 3.50 10.77
C ARG A 69 18.90 4.02 11.77
N PHE A 70 20.08 4.39 11.24
CA PHE A 70 21.18 4.99 12.02
C PHE A 70 20.97 6.51 12.22
N GLY A 71 21.71 7.10 13.17
CA GLY A 71 21.63 8.54 13.47
C GLY A 71 20.51 8.90 14.46
N GLN A 72 20.52 10.16 14.94
CA GLN A 72 19.52 10.68 15.89
C GLN A 72 18.24 11.15 15.15
N MET A 73 17.11 11.26 15.88
CA MET A 73 15.86 11.82 15.33
C MET A 73 15.99 13.35 15.10
N GLN A 74 15.13 13.89 14.23
CA GLN A 74 15.18 15.31 13.82
C GLN A 74 14.70 16.25 14.95
N GLN A 75 15.46 17.35 15.18
CA GLN A 75 15.14 18.37 16.21
C GLN A 75 15.12 19.78 15.57
N SER A 1 19.33 26.95 -20.73
CA SER A 1 18.69 26.52 -19.45
C SER A 1 18.06 25.11 -19.58
N HIS A 2 17.90 24.41 -18.44
CA HIS A 2 17.27 23.06 -18.37
C HIS A 2 16.21 23.01 -17.24
N MET A 3 15.05 22.42 -17.55
CA MET A 3 13.96 22.19 -16.57
C MET A 3 14.03 20.75 -16.00
N SER A 4 13.38 20.52 -14.84
CA SER A 4 13.47 19.22 -14.11
C SER A 4 12.60 18.11 -14.77
N ASN A 5 13.10 17.54 -15.90
CA ASN A 5 12.42 16.47 -16.67
C ASN A 5 11.05 16.92 -17.26
N LYS A 6 10.43 16.07 -18.11
CA LYS A 6 9.06 16.30 -18.61
C LYS A 6 8.07 15.30 -17.93
N GLY A 7 7.44 15.77 -16.84
CA GLY A 7 6.52 14.93 -16.04
C GLY A 7 5.13 14.81 -16.65
N LYS A 8 4.93 13.77 -17.49
CA LYS A 8 3.61 13.46 -18.09
C LYS A 8 2.87 12.34 -17.31
N LYS A 9 3.33 12.08 -16.07
CA LYS A 9 2.81 10.97 -15.22
C LYS A 9 1.32 11.17 -14.84
N ARG A 10 0.46 10.29 -15.40
CA ARG A 10 -1.01 10.35 -15.19
C ARG A 10 -1.44 9.52 -13.93
N ARG A 11 -2.58 9.94 -13.32
CA ARG A 11 -3.25 9.24 -12.18
C ARG A 11 -2.38 9.17 -10.90
N ASN A 12 -2.68 10.06 -9.94
CA ASN A 12 -2.03 10.08 -8.60
C ASN A 12 -2.89 9.37 -7.51
N ARG A 13 -3.92 8.62 -7.96
CA ARG A 13 -4.91 7.98 -7.05
C ARG A 13 -4.28 6.84 -6.20
N THR A 14 -3.95 7.18 -4.94
CA THR A 14 -3.41 6.23 -3.93
C THR A 14 -4.08 6.48 -2.54
N THR A 15 -5.31 7.03 -2.57
CA THR A 15 -6.09 7.34 -1.35
C THR A 15 -6.70 6.06 -0.73
N PHE A 16 -7.43 5.29 -1.56
CA PHE A 16 -8.17 4.05 -1.15
C PHE A 16 -9.30 4.34 -0.12
N THR A 17 -10.08 3.29 0.21
CA THR A 17 -11.07 3.35 1.32
C THR A 17 -10.49 2.65 2.58
N SER A 18 -11.21 2.74 3.71
CA SER A 18 -10.82 2.05 4.97
C SER A 18 -10.86 0.51 4.79
N TYR A 19 -11.83 0.02 3.98
CA TYR A 19 -11.93 -1.41 3.62
C TYR A 19 -10.73 -1.84 2.74
N GLN A 20 -10.40 -1.05 1.71
CA GLN A 20 -9.31 -1.39 0.77
C GLN A 20 -7.93 -1.41 1.48
N LEU A 21 -7.72 -0.46 2.42
CA LEU A 21 -6.49 -0.41 3.23
C LEU A 21 -6.38 -1.59 4.23
N GLU A 22 -7.49 -1.91 4.96
CA GLU A 22 -7.48 -3.03 5.95
C GLU A 22 -7.22 -4.40 5.26
N GLU A 23 -7.71 -4.53 4.02
CA GLU A 23 -7.57 -5.74 3.18
C GLU A 23 -6.13 -5.93 2.65
N LEU A 24 -5.56 -4.86 2.08
CA LEU A 24 -4.17 -4.87 1.55
C LEU A 24 -3.15 -5.09 2.70
N GLU A 25 -3.41 -4.47 3.86
CA GLU A 25 -2.68 -4.75 5.12
C GLU A 25 -2.84 -6.22 5.56
N LYS A 26 -4.10 -6.72 5.54
CA LYS A 26 -4.44 -8.12 5.94
C LYS A 26 -3.63 -9.16 5.13
N VAL A 27 -3.43 -8.88 3.84
CA VAL A 27 -2.60 -9.72 2.94
C VAL A 27 -1.09 -9.55 3.25
N PHE A 28 -0.61 -8.30 3.41
CA PHE A 28 0.83 -7.99 3.61
C PHE A 28 1.39 -8.62 4.92
N GLN A 29 0.59 -8.56 5.99
CA GLN A 29 0.98 -9.03 7.33
C GLN A 29 1.07 -10.58 7.42
N LYS A 30 0.32 -11.28 6.54
CA LYS A 30 0.40 -12.77 6.39
C LYS A 30 1.56 -13.15 5.44
N THR A 31 1.61 -12.46 4.29
CA THR A 31 2.60 -12.71 3.20
C THR A 31 2.98 -11.39 2.49
N HIS A 32 4.29 -11.18 2.29
CA HIS A 32 4.82 -10.01 1.57
C HIS A 32 4.76 -10.19 0.03
N TYR A 33 4.35 -11.39 -0.43
CA TYR A 33 4.25 -11.73 -1.86
C TYR A 33 2.80 -12.23 -2.20
N PRO A 34 1.94 -11.38 -2.84
CA PRO A 34 0.63 -11.83 -3.38
C PRO A 34 0.77 -12.61 -4.73
N ASP A 35 0.31 -13.88 -4.73
CA ASP A 35 0.23 -14.72 -5.97
C ASP A 35 -0.84 -14.14 -6.92
N VAL A 36 -0.71 -14.38 -8.24
CA VAL A 36 -1.64 -13.80 -9.25
C VAL A 36 -3.11 -14.31 -9.05
N TYR A 37 -3.24 -15.57 -8.59
CA TYR A 37 -4.54 -16.20 -8.25
C TYR A 37 -5.15 -15.51 -7.01
N ALA A 38 -4.28 -15.19 -6.02
CA ALA A 38 -4.66 -14.44 -4.81
C ALA A 38 -5.04 -12.97 -5.15
N ARG A 39 -4.43 -12.42 -6.23
CA ARG A 39 -4.72 -11.05 -6.74
C ARG A 39 -6.08 -11.00 -7.44
N GLU A 40 -6.52 -12.12 -8.07
CA GLU A 40 -7.87 -12.22 -8.68
C GLU A 40 -8.96 -11.94 -7.62
N GLN A 41 -8.92 -12.73 -6.53
CA GLN A 41 -9.85 -12.60 -5.39
C GLN A 41 -9.69 -11.23 -4.67
N LEU A 42 -8.44 -10.84 -4.34
CA LEU A 42 -8.15 -9.57 -3.62
C LEU A 42 -8.66 -8.33 -4.39
N ALA A 43 -8.37 -8.27 -5.71
CA ALA A 43 -8.78 -7.12 -6.57
C ALA A 43 -10.31 -6.99 -6.69
N MET A 44 -11.04 -8.13 -6.77
CA MET A 44 -12.52 -8.14 -6.90
C MET A 44 -13.22 -7.80 -5.56
N ARG A 45 -12.65 -8.30 -4.43
CA ARG A 45 -13.19 -8.00 -3.07
C ARG A 45 -13.02 -6.50 -2.73
N THR A 46 -11.81 -5.97 -3.01
CA THR A 46 -11.48 -4.53 -2.78
C THR A 46 -11.97 -3.62 -3.92
N ASP A 47 -12.45 -4.21 -5.04
CA ASP A 47 -12.91 -3.46 -6.24
C ASP A 47 -11.75 -2.65 -6.92
N LEU A 48 -10.49 -3.03 -6.64
CA LEU A 48 -9.28 -2.33 -7.15
C LEU A 48 -8.75 -2.96 -8.46
N THR A 49 -8.00 -2.14 -9.22
CA THR A 49 -7.20 -2.59 -10.38
C THR A 49 -5.93 -3.32 -9.89
N GLU A 50 -5.54 -4.41 -10.59
CA GLU A 50 -4.35 -5.23 -10.24
C GLU A 50 -3.06 -4.38 -10.14
N ALA A 51 -2.90 -3.43 -11.08
CA ALA A 51 -1.76 -2.48 -11.10
C ALA A 51 -1.69 -1.63 -9.80
N ARG A 52 -2.85 -1.03 -9.41
CA ARG A 52 -2.94 -0.16 -8.21
C ARG A 52 -2.73 -0.95 -6.89
N VAL A 53 -3.12 -2.24 -6.89
CA VAL A 53 -2.83 -3.19 -5.78
C VAL A 53 -1.30 -3.33 -5.58
N GLN A 54 -0.57 -3.61 -6.69
CA GLN A 54 0.90 -3.78 -6.68
C GLN A 54 1.64 -2.51 -6.20
N VAL A 55 1.21 -1.34 -6.72
CA VAL A 55 1.77 -0.02 -6.35
C VAL A 55 1.72 0.22 -4.82
N TRP A 56 0.59 -0.15 -4.19
CA TRP A 56 0.44 -0.07 -2.72
C TRP A 56 1.54 -0.90 -2.00
N PHE A 57 1.67 -2.18 -2.40
CA PHE A 57 2.68 -3.12 -1.84
C PHE A 57 4.14 -2.64 -2.07
N GLN A 58 4.38 -1.89 -3.17
CA GLN A 58 5.71 -1.32 -3.49
C GLN A 58 6.07 -0.17 -2.52
N ASN A 59 5.11 0.76 -2.29
CA ASN A 59 5.30 1.87 -1.30
C ASN A 59 5.31 1.33 0.15
N ARG A 60 4.57 0.23 0.39
CA ARG A 60 4.52 -0.46 1.70
C ARG A 60 5.89 -1.08 2.04
N ARG A 61 6.54 -1.67 1.02
CA ARG A 61 7.93 -2.20 1.12
C ARG A 61 8.97 -1.04 1.22
N ALA A 62 8.64 0.13 0.65
CA ALA A 62 9.49 1.35 0.78
C ALA A 62 9.40 1.95 2.22
N LYS A 63 8.28 1.72 2.90
CA LYS A 63 8.11 2.07 4.33
C LYS A 63 8.73 0.98 5.24
N TRP A 64 8.76 -0.27 4.73
CA TRP A 64 9.30 -1.43 5.46
C TRP A 64 10.84 -1.44 5.46
N ARG A 65 11.46 -1.07 4.33
CA ARG A 65 12.94 -1.11 4.16
C ARG A 65 13.50 0.28 3.71
N LYS A 66 14.69 0.64 4.24
CA LYS A 66 15.29 1.99 4.02
C LYS A 66 16.82 1.92 3.75
N ARG A 67 17.53 0.99 4.43
CA ARG A 67 19.03 0.94 4.43
C ARG A 67 19.64 0.77 3.01
N GLU A 68 19.55 -0.44 2.41
CA GLU A 68 20.02 -0.67 1.02
C GLU A 68 18.85 -0.65 0.02
N ARG A 69 19.16 -0.45 -1.27
CA ARG A 69 18.17 -0.55 -2.38
C ARG A 69 18.09 -1.99 -2.93
N PHE A 70 19.26 -2.70 -2.94
CA PHE A 70 19.41 -4.09 -3.44
C PHE A 70 18.91 -4.25 -4.90
N GLY A 71 19.82 -4.11 -5.87
CA GLY A 71 19.48 -4.21 -7.30
C GLY A 71 20.71 -4.36 -8.20
N GLN A 72 20.46 -4.39 -9.53
CA GLN A 72 21.53 -4.47 -10.55
C GLN A 72 22.29 -3.13 -10.63
N MET A 73 21.55 -2.01 -10.69
CA MET A 73 22.14 -0.65 -10.66
C MET A 73 21.14 0.35 -10.00
N GLN A 74 20.12 0.77 -10.76
CA GLN A 74 19.13 1.79 -10.32
C GLN A 74 18.01 1.92 -11.38
N GLN A 75 16.74 1.99 -10.93
CA GLN A 75 15.56 2.17 -11.81
C GLN A 75 15.30 3.68 -12.13
#